data_7LKJ
#
_entry.id   7LKJ
#
_cell.length_a   73.295
_cell.length_b   73.295
_cell.length_c   157.495
_cell.angle_alpha   90.000
_cell.angle_beta   98.590
_cell.angle_gamma   90.000
#
_symmetry.space_group_name_H-M   'P 1 21 1'
#
loop_
_entity.id
_entity.type
_entity.pdbx_description
1 polymer 'Aminofutalosine deaminase'
2 non-polymer 'FE (III) ION'
3 non-polymer 1,2-ETHANEDIOL
4 water water
#
_entity_poly.entity_id   1
_entity_poly.type   'polypeptide(L)'
_entity_poly.pdbx_seq_one_letter_code
;MHHHHHHENLYFQGMQEIIGASLVFLCNEKCEVLEDYGVVFDEKIVEIGDYHNLTLKYPHLKAQFFENSVLLPAFINAHT
HFEFSNNKASFDYGSFSGWLGSVLNNGGAILENCQGAIQNAIMAQLKSGVGSVGAISNHLIEVNLLKESPLNAVVFLEFL
GSSYSLEKLKAFEAKFKELKDLEDQKLKAALAVHAPYSVQKDMALSVIQLAKDSQSLLSTHFLESLEELEWVENSKGWFE
NFYQRFLKESNFTSLYEGANDYIDMFKDTHTLFVHNQFASLEALKRIKSQVKNAFLITCPFSNRLLSGKALDLERVREAG
LSVSVATDGLSSNISLSLLDELRAFLLSHNMPLLELAKIALLGATRHGAKALALNNGEIETNKRADLSVFGFNEKFTKEQ
AILQFLLHAKEVERLFLGGKRVI
;
_entity_poly.pdbx_strand_id   A,B,C,D
#
loop_
_chem_comp.id
_chem_comp.type
_chem_comp.name
_chem_comp.formula
EDO non-polymer 1,2-ETHANEDIOL 'C2 H6 O2'
FE non-polymer 'FE (III) ION' 'Fe 3'
#
# COMPACT_ATOMS: atom_id res chain seq x y z
N MET A 15 -2.08 10.61 -28.66
CA MET A 15 -2.39 9.87 -27.44
C MET A 15 -2.76 10.83 -26.31
N GLN A 16 -4.05 10.94 -26.01
CA GLN A 16 -4.54 11.86 -25.00
C GLN A 16 -5.42 11.10 -24.01
N GLU A 17 -5.46 11.59 -22.77
CA GLU A 17 -6.19 10.93 -21.70
C GLU A 17 -6.61 11.97 -20.68
N ILE A 18 -7.60 11.61 -19.87
CA ILE A 18 -8.21 12.53 -18.90
C ILE A 18 -8.01 12.00 -17.50
N ILE A 19 -7.68 12.90 -16.57
CA ILE A 19 -7.55 12.57 -15.16
C ILE A 19 -8.14 13.71 -14.34
N GLY A 20 -8.81 13.36 -13.25
CA GLY A 20 -9.37 14.38 -12.37
C GLY A 20 -9.38 13.89 -10.93
N ALA A 21 -9.33 14.84 -10.00
CA ALA A 21 -9.31 14.54 -8.58
C ALA A 21 -10.31 15.44 -7.87
N SER A 22 -10.59 15.09 -6.61
CA SER A 22 -11.48 15.91 -5.79
C SER A 22 -10.90 17.29 -5.55
N LEU A 23 -9.58 17.41 -5.57
CA LEU A 23 -8.90 18.69 -5.41
C LEU A 23 -7.75 18.76 -6.40
N VAL A 24 -7.62 19.90 -7.06
CA VAL A 24 -6.57 20.12 -8.05
C VAL A 24 -5.77 21.35 -7.64
N PHE A 25 -4.46 21.16 -7.45
CA PHE A 25 -3.56 22.25 -7.08
C PHE A 25 -2.91 22.78 -8.36
N LEU A 26 -3.33 23.97 -8.79
CA LEU A 26 -2.76 24.54 -10.01
C LEU A 26 -1.30 24.93 -9.82
N CYS A 27 -0.92 25.30 -8.59
CA CYS A 27 0.44 25.72 -8.27
C CYS A 27 0.85 26.92 -9.13
N ASN A 28 -0.09 27.83 -9.34
CA ASN A 28 0.22 29.12 -9.90
C ASN A 28 0.64 30.03 -8.76
N GLU A 29 0.97 31.27 -9.08
CA GLU A 29 1.25 32.18 -7.98
C GLU A 29 -0.02 32.65 -7.29
N LYS A 30 -1.19 32.49 -7.94
CA LYS A 30 -2.42 32.66 -7.21
C LYS A 30 -2.62 31.55 -6.18
N CYS A 31 -1.94 30.41 -6.39
CA CYS A 31 -2.09 29.21 -5.56
C CYS A 31 -3.57 28.83 -5.48
N GLU A 32 -4.11 28.48 -6.64
CA GLU A 32 -5.54 28.21 -6.78
C GLU A 32 -5.81 26.74 -6.53
N VAL A 33 -6.80 26.46 -5.68
CA VAL A 33 -7.27 25.11 -5.43
C VAL A 33 -8.64 24.96 -6.08
N LEU A 34 -8.80 23.95 -6.92
CA LEU A 34 -10.06 23.71 -7.61
C LEU A 34 -10.56 22.32 -7.26
N GLU A 35 -11.88 22.16 -7.30
CA GLU A 35 -12.55 20.96 -6.83
C GLU A 35 -13.21 20.25 -8.00
N ASP A 36 -13.05 18.92 -8.05
CA ASP A 36 -13.63 18.09 -9.09
C ASP A 36 -13.23 18.55 -10.49
N TYR A 37 -12.00 19.07 -10.60
CA TYR A 37 -11.46 19.53 -11.87
C TYR A 37 -10.73 18.39 -12.57
N GLY A 38 -10.48 18.58 -13.87
CA GLY A 38 -9.78 17.59 -14.66
C GLY A 38 -8.70 18.24 -15.50
N VAL A 39 -7.89 17.39 -16.13
CA VAL A 39 -6.83 17.85 -17.04
C VAL A 39 -6.71 16.85 -18.18
N VAL A 40 -6.50 17.37 -19.39
CA VAL A 40 -6.27 16.58 -20.59
C VAL A 40 -4.80 16.76 -20.94
N PHE A 41 -4.11 15.66 -21.24
CA PHE A 41 -2.68 15.80 -21.50
C PHE A 41 -2.19 14.70 -22.43
N ASP A 42 -1.14 15.03 -23.19
CA ASP A 42 -0.35 14.08 -23.95
C ASP A 42 1.06 14.15 -23.40
N GLU A 43 2.02 14.64 -24.19
CA GLU A 43 3.31 14.99 -23.63
C GLU A 43 3.24 16.30 -22.85
N LYS A 44 2.30 17.18 -23.21
CA LYS A 44 2.09 18.46 -22.55
C LYS A 44 0.67 18.54 -22.02
N ILE A 45 0.41 19.56 -21.21
CA ILE A 45 -0.93 19.78 -20.66
C ILE A 45 -1.77 20.48 -21.71
N VAL A 46 -2.90 19.88 -22.07
CA VAL A 46 -3.70 20.39 -23.18
C VAL A 46 -4.72 21.41 -22.69
N GLU A 47 -5.65 20.98 -21.84
CA GLU A 47 -6.68 21.88 -21.35
C GLU A 47 -7.06 21.53 -19.93
N ILE A 48 -7.53 22.54 -19.20
CA ILE A 48 -7.98 22.41 -17.82
C ILE A 48 -9.46 22.81 -17.77
N GLY A 49 -10.19 22.17 -16.85
CA GLY A 49 -11.59 22.52 -16.66
C GLY A 49 -12.26 21.54 -15.72
N ASP A 50 -13.57 21.74 -15.57
CA ASP A 50 -14.38 20.84 -14.77
C ASP A 50 -14.35 19.44 -15.37
N TYR A 51 -14.20 18.44 -14.49
CA TYR A 51 -14.01 17.07 -14.96
C TYR A 51 -15.23 16.57 -15.73
N HIS A 52 -16.43 16.86 -15.24
CA HIS A 52 -17.63 16.37 -15.92
C HIS A 52 -17.78 17.02 -17.29
N ASN A 53 -17.53 18.34 -17.38
CA ASN A 53 -17.59 19.00 -18.67
C ASN A 53 -16.54 18.46 -19.63
N LEU A 54 -15.38 18.04 -19.10
CA LEU A 54 -14.35 17.45 -19.95
C LEU A 54 -14.75 16.08 -20.47
N THR A 55 -15.49 15.30 -19.68
CA THR A 55 -15.91 13.97 -20.13
C THR A 55 -16.98 14.03 -21.21
N LEU A 56 -17.72 15.13 -21.30
CA LEU A 56 -18.65 15.34 -22.39
C LEU A 56 -17.98 15.94 -23.61
N LYS A 57 -17.01 16.83 -23.40
CA LYS A 57 -16.30 17.45 -24.51
C LYS A 57 -15.48 16.44 -25.29
N TYR A 58 -14.79 15.55 -24.59
CA TYR A 58 -13.92 14.54 -25.20
C TYR A 58 -14.42 13.15 -24.77
N PRO A 59 -15.53 12.69 -25.34
CA PRO A 59 -16.14 11.44 -24.86
C PRO A 59 -15.26 10.22 -25.08
N HIS A 60 -14.44 10.20 -26.13
CA HIS A 60 -13.68 9.02 -26.50
C HIS A 60 -12.34 8.92 -25.79
N LEU A 61 -11.90 9.97 -25.11
CA LEU A 61 -10.65 9.90 -24.35
C LEU A 61 -10.84 9.05 -23.11
N LYS A 62 -9.85 8.22 -22.82
CA LYS A 62 -9.85 7.47 -21.57
C LYS A 62 -9.77 8.42 -20.39
N ALA A 63 -10.64 8.20 -19.39
CA ALA A 63 -10.79 9.15 -18.30
C ALA A 63 -10.82 8.40 -16.98
N GLN A 64 -10.06 8.91 -16.01
CA GLN A 64 -10.03 8.37 -14.66
C GLN A 64 -10.28 9.50 -13.67
N PHE A 65 -11.16 9.27 -12.72
CA PHE A 65 -11.42 10.24 -11.65
C PHE A 65 -11.01 9.64 -10.31
N PHE A 66 -10.48 10.48 -9.43
CA PHE A 66 -9.99 10.04 -8.13
C PHE A 66 -10.70 10.84 -7.05
N GLU A 67 -11.53 10.16 -6.27
CA GLU A 67 -12.25 10.80 -5.18
C GLU A 67 -11.39 10.81 -3.92
N ASN A 68 -11.55 11.88 -3.14
CA ASN A 68 -10.73 12.12 -1.94
C ASN A 68 -9.24 12.02 -2.26
N SER A 69 -8.85 12.66 -3.37
CA SER A 69 -7.47 12.69 -3.82
C SER A 69 -7.09 14.12 -4.17
N VAL A 70 -5.78 14.34 -4.30
CA VAL A 70 -5.23 15.63 -4.70
C VAL A 70 -4.38 15.41 -5.94
N LEU A 71 -4.64 16.20 -6.98
CA LEU A 71 -3.88 16.16 -8.22
C LEU A 71 -3.11 17.48 -8.34
N LEU A 72 -1.79 17.37 -8.45
CA LEU A 72 -0.93 18.55 -8.45
C LEU A 72 0.25 18.30 -9.38
N PRO A 73 1.05 19.31 -9.71
CA PRO A 73 2.26 19.06 -10.48
C PRO A 73 3.23 18.17 -9.71
N ALA A 74 4.08 17.46 -10.45
CA ALA A 74 5.17 16.73 -9.83
C ALA A 74 6.17 17.70 -9.22
N PHE A 75 6.76 17.30 -8.11
CA PHE A 75 7.61 18.21 -7.37
C PHE A 75 8.94 18.42 -8.08
N ILE A 76 9.66 19.45 -7.67
CA ILE A 76 10.97 19.77 -8.18
C ILE A 76 11.91 19.95 -6.99
N ASN A 77 12.91 19.09 -6.89
CA ASN A 77 13.90 19.14 -5.82
C ASN A 77 15.16 19.76 -6.42
N ALA A 78 15.37 21.05 -6.17
CA ALA A 78 16.39 21.77 -6.90
C ALA A 78 17.79 21.60 -6.35
N HIS A 79 17.96 21.01 -5.18
CA HIS A 79 19.28 20.87 -4.55
C HIS A 79 19.34 19.55 -3.79
N THR A 80 20.11 18.60 -4.32
CA THR A 80 20.26 17.29 -3.69
C THR A 80 21.55 16.66 -4.20
N HIS A 81 22.38 16.19 -3.28
CA HIS A 81 23.62 15.51 -3.64
C HIS A 81 23.34 14.02 -3.57
N PHE A 82 23.44 13.35 -4.74
CA PHE A 82 23.24 11.92 -4.82
C PHE A 82 24.52 11.12 -4.70
N GLU A 83 25.69 11.75 -4.75
CA GLU A 83 26.92 11.03 -4.54
C GLU A 83 27.11 10.67 -3.07
N PHE A 84 26.46 11.40 -2.17
CA PHE A 84 26.56 11.15 -0.75
C PHE A 84 25.24 10.61 -0.22
N SER A 85 24.84 9.43 -0.69
CA SER A 85 23.64 8.76 -0.23
C SER A 85 23.95 7.50 0.57
N ASN A 86 25.23 7.27 0.88
CA ASN A 86 25.68 6.14 1.68
C ASN A 86 26.02 6.55 3.11
N ASN A 87 25.38 7.62 3.60
CA ASN A 87 25.77 8.26 4.85
C ASN A 87 24.57 8.31 5.80
N LYS A 88 24.50 7.36 6.72
CA LYS A 88 23.48 7.38 7.77
C LYS A 88 23.95 8.21 8.97
N ALA A 89 25.01 7.77 9.63
CA ALA A 89 25.57 8.51 10.76
C ALA A 89 26.84 9.24 10.35
N SER A 90 28.00 8.65 10.66
CA SER A 90 29.30 9.16 10.25
C SER A 90 29.55 10.61 10.67
N PHE A 91 28.87 11.55 10.02
CA PHE A 91 29.20 12.96 10.16
C PHE A 91 28.65 13.53 11.47
N ASP A 92 29.24 14.67 11.87
CA ASP A 92 28.90 15.34 13.11
C ASP A 92 27.86 16.42 12.87
N TYR A 93 26.81 16.44 13.69
CA TYR A 93 25.79 17.47 13.64
C TYR A 93 25.82 18.29 14.92
N GLY A 94 25.39 19.54 14.81
CA GLY A 94 25.42 20.50 15.90
C GLY A 94 26.21 21.76 15.59
N SER A 95 27.06 21.73 14.57
CA SER A 95 27.91 22.85 14.19
C SER A 95 28.26 22.68 12.72
N PHE A 96 28.48 23.80 12.03
CA PHE A 96 28.99 23.69 10.67
C PHE A 96 30.48 23.35 10.67
N SER A 97 31.26 23.97 11.56
CA SER A 97 32.67 23.62 11.68
C SER A 97 32.84 22.14 12.04
N GLY A 98 32.00 21.64 12.94
CA GLY A 98 32.08 20.24 13.30
C GLY A 98 31.67 19.30 12.18
N TRP A 99 30.75 19.74 11.32
CA TRP A 99 30.30 18.90 10.22
C TRP A 99 31.30 18.91 9.07
N LEU A 100 31.82 20.09 8.72
CA LEU A 100 32.83 20.17 7.68
C LEU A 100 34.12 19.48 8.08
N GLY A 101 34.54 19.65 9.34
CA GLY A 101 35.71 18.95 9.83
C GLY A 101 35.56 17.44 9.73
N SER A 102 34.37 16.91 10.05
CA SER A 102 34.14 15.48 9.97
C SER A 102 33.96 15.00 8.53
N VAL A 103 33.59 15.88 7.61
CA VAL A 103 33.52 15.50 6.21
C VAL A 103 34.90 15.47 5.58
N LEU A 104 35.78 16.39 5.99
CA LEU A 104 37.13 16.40 5.46
C LEU A 104 38.07 15.46 6.21
N ASN A 105 37.77 15.17 7.48
CA ASN A 105 38.46 14.09 8.17
C ASN A 105 38.09 12.73 7.58
N ASN A 106 36.95 12.65 6.89
CA ASN A 106 36.61 11.42 6.16
C ASN A 106 37.46 11.25 4.92
N GLY A 107 37.91 12.34 4.32
CA GLY A 107 38.70 12.29 3.09
C GLY A 107 38.05 11.52 1.96
N GLY A 108 36.78 11.76 1.71
CA GLY A 108 36.09 11.17 0.57
C GLY A 108 36.07 9.66 0.56
N ALA A 109 35.93 9.03 1.74
CA ALA A 109 35.89 7.58 1.84
C ALA A 109 34.48 7.01 1.80
N ILE A 110 33.45 7.86 1.90
CA ILE A 110 32.06 7.38 1.88
C ILE A 110 31.47 7.37 0.49
N LEU A 111 32.21 7.86 -0.52
CA LEU A 111 31.73 7.83 -1.90
C LEU A 111 31.86 6.45 -2.52
N GLU A 112 32.80 5.64 -2.04
CA GLU A 112 33.06 4.34 -2.65
C GLU A 112 31.87 3.40 -2.47
N ASN A 113 31.58 2.62 -3.51
CA ASN A 113 30.42 1.73 -3.55
C ASN A 113 29.14 2.51 -3.27
N CYS A 114 28.58 3.14 -4.29
CA CYS A 114 27.46 4.07 -4.07
C CYS A 114 26.30 3.90 -5.05
N GLN A 115 26.53 3.36 -6.25
CA GLN A 115 25.49 3.26 -7.26
C GLN A 115 24.25 2.50 -6.78
N GLY A 116 24.40 1.57 -5.84
CA GLY A 116 23.24 0.83 -5.37
C GLY A 116 22.44 1.65 -4.38
N ALA A 117 23.13 2.43 -3.53
CA ALA A 117 22.44 3.37 -2.66
C ALA A 117 21.88 4.55 -3.47
N ILE A 118 22.54 4.90 -4.57
CA ILE A 118 22.04 5.98 -5.42
C ILE A 118 20.71 5.59 -6.04
N GLN A 119 20.57 4.33 -6.44
CA GLN A 119 19.32 3.87 -7.03
C GLN A 119 18.21 3.78 -5.98
N ASN A 120 18.58 3.75 -4.70
CA ASN A 120 17.60 3.73 -3.63
C ASN A 120 17.26 5.13 -3.14
N ALA A 121 18.06 6.13 -3.50
CA ALA A 121 17.72 7.53 -3.24
C ALA A 121 16.92 8.12 -4.38
N ILE A 122 17.10 7.59 -5.59
CA ILE A 122 16.26 7.98 -6.72
C ILE A 122 14.81 7.57 -6.47
N MET A 123 14.62 6.37 -5.92
CA MET A 123 13.27 5.89 -5.60
C MET A 123 12.61 6.72 -4.51
N ALA A 124 13.41 7.41 -3.68
CA ALA A 124 12.83 8.27 -2.66
C ALA A 124 12.28 9.57 -3.25
N GLN A 125 12.71 9.94 -4.45
CA GLN A 125 12.15 11.12 -5.10
C GLN A 125 10.90 10.78 -5.90
N LEU A 126 10.91 9.67 -6.63
CA LEU A 126 9.76 9.27 -7.41
C LEU A 126 8.59 8.90 -6.51
N LYS A 127 8.84 8.11 -5.46
CA LYS A 127 7.77 7.70 -4.55
C LYS A 127 7.25 8.85 -3.71
N SER A 128 8.02 9.91 -3.54
CA SER A 128 7.55 11.11 -2.87
C SER A 128 6.83 12.07 -3.81
N GLY A 129 6.81 11.78 -5.11
CA GLY A 129 6.17 12.64 -6.07
C GLY A 129 7.07 13.64 -6.76
N VAL A 130 8.39 13.48 -6.68
CA VAL A 130 9.33 14.38 -7.32
C VAL A 130 9.62 13.88 -8.72
N GLY A 131 9.48 14.77 -9.71
CA GLY A 131 9.71 14.40 -11.08
C GLY A 131 10.92 15.07 -11.71
N SER A 132 11.35 16.18 -11.16
CA SER A 132 12.52 16.90 -11.65
C SER A 132 13.41 17.25 -10.48
N VAL A 133 14.71 17.06 -10.66
CA VAL A 133 15.68 17.27 -9.59
C VAL A 133 16.91 18.01 -10.12
N GLY A 134 17.44 18.93 -9.32
CA GLY A 134 18.72 19.56 -9.60
C GLY A 134 19.86 18.97 -8.79
N ALA A 135 20.56 17.99 -9.38
CA ALA A 135 21.58 17.22 -8.67
C ALA A 135 22.94 17.88 -8.79
N ILE A 136 23.63 18.00 -7.65
CA ILE A 136 24.99 18.48 -7.60
C ILE A 136 25.94 17.30 -7.67
N SER A 137 26.89 17.33 -8.61
CA SER A 137 27.83 16.25 -8.80
C SER A 137 29.23 16.79 -8.97
N ASN A 138 30.21 16.05 -8.42
CA ASN A 138 31.62 16.37 -8.57
C ASN A 138 32.36 15.43 -9.52
N HIS A 139 31.95 14.17 -9.59
CA HIS A 139 32.62 13.20 -10.45
C HIS A 139 31.66 12.50 -11.41
N LEU A 140 30.40 12.96 -11.50
CA LEU A 140 29.44 12.45 -12.47
C LEU A 140 29.20 10.95 -12.33
N ILE A 141 29.13 10.47 -11.08
CA ILE A 141 28.97 9.04 -10.86
C ILE A 141 27.52 8.61 -11.10
N GLU A 142 26.56 9.46 -10.74
CA GLU A 142 25.14 9.15 -10.80
C GLU A 142 24.49 9.57 -12.11
N VAL A 143 25.25 10.15 -13.05
CA VAL A 143 24.66 10.74 -14.24
C VAL A 143 23.95 9.69 -15.10
N ASN A 144 24.57 8.51 -15.24
CA ASN A 144 23.96 7.45 -16.03
C ASN A 144 22.73 6.86 -15.32
N LEU A 145 22.74 6.83 -13.99
CA LEU A 145 21.57 6.34 -13.28
C LEU A 145 20.42 7.33 -13.37
N LEU A 146 20.72 8.62 -13.45
CA LEU A 146 19.68 9.61 -13.71
C LEU A 146 19.15 9.49 -15.13
N LYS A 147 19.99 9.00 -16.06
CA LYS A 147 19.54 8.77 -17.43
C LYS A 147 18.70 7.50 -17.52
N GLU A 148 19.08 6.47 -16.75
CA GLU A 148 18.29 5.25 -16.65
C GLU A 148 17.09 5.46 -15.73
N SER A 149 16.71 6.71 -15.52
CA SER A 149 15.64 7.10 -14.63
C SER A 149 14.64 7.98 -15.36
N PRO A 150 13.37 8.00 -14.93
CA PRO A 150 12.38 8.86 -15.56
C PRO A 150 12.48 10.32 -15.14
N LEU A 151 13.34 10.63 -14.16
CA LEU A 151 13.43 11.97 -13.63
C LEU A 151 13.93 12.96 -14.68
N ASN A 152 13.38 14.17 -14.64
CA ASN A 152 13.99 15.29 -15.32
C ASN A 152 15.19 15.75 -14.50
N ALA A 153 16.35 15.84 -15.14
CA ALA A 153 17.61 16.05 -14.43
C ALA A 153 18.26 17.35 -14.90
N VAL A 154 18.81 18.09 -13.94
CA VAL A 154 19.63 19.27 -14.20
C VAL A 154 20.92 19.05 -13.43
N VAL A 155 21.91 18.45 -14.10
CA VAL A 155 23.18 18.13 -13.45
C VAL A 155 24.02 19.39 -13.32
N PHE A 156 24.36 19.73 -12.08
CA PHE A 156 25.30 20.81 -11.79
C PHE A 156 26.67 20.18 -11.54
N LEU A 157 27.64 20.50 -12.41
CA LEU A 157 28.99 20.04 -12.19
C LEU A 157 29.66 20.97 -11.19
N GLU A 158 30.05 20.44 -10.04
CA GLU A 158 30.51 21.25 -8.92
C GLU A 158 32.02 21.41 -8.98
N PHE A 159 32.50 22.59 -8.58
CA PHE A 159 33.91 22.92 -8.61
C PHE A 159 34.43 23.12 -7.20
N LEU A 160 35.54 22.47 -6.87
CA LEU A 160 36.18 22.59 -5.58
C LEU A 160 37.68 22.84 -5.78
N GLY A 161 38.15 24.01 -5.34
CA GLY A 161 39.56 24.33 -5.41
C GLY A 161 39.86 25.72 -4.87
N SER A 162 40.58 25.79 -3.76
CA SER A 162 40.87 27.08 -3.12
C SER A 162 42.21 27.66 -3.55
N SER A 163 42.94 26.98 -4.41
CA SER A 163 44.19 27.48 -4.96
C SER A 163 44.08 27.47 -6.48
N TYR A 164 44.63 28.49 -7.13
CA TYR A 164 44.61 28.51 -8.59
C TYR A 164 45.53 27.41 -9.14
N SER A 165 45.02 26.66 -10.11
CA SER A 165 45.78 25.59 -10.77
C SER A 165 45.16 25.49 -12.15
N LEU A 166 45.82 26.00 -13.21
CA LEU A 166 45.11 25.89 -14.48
C LEU A 166 45.10 24.45 -14.97
N GLU A 167 45.90 23.57 -14.36
CA GLU A 167 45.86 22.15 -14.70
C GLU A 167 44.50 21.55 -14.34
N LYS A 168 44.02 21.83 -13.13
CA LYS A 168 42.68 21.38 -12.76
C LYS A 168 41.60 22.17 -13.47
N LEU A 169 41.88 23.39 -13.91
CA LEU A 169 40.87 24.19 -14.60
C LEU A 169 40.43 23.53 -15.91
N LYS A 170 41.35 22.89 -16.62
CA LYS A 170 40.98 22.19 -17.86
C LYS A 170 40.62 20.73 -17.61
N ALA A 171 41.01 20.17 -16.45
CA ALA A 171 40.48 18.87 -16.07
C ALA A 171 39.03 18.98 -15.61
N PHE A 172 38.59 20.19 -15.27
CA PHE A 172 37.20 20.47 -14.94
C PHE A 172 36.40 20.90 -16.16
N GLU A 173 37.03 21.64 -17.09
CA GLU A 173 36.39 22.00 -18.35
C GLU A 173 36.41 20.87 -19.37
N ALA A 174 37.12 19.78 -19.08
CA ALA A 174 37.04 18.58 -19.91
C ALA A 174 36.02 17.60 -19.37
N LYS A 175 35.77 17.62 -18.06
CA LYS A 175 34.71 16.82 -17.48
C LYS A 175 33.35 17.40 -17.80
N PHE A 176 33.25 18.72 -17.96
CA PHE A 176 32.00 19.33 -18.37
C PHE A 176 31.63 18.97 -19.81
N LYS A 177 32.63 18.87 -20.69
CA LYS A 177 32.34 18.43 -22.06
C LYS A 177 31.81 17.00 -22.09
N GLU A 178 32.28 16.16 -21.17
CA GLU A 178 31.71 14.82 -21.05
C GLU A 178 30.29 14.88 -20.50
N LEU A 179 29.97 15.92 -19.72
CA LEU A 179 28.61 16.08 -19.23
C LEU A 179 27.68 16.53 -20.35
N LYS A 180 28.11 17.50 -21.16
CA LYS A 180 27.32 17.95 -22.30
C LYS A 180 27.25 16.90 -23.40
N ASP A 181 28.10 15.87 -23.33
CA ASP A 181 28.06 14.75 -24.27
C ASP A 181 27.07 13.69 -23.83
N LEU A 182 26.36 13.91 -22.72
CA LEU A 182 25.33 12.99 -22.25
C LEU A 182 23.97 13.68 -22.13
N GLU A 183 23.85 14.91 -22.60
CA GLU A 183 22.60 15.65 -22.49
C GLU A 183 21.56 15.13 -23.47
N ASP A 184 20.30 15.20 -23.07
CA ASP A 184 19.18 14.89 -23.94
C ASP A 184 18.05 15.85 -23.59
N GLN A 185 16.82 15.46 -23.88
CA GLN A 185 15.67 16.27 -23.48
C GLN A 185 15.25 16.00 -22.04
N LYS A 186 15.84 15.02 -21.39
CA LYS A 186 15.54 14.69 -19.99
C LYS A 186 16.61 15.17 -19.03
N LEU A 187 17.85 15.34 -19.51
CA LEU A 187 18.98 15.76 -18.69
C LEU A 187 19.55 17.05 -19.27
N LYS A 188 19.62 18.10 -18.45
CA LYS A 188 20.28 19.34 -18.82
C LYS A 188 21.53 19.52 -17.97
N ALA A 189 22.58 20.06 -18.58
CA ALA A 189 23.88 20.18 -17.94
C ALA A 189 24.06 21.59 -17.39
N ALA A 190 24.54 21.69 -16.15
CA ALA A 190 24.80 22.97 -15.51
C ALA A 190 26.15 22.89 -14.81
N LEU A 191 26.53 23.98 -14.15
CA LEU A 191 27.82 24.09 -13.49
C LEU A 191 27.62 24.75 -12.14
N ALA A 192 28.45 24.36 -11.17
CA ALA A 192 28.30 24.82 -9.80
C ALA A 192 29.64 25.28 -9.24
N VAL A 193 29.58 26.38 -8.48
CA VAL A 193 30.71 26.87 -7.69
C VAL A 193 30.39 26.55 -6.23
N HIS A 194 31.28 25.81 -5.57
CA HIS A 194 31.00 25.25 -4.25
C HIS A 194 30.59 26.31 -3.23
N ALA A 195 31.54 27.10 -2.74
CA ALA A 195 31.28 28.03 -1.66
C ALA A 195 32.29 29.17 -1.72
N PRO A 196 32.02 30.28 -1.03
CA PRO A 196 33.03 31.35 -0.94
C PRO A 196 34.25 30.99 -0.09
N TYR A 197 34.27 29.81 0.55
CA TYR A 197 35.43 29.38 1.31
C TYR A 197 36.22 28.28 0.63
N SER A 198 35.73 27.75 -0.49
CA SER A 198 36.33 26.59 -1.13
C SER A 198 36.85 26.85 -2.53
N VAL A 199 36.54 28.01 -3.12
CA VAL A 199 36.87 28.28 -4.52
C VAL A 199 37.57 29.63 -4.61
N GLN A 200 38.77 29.62 -5.21
CA GLN A 200 39.51 30.86 -5.44
C GLN A 200 38.80 31.71 -6.48
N LYS A 201 39.01 33.03 -6.40
CA LYS A 201 38.23 33.95 -7.23
C LYS A 201 38.40 33.70 -8.72
N ASP A 202 39.64 33.50 -9.18
CA ASP A 202 39.87 33.35 -10.61
C ASP A 202 39.61 31.94 -11.09
N MET A 203 39.33 31.00 -10.20
CA MET A 203 38.85 29.69 -10.60
C MET A 203 37.34 29.67 -10.77
N ALA A 204 36.62 30.57 -10.09
CA ALA A 204 35.19 30.70 -10.26
C ALA A 204 34.81 31.59 -11.43
N LEU A 205 35.60 32.66 -11.68
CA LEU A 205 35.36 33.49 -12.85
C LEU A 205 35.52 32.70 -14.14
N SER A 206 36.37 31.68 -14.13
CA SER A 206 36.47 30.79 -15.28
C SER A 206 35.28 29.84 -15.36
N VAL A 207 34.87 29.28 -14.22
CA VAL A 207 33.67 28.45 -14.18
C VAL A 207 32.45 29.27 -14.64
N ILE A 208 32.30 30.48 -14.11
CA ILE A 208 31.18 31.33 -14.47
C ILE A 208 31.22 31.66 -15.96
N GLN A 209 32.40 32.01 -16.47
CA GLN A 209 32.52 32.33 -17.90
C GLN A 209 32.19 31.14 -18.77
N LEU A 210 32.58 29.93 -18.34
CA LEU A 210 32.25 28.74 -19.11
C LEU A 210 30.75 28.48 -19.09
N ALA A 211 30.05 28.91 -18.03
CA ALA A 211 28.60 28.79 -18.01
C ALA A 211 27.97 29.76 -19.00
N LYS A 212 28.47 31.00 -19.07
CA LYS A 212 28.02 31.93 -20.10
C LYS A 212 28.29 31.37 -21.49
N ASP A 213 29.48 30.81 -21.71
CA ASP A 213 29.82 30.23 -23.01
C ASP A 213 28.90 29.08 -23.35
N SER A 214 28.65 28.19 -22.40
CA SER A 214 27.79 27.04 -22.62
C SER A 214 26.32 27.34 -22.36
N GLN A 215 26.00 28.56 -21.92
CA GLN A 215 24.62 28.97 -21.64
C GLN A 215 23.95 27.96 -20.70
N SER A 216 24.51 27.86 -19.50
CA SER A 216 24.07 26.87 -18.52
C SER A 216 23.81 27.56 -17.19
N LEU A 217 23.19 26.80 -16.29
CA LEU A 217 22.78 27.33 -14.99
C LEU A 217 23.93 27.28 -13.99
N LEU A 218 23.89 28.19 -13.02
CA LEU A 218 24.87 28.27 -11.95
C LEU A 218 24.16 28.06 -10.62
N SER A 219 24.63 27.12 -9.83
CA SER A 219 24.21 26.99 -8.45
C SER A 219 25.42 27.16 -7.55
N THR A 220 25.18 27.67 -6.33
CA THR A 220 26.27 27.86 -5.39
C THR A 220 25.71 27.91 -3.98
N HIS A 221 26.52 27.46 -3.04
CA HIS A 221 26.20 27.55 -1.62
C HIS A 221 26.74 28.88 -1.11
N PHE A 222 25.87 29.71 -0.53
CA PHE A 222 26.23 31.06 -0.12
C PHE A 222 25.84 31.29 1.33
N LEU A 223 26.78 31.86 2.09
CA LEU A 223 26.66 32.17 3.52
C LEU A 223 25.73 31.22 4.27
N GLU A 224 26.11 29.95 4.35
CA GLU A 224 25.32 28.94 5.03
C GLU A 224 25.59 28.87 6.52
N SER A 225 26.70 29.44 6.99
CA SER A 225 27.12 29.30 8.37
C SER A 225 27.55 30.65 8.94
N LEU A 226 27.61 30.71 10.27
CA LEU A 226 28.19 31.89 10.92
C LEU A 226 29.70 31.92 10.78
N GLU A 227 30.35 30.76 10.62
CA GLU A 227 31.78 30.74 10.38
C GLU A 227 32.12 31.26 8.99
N GLU A 228 31.23 31.02 8.03
CA GLU A 228 31.44 31.52 6.67
C GLU A 228 31.24 33.03 6.58
N LEU A 229 30.35 33.60 7.40
CA LEU A 229 30.13 35.04 7.33
C LEU A 229 31.31 35.81 7.91
N GLU A 230 31.78 35.43 9.11
CA GLU A 230 32.93 36.13 9.69
C GLU A 230 34.17 35.96 8.82
N TRP A 231 34.29 34.83 8.12
CA TRP A 231 35.44 34.63 7.26
C TRP A 231 35.38 35.55 6.05
N VAL A 232 34.20 35.67 5.42
CA VAL A 232 34.09 36.48 4.22
C VAL A 232 34.16 37.97 4.55
N GLU A 233 33.67 38.37 5.73
CA GLU A 233 33.61 39.78 6.08
C GLU A 233 34.89 40.29 6.74
N ASN A 234 35.42 39.58 7.74
CA ASN A 234 36.53 40.10 8.53
C ASN A 234 37.73 39.17 8.61
N SER A 235 37.78 38.12 7.78
CA SER A 235 38.91 37.18 7.75
C SER A 235 39.24 36.66 9.15
N LYS A 236 38.19 36.25 9.86
CA LYS A 236 38.34 35.71 11.21
C LYS A 236 37.47 34.47 11.34
N GLY A 237 37.53 33.85 12.51
CA GLY A 237 36.69 32.70 12.82
C GLY A 237 37.41 31.39 12.61
N TRP A 238 36.59 30.33 12.49
CA TRP A 238 37.09 28.98 12.37
C TRP A 238 37.84 28.73 11.06
N PHE A 239 37.80 29.68 10.12
CA PHE A 239 38.38 29.48 8.80
C PHE A 239 39.80 30.05 8.67
N GLU A 240 40.33 30.67 9.72
CA GLU A 240 41.73 31.06 9.70
C GLU A 240 42.64 29.83 9.58
N ASN A 241 42.27 28.76 10.28
CA ASN A 241 43.06 27.53 10.33
C ASN A 241 42.56 26.46 9.37
N PHE A 242 41.57 26.78 8.54
CA PHE A 242 40.90 25.75 7.75
C PHE A 242 41.79 25.23 6.62
N TYR A 243 42.48 26.12 5.90
CA TYR A 243 43.20 25.74 4.69
C TYR A 243 44.44 24.92 4.97
N GLN A 244 45.00 25.03 6.18
CA GLN A 244 46.15 24.22 6.57
C GLN A 244 45.72 22.82 6.99
N ARG A 245 44.66 22.73 7.81
CA ARG A 245 44.35 21.46 8.47
C ARG A 245 43.95 20.40 7.48
N PHE A 246 43.13 20.80 6.51
CA PHE A 246 42.38 19.93 5.64
C PHE A 246 42.78 20.04 4.17
N LEU A 247 43.36 21.17 3.76
CA LEU A 247 43.62 21.40 2.35
C LEU A 247 45.09 21.37 1.99
N LYS A 248 45.98 21.27 2.97
CA LYS A 248 47.43 21.25 2.72
C LYS A 248 47.89 22.49 1.97
N GLU A 249 47.18 23.60 2.13
CA GLU A 249 47.53 24.86 1.51
C GLU A 249 47.90 25.88 2.59
N SER A 250 48.53 26.97 2.16
CA SER A 250 48.98 28.01 3.07
C SER A 250 48.26 29.31 2.73
N ASN A 251 47.01 29.42 3.20
CA ASN A 251 46.22 30.64 3.05
C ASN A 251 45.62 31.02 4.38
N PHE A 252 45.74 32.30 4.74
CA PHE A 252 45.26 32.79 6.02
C PHE A 252 44.37 34.02 5.89
N THR A 253 43.92 34.33 4.68
CA THR A 253 42.99 35.44 4.45
C THR A 253 41.92 34.99 3.46
N SER A 254 40.79 35.68 3.49
CA SER A 254 39.65 35.28 2.67
C SER A 254 39.95 35.47 1.18
N LEU A 255 39.40 34.57 0.37
CA LEU A 255 39.58 34.64 -1.08
C LEU A 255 38.79 35.78 -1.70
N TYR A 256 37.81 36.33 -0.99
CA TYR A 256 36.98 37.41 -1.52
C TYR A 256 36.91 38.54 -0.51
N GLU A 257 36.95 39.77 -1.02
CA GLU A 257 37.05 40.97 -0.18
C GLU A 257 35.65 41.54 0.07
N GLY A 258 34.89 40.83 0.87
CA GLY A 258 33.54 41.24 1.23
C GLY A 258 32.48 40.34 0.59
N ALA A 259 31.28 40.43 1.13
CA ALA A 259 30.18 39.61 0.64
C ALA A 259 29.80 39.97 -0.79
N ASN A 260 29.90 41.25 -1.14
CA ASN A 260 29.53 41.68 -2.49
C ASN A 260 30.54 41.22 -3.54
N ASP A 261 31.79 40.99 -3.15
CA ASP A 261 32.79 40.56 -4.13
C ASP A 261 32.49 39.16 -4.65
N TYR A 262 31.92 38.28 -3.81
CA TYR A 262 31.53 36.97 -4.28
C TYR A 262 30.25 37.04 -5.11
N ILE A 263 29.34 37.94 -4.74
CA ILE A 263 28.05 38.03 -5.42
C ILE A 263 28.22 38.61 -6.81
N ASP A 264 28.96 39.72 -6.93
CA ASP A 264 29.11 40.42 -8.21
C ASP A 264 29.74 39.56 -9.30
N MET A 265 30.35 38.42 -8.96
CA MET A 265 30.84 37.52 -9.98
C MET A 265 29.69 36.87 -10.74
N PHE A 266 28.52 36.74 -10.10
CA PHE A 266 27.35 36.12 -10.70
C PHE A 266 26.39 37.15 -11.28
N LYS A 267 26.88 38.35 -11.58
CA LYS A 267 26.05 39.38 -12.17
C LYS A 267 25.61 39.00 -13.59
N ASP A 268 24.34 39.24 -13.89
CA ASP A 268 23.74 38.97 -15.20
C ASP A 268 23.78 37.49 -15.58
N THR A 269 23.23 36.64 -14.71
CA THR A 269 23.14 35.23 -15.06
C THR A 269 21.97 34.60 -14.32
N HIS A 270 21.92 33.27 -14.33
CA HIS A 270 20.84 32.47 -13.79
C HIS A 270 21.38 31.61 -12.64
N THR A 271 21.63 32.25 -11.49
CA THR A 271 22.34 31.61 -10.40
C THR A 271 21.37 31.17 -9.29
N LEU A 272 21.50 29.92 -8.87
CA LEU A 272 20.75 29.41 -7.73
C LEU A 272 21.59 29.60 -6.46
N PHE A 273 21.08 30.36 -5.51
CA PHE A 273 21.77 30.66 -4.26
C PHE A 273 21.14 29.81 -3.16
N VAL A 274 21.89 28.82 -2.68
CA VAL A 274 21.39 27.87 -1.69
C VAL A 274 21.68 28.38 -0.29
N HIS A 275 20.78 28.04 0.64
CA HIS A 275 20.91 28.29 2.07
C HIS A 275 20.69 29.76 2.40
N ASN A 276 21.75 30.57 2.38
CA ASN A 276 21.69 32.02 2.60
C ASN A 276 20.98 32.39 3.91
N GLN A 277 21.12 31.56 4.95
CA GLN A 277 20.51 31.91 6.23
C GLN A 277 21.27 33.01 6.96
N PHE A 278 22.51 33.28 6.58
CA PHE A 278 23.33 34.29 7.24
C PHE A 278 23.58 35.50 6.35
N ALA A 279 22.91 35.57 5.20
CA ALA A 279 22.97 36.77 4.37
C ALA A 279 22.01 37.81 4.90
N SER A 280 22.51 39.03 5.12
CA SER A 280 21.68 40.10 5.64
C SER A 280 20.79 40.67 4.52
N LEU A 281 19.84 41.50 4.93
CA LEU A 281 18.92 42.10 3.95
C LEU A 281 19.69 42.89 2.90
N GLU A 282 20.77 43.57 3.31
CA GLU A 282 21.60 44.26 2.33
C GLU A 282 22.27 43.27 1.39
N ALA A 283 22.66 42.10 1.91
CA ALA A 283 23.27 41.08 1.06
C ALA A 283 22.25 40.49 0.10
N LEU A 284 21.01 40.29 0.56
CA LEU A 284 19.99 39.70 -0.29
C LEU A 284 19.43 40.70 -1.29
N LYS A 285 19.37 41.99 -0.93
CA LYS A 285 18.99 43.00 -1.90
C LYS A 285 20.02 43.11 -3.03
N ARG A 286 21.30 42.92 -2.69
CA ARG A 286 22.35 42.97 -3.71
C ARG A 286 22.24 41.80 -4.67
N ILE A 287 21.91 40.61 -4.16
CA ILE A 287 21.82 39.43 -5.01
C ILE A 287 20.74 39.60 -6.07
N LYS A 288 19.57 40.08 -5.66
CA LYS A 288 18.48 40.28 -6.61
C LYS A 288 18.83 41.35 -7.64
N SER A 289 19.33 42.49 -7.17
CA SER A 289 19.65 43.58 -8.08
C SER A 289 20.85 43.29 -8.95
N GLN A 290 21.75 42.40 -8.52
CA GLN A 290 23.01 42.16 -9.22
C GLN A 290 23.04 40.85 -9.99
N VAL A 291 22.58 39.73 -9.41
CA VAL A 291 22.52 38.48 -10.17
C VAL A 291 21.36 38.53 -11.15
N LYS A 292 20.35 39.36 -10.89
CA LYS A 292 19.47 39.88 -11.92
C LYS A 292 18.37 38.83 -12.13
N ASN A 293 18.77 37.56 -12.26
CA ASN A 293 17.90 36.38 -12.28
C ASN A 293 18.32 35.39 -11.20
N ALA A 294 18.29 35.81 -9.94
CA ALA A 294 18.71 34.97 -8.81
C ALA A 294 17.58 34.12 -8.25
N PHE A 295 17.92 32.93 -7.76
CA PHE A 295 16.97 32.00 -7.17
C PHE A 295 17.50 31.51 -5.84
N LEU A 296 16.83 31.88 -4.75
CA LEU A 296 17.22 31.44 -3.41
C LEU A 296 16.73 30.02 -3.16
N ILE A 297 17.64 29.15 -2.73
CA ILE A 297 17.31 27.78 -2.36
C ILE A 297 17.49 27.63 -0.85
N THR A 298 16.52 26.97 -0.21
CA THR A 298 16.56 26.76 1.23
C THR A 298 16.32 25.28 1.53
N CYS A 299 16.98 24.78 2.56
CA CYS A 299 16.86 23.39 2.99
C CYS A 299 16.66 23.38 4.50
N PRO A 300 15.41 23.37 4.97
CA PRO A 300 15.16 23.52 6.42
C PRO A 300 15.91 22.55 7.32
N PHE A 301 15.93 21.26 6.99
CA PHE A 301 16.52 20.28 7.89
C PHE A 301 18.03 20.42 7.98
N SER A 302 18.70 20.70 6.85
CA SER A 302 20.16 20.81 6.87
C SER A 302 20.62 22.01 7.69
N ASN A 303 19.80 23.07 7.77
CA ASN A 303 20.15 24.21 8.60
C ASN A 303 20.12 23.83 10.07
N ARG A 304 19.18 22.96 10.47
CA ARG A 304 19.07 22.58 11.86
C ARG A 304 20.26 21.75 12.32
N LEU A 305 20.62 20.74 11.52
CA LEU A 305 21.73 19.86 11.90
C LEU A 305 23.06 20.61 11.88
N LEU A 306 23.24 21.51 10.91
CA LEU A 306 24.50 22.21 10.75
C LEU A 306 24.54 23.53 11.52
N SER A 307 24.43 24.65 10.80
CA SER A 307 24.46 25.98 11.40
C SER A 307 23.54 26.09 12.60
N GLY A 308 22.33 25.55 12.50
CA GLY A 308 21.34 25.68 13.54
C GLY A 308 20.42 26.87 13.40
N LYS A 309 20.65 27.73 12.42
CA LYS A 309 19.83 28.91 12.18
C LYS A 309 19.03 28.73 10.90
N ALA A 310 17.72 28.88 10.99
CA ALA A 310 16.85 28.75 9.84
C ALA A 310 16.82 30.07 9.06
N LEU A 311 16.50 29.96 7.77
CA LEU A 311 16.44 31.13 6.91
C LEU A 311 15.29 32.05 7.34
N ASP A 312 15.57 33.34 7.45
CA ASP A 312 14.57 34.33 7.79
C ASP A 312 13.71 34.59 6.55
N LEU A 313 12.54 33.97 6.51
CA LEU A 313 11.68 34.11 5.35
C LEU A 313 11.07 35.51 5.26
N GLU A 314 11.00 36.23 6.37
CA GLU A 314 10.57 37.61 6.31
C GLU A 314 11.61 38.48 5.62
N ARG A 315 12.89 38.28 5.96
CA ARG A 315 13.96 39.00 5.27
C ARG A 315 13.97 38.71 3.77
N VAL A 316 13.62 37.48 3.38
CA VAL A 316 13.58 37.11 1.97
C VAL A 316 12.58 37.98 1.22
N ARG A 317 11.39 38.16 1.79
CA ARG A 317 10.36 38.93 1.10
C ARG A 317 10.51 40.43 1.30
N GLU A 318 11.19 40.86 2.37
CA GLU A 318 11.59 42.25 2.49
C GLU A 318 12.57 42.67 1.41
N ALA A 319 13.32 41.72 0.84
CA ALA A 319 14.29 42.01 -0.21
C ALA A 319 13.72 41.84 -1.60
N GLY A 320 12.60 41.15 -1.74
CA GLY A 320 11.98 40.93 -3.04
C GLY A 320 12.28 39.61 -3.69
N LEU A 321 12.68 38.60 -2.94
CA LEU A 321 13.02 37.30 -3.48
C LEU A 321 12.04 36.25 -2.97
N SER A 322 12.12 35.06 -3.57
CA SER A 322 11.28 33.93 -3.19
C SER A 322 12.16 32.72 -2.99
N VAL A 323 11.62 31.72 -2.31
CA VAL A 323 12.40 30.55 -1.92
C VAL A 323 11.80 29.30 -2.55
N SER A 324 12.66 28.33 -2.82
CA SER A 324 12.26 26.96 -3.10
C SER A 324 12.87 26.08 -2.02
N VAL A 325 12.21 24.96 -1.73
CA VAL A 325 12.64 24.06 -0.67
C VAL A 325 13.24 22.82 -1.31
N ALA A 326 14.42 22.44 -0.84
CA ALA A 326 15.14 21.29 -1.36
C ALA A 326 15.65 20.45 -0.21
N THR A 327 15.80 19.15 -0.47
CA THR A 327 16.17 18.20 0.55
C THR A 327 17.66 18.22 0.90
N ASP A 328 18.49 18.82 0.05
CA ASP A 328 19.95 18.74 0.13
C ASP A 328 20.33 17.26 -0.05
N GLY A 329 21.43 16.81 0.55
CA GLY A 329 21.83 15.42 0.49
C GLY A 329 21.72 14.80 1.89
N LEU A 330 21.80 13.47 1.92
CA LEU A 330 21.85 12.78 3.21
C LEU A 330 23.19 12.90 3.92
N SER A 331 24.12 13.73 3.44
CA SER A 331 25.27 14.05 4.27
C SER A 331 24.86 14.85 5.50
N SER A 332 23.67 15.47 5.45
CA SER A 332 23.19 16.36 6.49
C SER A 332 21.67 16.31 6.52
N ASN A 333 21.11 15.11 6.35
CA ASN A 333 19.67 14.91 6.32
C ASN A 333 19.37 13.45 6.64
N ILE A 334 18.10 13.15 6.88
CA ILE A 334 17.69 11.80 7.26
C ILE A 334 16.77 11.12 6.26
N SER A 335 16.11 11.86 5.35
CA SER A 335 15.24 11.28 4.32
C SER A 335 15.10 12.27 3.16
N LEU A 336 15.21 11.81 1.92
CA LEU A 336 15.00 12.71 0.79
C LEU A 336 13.58 12.69 0.26
N SER A 337 12.60 12.31 1.06
CA SER A 337 11.22 12.48 0.64
C SER A 337 10.89 13.95 0.78
N LEU A 338 10.67 14.64 -0.35
CA LEU A 338 10.45 16.09 -0.30
C LEU A 338 9.29 16.44 0.62
N LEU A 339 8.36 15.49 0.82
CA LEU A 339 7.24 15.71 1.72
C LEU A 339 7.71 15.82 3.17
N ASP A 340 8.63 14.97 3.60
CA ASP A 340 9.19 15.08 4.94
C ASP A 340 9.93 16.40 5.13
N GLU A 341 10.50 16.93 4.06
CA GLU A 341 11.23 18.18 4.15
C GLU A 341 10.29 19.37 4.16
N LEU A 342 9.11 19.17 3.59
CA LEU A 342 8.06 20.19 3.60
C LEU A 342 7.45 20.29 4.99
N ARG A 343 7.20 19.15 5.64
CA ARG A 343 6.70 19.18 7.01
C ARG A 343 7.75 19.78 7.95
N ALA A 344 9.02 19.42 7.76
CA ALA A 344 10.08 20.03 8.54
C ALA A 344 10.23 21.52 8.22
N PHE A 345 9.93 21.90 6.97
CA PHE A 345 9.88 23.32 6.62
C PHE A 345 8.75 24.03 7.37
N LEU A 346 7.63 23.34 7.60
CA LEU A 346 6.52 23.96 8.32
C LEU A 346 6.86 24.20 9.79
N LEU A 347 7.58 23.26 10.41
CA LEU A 347 7.93 23.38 11.82
C LEU A 347 9.08 24.36 12.07
N SER A 348 9.81 24.75 11.03
CA SER A 348 11.04 25.53 11.21
C SER A 348 10.83 27.03 11.19
N HIS A 349 9.66 27.51 10.78
CA HIS A 349 9.41 28.95 10.69
C HIS A 349 8.14 29.30 11.46
N ASN A 350 8.16 30.47 12.09
CA ASN A 350 7.07 30.93 12.95
C ASN A 350 5.98 31.68 12.18
N MET A 351 6.01 31.63 10.86
CA MET A 351 5.02 32.34 10.06
C MET A 351 3.64 31.72 10.24
N PRO A 352 2.57 32.53 10.14
CA PRO A 352 1.20 31.98 10.06
C PRO A 352 1.10 30.74 9.18
N LEU A 353 0.64 29.65 9.77
CA LEU A 353 0.75 28.33 9.16
C LEU A 353 0.09 28.28 7.78
N LEU A 354 -1.10 28.86 7.63
CA LEU A 354 -1.84 28.68 6.38
C LEU A 354 -1.22 29.48 5.24
N GLU A 355 -0.60 30.62 5.54
CA GLU A 355 0.16 31.33 4.51
C GLU A 355 1.45 30.57 4.18
N LEU A 356 2.14 30.07 5.20
CA LEU A 356 3.42 29.39 4.98
C LEU A 356 3.24 28.05 4.27
N ALA A 357 2.06 27.43 4.42
CA ALA A 357 1.82 26.17 3.72
C ALA A 357 1.72 26.36 2.22
N LYS A 358 1.33 27.56 1.76
CA LYS A 358 1.35 27.84 0.33
C LYS A 358 2.77 28.11 -0.17
N ILE A 359 3.59 28.76 0.65
CA ILE A 359 4.98 28.99 0.29
C ILE A 359 5.72 27.66 0.18
N ALA A 360 5.33 26.68 0.99
CA ALA A 360 5.95 25.36 0.92
C ALA A 360 5.54 24.65 -0.37
N LEU A 361 4.24 24.65 -0.67
CA LEU A 361 3.77 24.01 -1.89
C LEU A 361 4.38 24.66 -3.13
N LEU A 362 4.45 25.99 -3.13
CA LEU A 362 5.03 26.70 -4.27
C LEU A 362 6.55 26.54 -4.32
N GLY A 363 7.19 26.40 -3.16
CA GLY A 363 8.63 26.15 -3.13
C GLY A 363 9.01 24.77 -3.62
N ALA A 364 8.05 23.85 -3.70
CA ALA A 364 8.28 22.52 -4.24
C ALA A 364 7.74 22.34 -5.65
N THR A 365 7.20 23.41 -6.25
CA THR A 365 6.56 23.30 -7.55
C THR A 365 7.01 24.41 -8.50
N ARG A 366 6.18 25.45 -8.63
CA ARG A 366 6.44 26.51 -9.61
C ARG A 366 7.78 27.19 -9.38
N HIS A 367 8.12 27.46 -8.12
CA HIS A 367 9.36 28.18 -7.83
C HIS A 367 10.59 27.34 -8.18
N GLY A 368 10.49 26.03 -8.06
CA GLY A 368 11.62 25.17 -8.37
C GLY A 368 11.81 24.89 -9.84
N ALA A 369 10.75 24.99 -10.65
CA ALA A 369 10.89 24.74 -12.08
C ALA A 369 11.38 25.98 -12.83
N LYS A 370 11.12 27.17 -12.31
CA LYS A 370 11.65 28.37 -12.95
C LYS A 370 13.10 28.60 -12.56
N ALA A 371 13.46 28.22 -11.33
CA ALA A 371 14.86 28.24 -10.93
C ALA A 371 15.67 27.24 -11.75
N LEU A 372 15.13 26.05 -11.96
CA LEU A 372 15.77 25.04 -12.79
C LEU A 372 15.51 25.24 -14.27
N ALA A 373 14.76 26.29 -14.63
CA ALA A 373 14.45 26.61 -16.03
C ALA A 373 13.79 25.45 -16.73
N LEU A 374 12.82 24.83 -16.07
CA LEU A 374 12.04 23.74 -16.62
C LEU A 374 10.64 24.20 -16.96
N ASN A 375 9.93 23.37 -17.74
CA ASN A 375 8.59 23.70 -18.22
C ASN A 375 7.51 22.95 -17.45
N ASN A 376 7.61 22.91 -16.12
CA ASN A 376 6.65 22.18 -15.30
C ASN A 376 6.47 22.94 -13.99
N GLY A 377 5.98 22.25 -12.97
CA GLY A 377 5.71 22.88 -11.69
C GLY A 377 4.43 23.67 -11.64
N GLU A 378 3.57 23.52 -12.64
CA GLU A 378 2.33 24.28 -12.71
C GLU A 378 1.39 23.55 -13.65
N ILE A 379 0.12 23.46 -13.25
CA ILE A 379 -0.93 22.89 -14.10
C ILE A 379 -1.40 24.03 -15.00
N GLU A 380 -0.78 24.14 -16.16
CA GLU A 380 -1.07 25.19 -17.12
C GLU A 380 -0.94 24.60 -18.52
N THR A 381 -1.69 25.16 -19.47
CA THR A 381 -1.65 24.66 -20.83
C THR A 381 -0.26 24.89 -21.42
N ASN A 382 0.21 23.91 -22.19
CA ASN A 382 1.51 23.85 -22.87
C ASN A 382 2.67 23.54 -21.93
N LYS A 383 2.41 23.23 -20.67
CA LYS A 383 3.46 22.81 -19.76
C LYS A 383 3.59 21.29 -19.77
N ARG A 384 4.75 20.82 -19.33
CA ARG A 384 5.00 19.38 -19.31
C ARG A 384 3.98 18.66 -18.44
N ALA A 385 3.53 17.50 -18.91
CA ALA A 385 2.53 16.70 -18.19
C ALA A 385 3.20 15.92 -17.05
N ASP A 386 3.80 16.68 -16.14
CA ASP A 386 4.43 16.12 -14.94
C ASP A 386 3.45 16.32 -13.79
N LEU A 387 2.64 15.30 -13.53
CA LEU A 387 1.54 15.38 -12.58
C LEU A 387 1.66 14.28 -11.53
N SER A 388 1.24 14.61 -10.32
CA SER A 388 1.23 13.69 -9.18
C SER A 388 -0.18 13.58 -8.63
N VAL A 389 -0.58 12.36 -8.26
CA VAL A 389 -1.88 12.10 -7.66
C VAL A 389 -1.67 11.47 -6.30
N PHE A 390 -2.24 12.07 -5.26
CA PHE A 390 -2.13 11.60 -3.89
C PHE A 390 -3.52 11.27 -3.38
N GLY A 391 -3.71 10.04 -2.92
CA GLY A 391 -5.00 9.57 -2.46
C GLY A 391 -5.08 9.61 -0.94
N PHE A 392 -6.20 10.13 -0.44
CA PHE A 392 -6.42 10.23 1.00
C PHE A 392 -7.74 9.53 1.37
N ASN A 393 -8.13 9.69 2.63
CA ASN A 393 -9.33 9.07 3.16
C ASN A 393 -10.47 10.05 3.42
N GLU A 394 -10.19 11.36 3.38
CA GLU A 394 -11.21 12.37 3.53
C GLU A 394 -11.18 13.29 2.32
N LYS A 395 -12.14 14.21 2.27
CA LYS A 395 -12.16 15.25 1.25
C LYS A 395 -11.91 16.56 2.00
N PHE A 396 -10.74 17.14 1.78
CA PHE A 396 -10.35 18.32 2.54
C PHE A 396 -11.19 19.52 2.14
N THR A 397 -11.37 20.43 3.08
CA THR A 397 -11.99 21.70 2.74
C THR A 397 -11.00 22.50 1.91
N LYS A 398 -11.51 23.23 0.91
CA LYS A 398 -10.63 24.01 0.03
C LYS A 398 -9.78 25.00 0.82
N GLU A 399 -10.30 25.49 1.95
CA GLU A 399 -9.53 26.40 2.79
C GLU A 399 -8.40 25.69 3.53
N GLN A 400 -8.51 24.38 3.71
CA GLN A 400 -7.49 23.61 4.41
C GLN A 400 -6.72 22.66 3.49
N ALA A 401 -7.14 22.52 2.23
CA ALA A 401 -6.61 21.49 1.35
C ALA A 401 -5.09 21.54 1.24
N ILE A 402 -4.55 22.75 1.00
CA ILE A 402 -3.11 22.86 0.74
C ILE A 402 -2.30 22.39 1.93
N LEU A 403 -2.72 22.74 3.15
CA LEU A 403 -1.95 22.36 4.32
C LEU A 403 -2.23 20.91 4.73
N GLN A 404 -3.48 20.46 4.63
CA GLN A 404 -3.80 19.09 4.99
C GLN A 404 -3.12 18.10 4.06
N PHE A 405 -2.82 18.52 2.83
CA PHE A 405 -2.09 17.66 1.92
C PHE A 405 -0.67 17.43 2.41
N LEU A 406 -0.02 18.48 2.94
CA LEU A 406 1.37 18.38 3.35
C LEU A 406 1.55 17.49 4.58
N LEU A 407 0.55 17.42 5.47
CA LEU A 407 0.72 16.61 6.67
C LEU A 407 0.53 15.12 6.41
N HIS A 408 -0.35 14.75 5.48
CA HIS A 408 -0.72 13.35 5.31
C HIS A 408 -0.17 12.70 4.05
N ALA A 409 0.46 13.46 3.16
CA ALA A 409 1.08 12.89 1.97
C ALA A 409 2.33 12.11 2.36
N LYS A 410 2.40 10.85 1.91
CA LYS A 410 3.53 9.99 2.25
C LYS A 410 4.05 9.27 1.02
N GLU A 411 3.19 8.50 0.38
CA GLU A 411 3.44 7.87 -0.90
C GLU A 411 2.53 8.47 -1.97
N VAL A 412 2.84 8.16 -3.22
CA VAL A 412 2.13 8.71 -4.36
C VAL A 412 1.31 7.59 -5.00
N GLU A 413 0.07 7.91 -5.35
CA GLU A 413 -0.80 6.91 -5.97
C GLU A 413 -0.49 6.76 -7.45
N ARG A 414 -0.37 7.88 -8.15
CA ARG A 414 -0.03 7.90 -9.57
C ARG A 414 0.98 9.02 -9.81
N LEU A 415 1.95 8.75 -10.68
CA LEU A 415 2.94 9.75 -11.09
C LEU A 415 3.09 9.68 -12.60
N PHE A 416 2.82 10.80 -13.26
CA PHE A 416 2.94 10.91 -14.70
C PHE A 416 4.05 11.91 -15.00
N LEU A 417 5.04 11.47 -15.78
CA LEU A 417 6.17 12.32 -16.16
C LEU A 417 6.23 12.39 -17.68
N GLY A 418 6.11 13.59 -18.23
CA GLY A 418 6.02 13.74 -19.66
C GLY A 418 4.77 13.13 -20.26
N GLY A 419 3.72 12.95 -19.46
CA GLY A 419 2.53 12.25 -19.91
C GLY A 419 2.62 10.75 -19.89
N LYS A 420 3.73 10.19 -19.42
CA LYS A 420 3.94 8.76 -19.33
C LYS A 420 3.73 8.31 -17.90
N ARG A 421 3.10 7.14 -17.73
CA ARG A 421 2.85 6.64 -16.38
C ARG A 421 4.13 6.01 -15.84
N VAL A 422 4.60 6.52 -14.71
CA VAL A 422 5.83 6.07 -14.08
C VAL A 422 5.55 5.22 -12.84
N ILE A 423 4.88 5.80 -11.86
CA ILE A 423 4.51 5.06 -10.67
C ILE A 423 3.00 4.81 -10.70
N MET B 15 13.36 -14.93 36.51
CA MET B 15 14.79 -15.20 36.57
C MET B 15 15.61 -13.94 36.31
N GLN B 16 16.90 -14.13 36.06
CA GLN B 16 17.82 -13.03 35.85
C GLN B 16 18.57 -13.22 34.54
N GLU B 17 18.90 -12.11 33.88
CA GLU B 17 19.57 -12.15 32.59
C GLU B 17 20.32 -10.84 32.38
N ILE B 18 21.28 -10.87 31.46
CA ILE B 18 22.18 -9.75 31.21
C ILE B 18 21.99 -9.27 29.77
N ILE B 19 21.99 -7.95 29.60
CA ILE B 19 21.91 -7.33 28.28
C ILE B 19 22.86 -6.14 28.24
N GLY B 20 23.52 -5.96 27.10
CA GLY B 20 24.42 -4.84 26.93
C GLY B 20 24.44 -4.40 25.48
N ALA B 21 24.74 -3.12 25.29
CA ALA B 21 24.80 -2.53 23.96
C ALA B 21 26.08 -1.72 23.83
N SER B 22 26.40 -1.38 22.59
CA SER B 22 27.58 -0.57 22.34
C SER B 22 27.45 0.82 22.94
N LEU B 23 26.23 1.32 23.10
CA LEU B 23 25.98 2.60 23.76
C LEU B 23 24.81 2.42 24.71
N VAL B 24 24.96 2.90 25.93
CA VAL B 24 23.93 2.79 26.97
C VAL B 24 23.64 4.20 27.48
N PHE B 25 22.37 4.61 27.36
CA PHE B 25 21.93 5.91 27.82
C PHE B 25 21.34 5.75 29.22
N LEU B 26 22.05 6.26 30.23
CA LEU B 26 21.59 6.10 31.61
C LEU B 26 20.32 6.91 31.88
N CYS B 27 20.13 8.02 31.16
CA CYS B 27 18.98 8.90 31.36
C CYS B 27 18.92 9.43 32.80
N ASN B 28 20.09 9.79 33.33
CA ASN B 28 20.21 10.50 34.59
C ASN B 28 20.04 12.00 34.35
N GLU B 29 20.11 12.78 35.43
CA GLU B 29 20.12 14.24 35.25
C GLU B 29 21.44 14.69 34.63
N LYS B 30 22.50 13.90 34.83
CA LYS B 30 23.78 14.13 34.16
C LYS B 30 23.71 13.78 32.68
N CYS B 31 22.75 12.96 32.28
CA CYS B 31 22.59 12.48 30.90
C CYS B 31 23.88 11.82 30.40
N GLU B 32 24.24 10.73 31.07
CA GLU B 32 25.48 10.02 30.78
C GLU B 32 25.25 8.91 29.76
N VAL B 33 26.12 8.86 28.75
CA VAL B 33 26.14 7.80 27.75
C VAL B 33 27.39 6.96 27.99
N LEU B 34 27.21 5.64 28.08
CA LEU B 34 28.31 4.73 28.35
C LEU B 34 28.44 3.75 27.20
N GLU B 35 29.66 3.24 27.02
CA GLU B 35 30.02 2.42 25.88
C GLU B 35 30.31 1.00 26.34
N ASP B 36 29.77 0.03 25.60
CA ASP B 36 29.97 -1.40 25.88
C ASP B 36 29.57 -1.77 27.31
N TYR B 37 28.57 -1.08 27.85
CA TYR B 37 28.08 -1.39 29.19
C TYR B 37 26.96 -2.41 29.11
N GLY B 38 26.70 -3.06 30.25
CA GLY B 38 25.62 -4.01 30.35
C GLY B 38 24.85 -3.78 31.64
N VAL B 39 23.71 -4.44 31.75
CA VAL B 39 22.90 -4.40 32.95
C VAL B 39 22.26 -5.77 33.17
N VAL B 40 22.12 -6.14 34.43
CA VAL B 40 21.47 -7.37 34.86
C VAL B 40 20.11 -6.98 35.42
N PHE B 41 19.08 -7.75 35.10
CA PHE B 41 17.76 -7.36 35.55
C PHE B 41 16.86 -8.58 35.74
N ASP B 42 15.92 -8.45 36.66
CA ASP B 42 14.82 -9.38 36.83
C ASP B 42 13.52 -8.63 36.59
N GLU B 43 12.68 -8.48 37.62
CA GLU B 43 11.59 -7.52 37.51
C GLU B 43 12.08 -6.09 37.63
N LYS B 44 13.18 -5.88 38.35
CA LYS B 44 13.80 -4.57 38.52
C LYS B 44 15.24 -4.65 38.05
N ILE B 45 15.87 -3.48 37.93
CA ILE B 45 17.26 -3.42 37.50
C ILE B 45 18.15 -3.62 38.74
N VAL B 46 19.00 -4.66 38.70
CA VAL B 46 19.80 -5.00 39.87
C VAL B 46 21.17 -4.34 39.83
N GLU B 47 21.94 -4.56 38.76
CA GLU B 47 23.32 -4.06 38.72
C GLU B 47 23.68 -3.57 37.32
N ILE B 48 24.56 -2.56 37.29
CA ILE B 48 25.09 -1.95 36.07
C ILE B 48 26.61 -2.09 36.08
N GLY B 49 27.18 -2.18 34.88
CA GLY B 49 28.62 -2.23 34.76
C GLY B 49 29.03 -2.56 33.34
N ASP B 50 30.35 -2.73 33.16
CA ASP B 50 30.87 -3.14 31.88
C ASP B 50 30.31 -4.51 31.52
N TYR B 51 29.92 -4.67 30.25
CA TYR B 51 29.23 -5.89 29.84
C TYR B 51 30.11 -7.12 30.01
N HIS B 52 31.38 -7.02 29.61
CA HIS B 52 32.26 -8.19 29.69
C HIS B 52 32.57 -8.54 31.14
N ASN B 53 32.85 -7.53 31.97
CA ASN B 53 33.10 -7.81 33.38
C ASN B 53 31.88 -8.40 34.07
N LEU B 54 30.68 -8.02 33.63
CA LEU B 54 29.47 -8.61 34.19
C LEU B 54 29.28 -10.06 33.77
N THR B 55 29.72 -10.41 32.55
CA THR B 55 29.56 -11.79 32.08
C THR B 55 30.51 -12.74 32.80
N LEU B 56 31.60 -12.24 33.39
CA LEU B 56 32.45 -13.07 34.22
C LEU B 56 31.93 -13.14 35.64
N LYS B 57 31.36 -12.04 36.14
CA LYS B 57 30.81 -12.03 37.51
C LYS B 57 29.63 -12.99 37.61
N TYR B 58 28.74 -12.99 36.62
CA TYR B 58 27.56 -13.85 36.59
C TYR B 58 27.62 -14.72 35.35
N PRO B 59 28.51 -15.73 35.35
CA PRO B 59 28.74 -16.50 34.12
C PRO B 59 27.54 -17.30 33.66
N HIS B 60 26.68 -17.77 34.58
CA HIS B 60 25.60 -18.67 34.22
C HIS B 60 24.32 -17.95 33.82
N LEU B 61 24.24 -16.65 34.02
CA LEU B 61 23.08 -15.90 33.57
C LEU B 61 23.11 -15.75 32.05
N LYS B 62 21.94 -15.90 31.43
CA LYS B 62 21.84 -15.69 29.99
C LYS B 62 22.16 -14.24 29.65
N ALA B 63 23.02 -14.04 28.66
CA ALA B 63 23.53 -12.72 28.32
C ALA B 63 23.51 -12.52 26.83
N GLN B 64 23.03 -11.35 26.40
CA GLN B 64 22.99 -10.97 24.99
C GLN B 64 23.62 -9.59 24.84
N PHE B 65 24.50 -9.45 23.85
CA PHE B 65 25.12 -8.16 23.54
C PHE B 65 24.68 -7.70 22.15
N PHE B 66 24.51 -6.39 22.02
CA PHE B 66 24.04 -5.78 20.77
C PHE B 66 25.07 -4.75 20.34
N GLU B 67 25.76 -5.02 19.23
CA GLU B 67 26.75 -4.09 18.70
C GLU B 67 26.10 -3.06 17.79
N ASN B 68 26.65 -1.85 17.81
CA ASN B 68 26.09 -0.72 17.09
C ASN B 68 24.61 -0.52 17.40
N SER B 69 24.27 -0.64 18.68
CA SER B 69 22.92 -0.49 19.19
C SER B 69 22.94 0.43 20.39
N VAL B 70 21.78 0.93 20.77
CA VAL B 70 21.62 1.79 21.93
C VAL B 70 20.63 1.15 22.89
N LEU B 71 21.03 1.04 24.15
CA LEU B 71 20.19 0.48 25.21
C LEU B 71 19.79 1.62 26.14
N LEU B 72 18.49 1.83 26.29
CA LEU B 72 17.97 2.98 27.01
C LEU B 72 16.72 2.62 27.78
N PRO B 73 16.22 3.48 28.68
CA PRO B 73 14.93 3.22 29.30
C PRO B 73 13.82 3.24 28.27
N ALA B 74 12.74 2.52 28.57
CA ALA B 74 11.54 2.65 27.76
C ALA B 74 10.94 4.04 27.96
N PHE B 75 10.37 4.59 26.89
CA PHE B 75 9.91 5.96 26.94
C PHE B 75 8.63 6.06 27.77
N ILE B 76 8.29 7.30 28.14
CA ILE B 76 7.06 7.59 28.87
C ILE B 76 6.36 8.73 28.15
N ASN B 77 5.17 8.47 27.63
CA ASN B 77 4.35 9.47 26.94
C ASN B 77 3.25 9.92 27.90
N ALA B 78 3.43 11.09 28.51
CA ALA B 78 2.58 11.52 29.61
C ALA B 78 1.25 12.12 29.16
N HIS B 79 1.07 12.38 27.86
CA HIS B 79 -0.15 13.00 27.36
C HIS B 79 -0.47 12.40 26.00
N THR B 80 -1.50 11.55 25.97
CA THR B 80 -1.93 10.88 24.73
C THR B 80 -3.39 10.46 24.89
N HIS B 81 -4.26 10.95 24.01
CA HIS B 81 -5.67 10.62 24.01
C HIS B 81 -5.93 9.58 22.92
N PHE B 82 -6.38 8.40 23.33
CA PHE B 82 -6.73 7.32 22.41
C PHE B 82 -8.19 7.34 22.02
N GLU B 83 -8.89 8.45 22.26
CA GLU B 83 -10.27 8.58 21.86
C GLU B 83 -10.43 8.79 20.36
N PHE B 84 -9.36 9.12 19.65
CA PHE B 84 -9.41 9.31 18.21
C PHE B 84 -8.56 8.28 17.49
N ALA B 89 -7.91 13.05 8.80
CA ALA B 89 -8.01 14.48 8.52
C ALA B 89 -8.96 15.16 9.50
N SER B 90 -10.20 15.37 9.05
CA SER B 90 -11.29 15.89 9.86
C SER B 90 -11.06 17.33 10.34
N PHE B 91 -10.30 17.50 11.43
CA PHE B 91 -10.25 18.78 12.11
C PHE B 91 -9.42 19.80 11.35
N ASP B 92 -9.66 21.07 11.65
CA ASP B 92 -8.99 22.17 10.97
C ASP B 92 -7.74 22.58 11.74
N TYR B 93 -6.63 22.71 11.02
CA TYR B 93 -5.38 23.17 11.60
C TYR B 93 -5.02 24.53 11.01
N GLY B 94 -4.27 25.32 11.80
CA GLY B 94 -3.93 26.68 11.47
C GLY B 94 -4.39 27.69 12.49
N SER B 95 -5.31 27.31 13.37
CA SER B 95 -5.87 28.18 14.38
C SER B 95 -6.38 27.31 15.52
N PHE B 96 -6.32 27.84 16.74
CA PHE B 96 -6.95 27.15 17.85
C PHE B 96 -8.47 27.30 17.82
N SER B 97 -8.95 28.51 17.55
CA SER B 97 -10.38 28.73 17.38
C SER B 97 -10.94 27.88 16.24
N GLY B 98 -10.21 27.79 15.14
CA GLY B 98 -10.65 26.97 14.03
C GLY B 98 -10.64 25.48 14.34
N TRP B 99 -9.71 25.04 15.19
CA TRP B 99 -9.65 23.62 15.52
C TRP B 99 -10.71 23.25 16.57
N LEU B 100 -10.88 24.10 17.60
CA LEU B 100 -11.91 23.83 18.59
C LEU B 100 -13.30 23.94 17.97
N GLY B 101 -13.52 24.95 17.12
CA GLY B 101 -14.77 25.03 16.39
C GLY B 101 -15.04 23.81 15.55
N SER B 102 -13.99 23.28 14.90
CA SER B 102 -14.14 22.10 14.06
C SER B 102 -14.27 20.82 14.88
N VAL B 103 -13.78 20.79 16.11
CA VAL B 103 -14.01 19.63 16.96
C VAL B 103 -15.40 19.68 17.56
N LEU B 104 -15.91 20.87 17.85
CA LEU B 104 -17.25 21.02 18.39
C LEU B 104 -18.31 21.03 17.29
N ASN B 105 -17.94 21.37 16.06
CA ASN B 105 -18.84 21.11 14.93
C ASN B 105 -19.02 19.62 14.71
N ASN B 106 -18.09 18.80 15.21
CA ASN B 106 -18.29 17.35 15.21
C ASN B 106 -19.30 16.94 16.28
N GLY B 107 -19.40 17.71 17.36
CA GLY B 107 -20.30 17.41 18.46
C GLY B 107 -20.16 16.01 19.04
N CYS B 114 -14.06 3.09 17.46
CA CYS B 114 -12.82 3.60 18.04
C CYS B 114 -12.05 2.45 18.69
N GLN B 115 -12.79 1.40 19.06
CA GLN B 115 -12.22 0.23 19.72
C GLN B 115 -11.11 -0.41 18.91
N GLY B 116 -11.22 -0.40 17.59
CA GLY B 116 -10.24 -1.09 16.74
C GLY B 116 -8.97 -0.31 16.50
N ALA B 117 -9.09 1.02 16.36
CA ALA B 117 -7.88 1.83 16.26
C ALA B 117 -7.14 1.85 17.59
N ILE B 118 -7.86 1.72 18.70
CA ILE B 118 -7.23 1.71 20.02
C ILE B 118 -6.34 0.49 20.19
N GLN B 119 -6.77 -0.67 19.69
CA GLN B 119 -5.93 -1.85 19.87
C GLN B 119 -4.68 -1.80 18.99
N ASN B 120 -4.73 -1.03 17.91
CA ASN B 120 -3.58 -0.82 17.03
C ASN B 120 -2.83 0.47 17.33
N ALA B 121 -3.39 1.37 18.14
CA ALA B 121 -2.67 2.59 18.51
C ALA B 121 -1.77 2.35 19.71
N ILE B 122 -2.10 1.37 20.55
CA ILE B 122 -1.16 0.94 21.58
C ILE B 122 0.08 0.34 20.91
N MET B 123 -0.13 -0.39 19.82
CA MET B 123 0.97 -1.01 19.09
C MET B 123 1.91 0.02 18.47
N ALA B 124 1.44 1.24 18.24
CA ALA B 124 2.32 2.29 17.74
C ALA B 124 3.24 2.84 18.83
N GLN B 125 2.88 2.65 20.10
CA GLN B 125 3.71 3.06 21.22
C GLN B 125 4.73 1.99 21.60
N LEU B 126 4.34 0.72 21.56
CA LEU B 126 5.26 -0.36 21.90
C LEU B 126 6.41 -0.41 20.91
N LYS B 127 6.10 -0.34 19.61
CA LYS B 127 7.13 -0.41 18.58
C LYS B 127 8.00 0.84 18.54
N SER B 128 7.52 1.96 19.09
CA SER B 128 8.34 3.16 19.20
C SER B 128 9.22 3.16 20.43
N GLY B 129 9.11 2.16 21.29
CA GLY B 129 9.89 2.07 22.51
C GLY B 129 9.25 2.67 23.73
N VAL B 130 7.95 2.94 23.69
CA VAL B 130 7.24 3.53 24.82
C VAL B 130 6.71 2.41 25.70
N GLY B 131 7.00 2.50 27.00
CA GLY B 131 6.55 1.48 27.93
C GLY B 131 5.52 1.98 28.91
N SER B 132 5.44 3.29 29.09
CA SER B 132 4.48 3.91 29.99
C SER B 132 3.79 5.08 29.29
N VAL B 133 2.49 5.22 29.52
CA VAL B 133 1.71 6.28 28.90
C VAL B 133 0.81 6.91 29.96
N GLY B 134 0.68 8.24 29.90
CA GLY B 134 -0.33 8.93 30.68
C GLY B 134 -1.50 9.31 29.81
N ALA B 135 -2.48 8.41 29.72
CA ALA B 135 -3.60 8.59 28.80
C ALA B 135 -4.75 9.31 29.49
N ILE B 136 -5.30 10.32 28.83
CA ILE B 136 -6.49 11.01 29.30
C ILE B 136 -7.70 10.36 28.64
N SER B 137 -8.69 9.99 29.45
CA SER B 137 -9.87 9.30 28.96
C SER B 137 -11.12 9.99 29.50
N ASN B 138 -12.16 10.02 28.68
CA ASN B 138 -13.44 10.62 29.06
C ASN B 138 -14.53 9.60 29.34
N HIS B 139 -14.52 8.45 28.66
CA HIS B 139 -15.57 7.45 28.83
C HIS B 139 -15.04 6.07 29.19
N LEU B 140 -13.76 5.94 29.53
CA LEU B 140 -13.17 4.68 29.98
C LEU B 140 -13.31 3.59 28.91
N ILE B 141 -13.15 3.98 27.64
CA ILE B 141 -13.33 3.03 26.56
C ILE B 141 -12.08 2.17 26.35
N GLU B 142 -10.90 2.77 26.45
CA GLU B 142 -9.65 2.08 26.14
C GLU B 142 -8.98 1.47 27.35
N VAL B 143 -9.53 1.66 28.56
CA VAL B 143 -8.85 1.19 29.76
C VAL B 143 -8.77 -0.33 29.79
N ASN B 144 -9.78 -1.01 29.25
CA ASN B 144 -9.77 -2.47 29.29
C ASN B 144 -8.66 -3.06 28.42
N LEU B 145 -8.38 -2.43 27.28
CA LEU B 145 -7.31 -2.91 26.42
C LEU B 145 -5.93 -2.51 26.93
N LEU B 146 -5.84 -1.38 27.63
CA LEU B 146 -4.58 -0.99 28.25
C LEU B 146 -4.17 -1.96 29.35
N LYS B 147 -5.14 -2.67 29.93
CA LYS B 147 -4.83 -3.62 31.00
C LYS B 147 -4.19 -4.91 30.50
N GLU B 148 -4.66 -5.46 29.37
CA GLU B 148 -4.00 -6.64 28.81
C GLU B 148 -2.74 -6.28 28.04
N SER B 149 -2.55 -5.02 27.70
CA SER B 149 -1.31 -4.60 27.10
C SER B 149 -0.20 -4.59 28.15
N PRO B 150 1.05 -4.79 27.74
CA PRO B 150 2.17 -4.67 28.70
C PRO B 150 2.43 -3.25 29.16
N LEU B 151 1.73 -2.27 28.59
CA LEU B 151 2.00 -0.86 28.89
C LEU B 151 1.75 -0.55 30.36
N ASN B 152 2.62 0.29 30.92
CA ASN B 152 2.31 0.96 32.17
C ASN B 152 1.34 2.09 31.89
N ALA B 153 0.22 2.12 32.61
CA ALA B 153 -0.86 3.03 32.30
C ALA B 153 -1.16 3.93 33.49
N VAL B 154 -1.36 5.22 33.22
CA VAL B 154 -1.86 6.17 34.20
C VAL B 154 -3.02 6.90 33.52
N VAL B 155 -4.22 6.36 33.68
CA VAL B 155 -5.40 6.93 33.04
C VAL B 155 -5.90 8.11 33.86
N PHE B 156 -5.97 9.28 33.23
CA PHE B 156 -6.59 10.46 33.81
C PHE B 156 -8.02 10.54 33.27
N LEU B 157 -9.01 10.41 34.14
CA LEU B 157 -10.39 10.61 33.71
C LEU B 157 -10.66 12.11 33.68
N GLU B 158 -10.98 12.63 32.51
CA GLU B 158 -11.05 14.06 32.30
C GLU B 158 -12.46 14.57 32.60
N PHE B 159 -12.53 15.77 33.16
CA PHE B 159 -13.80 16.36 33.56
C PHE B 159 -14.08 17.53 32.64
N LEU B 160 -15.29 17.56 32.08
CA LEU B 160 -15.63 18.65 31.17
C LEU B 160 -16.98 19.22 31.56
N GLY B 161 -16.99 20.48 31.95
CA GLY B 161 -18.25 21.09 32.33
C GLY B 161 -18.17 22.53 32.80
N SER B 162 -18.76 23.44 32.03
CA SER B 162 -18.68 24.87 32.32
C SER B 162 -19.86 25.39 33.14
N SER B 163 -20.80 24.53 33.52
CA SER B 163 -21.91 24.90 34.38
C SER B 163 -21.89 23.98 35.59
N TYR B 164 -22.18 24.54 36.77
CA TYR B 164 -22.25 23.70 37.95
C TYR B 164 -23.45 22.77 37.87
N SER B 165 -23.24 21.50 38.19
CA SER B 165 -24.30 20.51 38.17
C SER B 165 -23.95 19.43 39.18
N LEU B 166 -24.63 19.43 40.33
CA LEU B 166 -24.42 18.41 41.33
C LEU B 166 -24.80 17.02 40.84
N GLU B 167 -25.68 16.94 39.83
CA GLU B 167 -26.07 15.64 39.30
C GLU B 167 -24.91 14.98 38.56
N LYS B 168 -24.28 15.71 37.65
CA LYS B 168 -23.11 15.19 36.95
C LYS B 168 -21.86 15.17 37.82
N LEU B 169 -21.83 15.98 38.88
CA LEU B 169 -20.70 15.94 39.80
C LEU B 169 -20.58 14.57 40.46
N LYS B 170 -21.72 13.93 40.73
CA LYS B 170 -21.71 12.59 41.30
C LYS B 170 -21.73 11.48 40.25
N ALA B 171 -22.10 11.82 39.00
CA ALA B 171 -21.91 10.88 37.89
C ALA B 171 -20.46 10.81 37.45
N PHE B 172 -19.65 11.80 37.81
CA PHE B 172 -18.22 11.79 37.54
C PHE B 172 -17.42 11.16 38.66
N GLU B 173 -17.86 11.34 39.90
CA GLU B 173 -17.24 10.67 41.04
C GLU B 173 -17.69 9.22 41.16
N ALA B 174 -18.65 8.80 40.34
CA ALA B 174 -19.02 7.39 40.22
C ALA B 174 -18.29 6.71 39.08
N LYS B 175 -17.91 7.45 38.04
CA LYS B 175 -17.08 6.89 36.98
C LYS B 175 -15.64 6.71 37.45
N PHE B 176 -15.19 7.57 38.37
CA PHE B 176 -13.86 7.40 38.95
C PHE B 176 -13.80 6.16 39.83
N LYS B 177 -14.91 5.86 40.53
CA LYS B 177 -14.97 4.64 41.34
C LYS B 177 -14.85 3.40 40.47
N GLU B 178 -15.34 3.45 39.23
CA GLU B 178 -15.13 2.34 38.31
C GLU B 178 -13.67 2.24 37.89
N LEU B 179 -12.95 3.37 37.88
CA LEU B 179 -11.54 3.34 37.56
C LEU B 179 -10.72 2.79 38.72
N LYS B 180 -11.05 3.19 39.95
CA LYS B 180 -10.33 2.70 41.12
C LYS B 180 -10.61 1.22 41.39
N ASP B 181 -11.67 0.67 40.83
CA ASP B 181 -11.96 -0.75 40.93
C ASP B 181 -11.32 -1.56 39.82
N LEU B 182 -10.53 -0.92 38.96
CA LEU B 182 -9.82 -1.58 37.88
C LEU B 182 -8.30 -1.40 37.97
N GLU B 183 -7.80 -0.89 39.09
CA GLU B 183 -6.38 -0.62 39.24
C GLU B 183 -5.59 -1.91 39.37
N ASP B 184 -4.33 -1.85 38.94
CA ASP B 184 -3.41 -2.98 39.04
C ASP B 184 -2.06 -2.44 39.51
N GLN B 185 -1.01 -3.22 39.24
CA GLN B 185 0.34 -2.74 39.40
C GLN B 185 0.84 -2.02 38.16
N LYS B 186 0.09 -2.12 37.05
CA LYS B 186 0.40 -1.48 35.78
C LYS B 186 -0.49 -0.30 35.46
N LEU B 187 -1.68 -0.25 36.02
CA LEU B 187 -2.64 0.84 35.78
C LEU B 187 -2.91 1.54 37.10
N LYS B 188 -2.66 2.84 37.11
CA LYS B 188 -2.82 3.72 38.26
C LYS B 188 -3.98 4.65 37.90
N ALA B 189 -4.84 5.02 38.84
CA ALA B 189 -5.98 5.86 38.48
C ALA B 189 -5.64 7.32 38.79
N ALA B 190 -5.94 8.23 37.83
CA ALA B 190 -5.71 9.66 38.02
C ALA B 190 -6.93 10.44 37.54
N LEU B 191 -6.86 11.76 37.67
CA LEU B 191 -7.97 12.63 37.31
C LEU B 191 -7.46 13.88 36.62
N ALA B 192 -8.26 14.42 35.69
CA ALA B 192 -7.85 15.56 34.89
C ALA B 192 -8.94 16.62 34.84
N VAL B 193 -8.51 17.87 34.93
CA VAL B 193 -9.34 19.04 34.67
C VAL B 193 -8.87 19.64 33.36
N HIS B 194 -9.78 19.75 32.39
CA HIS B 194 -9.51 20.06 31.00
C HIS B 194 -8.77 21.39 30.83
N ALA B 195 -9.47 22.50 30.98
CA ALA B 195 -8.90 23.80 30.63
C ALA B 195 -9.58 24.88 31.45
N PRO B 196 -8.98 26.08 31.53
CA PRO B 196 -9.63 27.21 32.20
C PRO B 196 -10.84 27.78 31.46
N TYR B 197 -11.14 27.29 30.26
CA TYR B 197 -12.32 27.75 29.53
C TYR B 197 -13.45 26.74 29.53
N SER B 198 -13.22 25.55 30.04
CA SER B 198 -14.15 24.46 29.90
C SER B 198 -14.69 23.91 31.22
N VAL B 199 -14.12 24.31 32.36
CA VAL B 199 -14.49 23.75 33.66
C VAL B 199 -14.78 24.91 34.60
N GLN B 200 -15.96 24.92 35.19
CA GLN B 200 -16.34 25.95 36.15
C GLN B 200 -15.51 25.84 37.42
N LYS B 201 -15.34 26.96 38.11
CA LYS B 201 -14.44 27.03 39.25
C LYS B 201 -14.84 26.04 40.35
N ASP B 202 -16.14 25.95 40.65
CA ASP B 202 -16.58 25.09 41.73
C ASP B 202 -16.73 23.64 41.31
N MET B 203 -16.62 23.35 40.01
CA MET B 203 -16.55 21.97 39.56
C MET B 203 -15.13 21.44 39.57
N ALA B 204 -14.13 22.32 39.50
CA ALA B 204 -12.74 21.91 39.60
C ALA B 204 -12.31 21.78 41.05
N LEU B 205 -12.84 22.63 41.93
CA LEU B 205 -12.54 22.49 43.35
C LEU B 205 -12.99 21.14 43.90
N SER B 206 -14.06 20.58 43.32
CA SER B 206 -14.50 19.24 43.71
C SER B 206 -13.63 18.16 43.10
N VAL B 207 -13.28 18.29 41.81
CA VAL B 207 -12.37 17.34 41.18
C VAL B 207 -11.02 17.34 41.89
N ILE B 208 -10.47 18.53 42.16
CA ILE B 208 -9.18 18.62 42.83
C ILE B 208 -9.25 18.01 44.22
N GLN B 209 -10.32 18.30 44.96
CA GLN B 209 -10.46 17.74 46.30
C GLN B 209 -10.57 16.22 46.26
N LEU B 210 -11.26 15.67 45.27
CA LEU B 210 -11.36 14.22 45.15
C LEU B 210 -10.01 13.60 44.81
N ALA B 211 -9.16 14.33 44.08
CA ALA B 211 -7.82 13.83 43.81
C ALA B 211 -7.00 13.80 45.09
N LYS B 212 -7.09 14.85 45.91
CA LYS B 212 -6.47 14.81 47.23
C LYS B 212 -7.06 13.69 48.07
N ASP B 213 -8.38 13.53 48.03
CA ASP B 213 -9.03 12.46 48.79
C ASP B 213 -8.55 11.08 48.32
N SER B 214 -8.52 10.85 47.02
CA SER B 214 -8.12 9.57 46.46
C SER B 214 -6.61 9.45 46.23
N GLN B 215 -5.85 10.51 46.50
CA GLN B 215 -4.39 10.54 46.34
C GLN B 215 -3.96 10.10 44.93
N SER B 216 -4.38 10.89 43.95
CA SER B 216 -4.10 10.64 42.54
C SER B 216 -3.60 11.91 41.85
N LEU B 217 -3.12 11.75 40.63
CA LEU B 217 -2.48 12.82 39.86
C LEU B 217 -3.51 13.72 39.19
N LEU B 218 -3.06 14.94 38.91
CA LEU B 218 -3.84 15.96 38.23
C LEU B 218 -3.15 16.34 36.93
N SER B 219 -3.89 16.27 35.82
CA SER B 219 -3.43 16.82 34.54
C SER B 219 -4.38 17.93 34.10
N THR B 220 -3.84 18.90 33.37
CA THR B 220 -4.67 20.01 32.90
C THR B 220 -4.01 20.68 31.70
N HIS B 221 -4.86 21.22 30.82
CA HIS B 221 -4.40 22.05 29.71
C HIS B 221 -4.38 23.49 30.19
N PHE B 222 -3.22 24.14 30.09
CA PHE B 222 -3.04 25.48 30.62
C PHE B 222 -2.46 26.38 29.55
N LEU B 223 -3.04 27.57 29.40
CA LEU B 223 -2.68 28.59 28.41
C LEU B 223 -2.09 28.00 27.14
N GLU B 224 -2.91 27.22 26.42
CA GLU B 224 -2.49 26.58 25.18
C GLU B 224 -2.66 27.48 23.97
N SER B 225 -3.45 28.54 24.07
CA SER B 225 -3.77 29.38 22.94
C SER B 225 -3.68 30.85 23.34
N LEU B 226 -3.61 31.71 22.31
CA LEU B 226 -3.72 33.14 22.54
C LEU B 226 -5.15 33.55 22.85
N GLU B 227 -6.14 32.79 22.37
CA GLU B 227 -7.52 33.11 22.67
C GLU B 227 -7.87 32.80 24.12
N GLU B 228 -7.27 31.76 24.70
CA GLU B 228 -7.52 31.45 26.11
C GLU B 228 -6.83 32.47 27.01
N LEU B 229 -5.69 33.01 26.56
CA LEU B 229 -5.01 34.04 27.34
C LEU B 229 -5.84 35.32 27.34
N GLU B 230 -6.39 35.70 26.19
CA GLU B 230 -7.27 36.86 26.12
C GLU B 230 -8.51 36.65 26.99
N TRP B 231 -9.01 35.42 27.05
CA TRP B 231 -10.21 35.13 27.81
C TRP B 231 -9.95 35.16 29.32
N VAL B 232 -8.88 34.50 29.75
CA VAL B 232 -8.63 34.36 31.19
C VAL B 232 -8.16 35.68 31.79
N GLU B 233 -7.48 36.52 31.01
CA GLU B 233 -6.90 37.74 31.57
C GLU B 233 -7.91 38.89 31.62
N ASN B 234 -8.59 39.16 30.50
CA ASN B 234 -9.43 40.34 30.39
C ASN B 234 -10.85 40.04 29.92
N SER B 235 -11.25 38.76 29.90
CA SER B 235 -12.60 38.37 29.49
C SER B 235 -12.97 38.96 28.12
N LYS B 236 -12.06 38.80 27.16
CA LYS B 236 -12.27 39.29 25.81
C LYS B 236 -11.82 38.21 24.83
N GLY B 237 -11.98 38.48 23.55
CA GLY B 237 -11.49 37.59 22.52
C GLY B 237 -12.55 36.66 21.96
N TRP B 238 -12.07 35.58 21.35
CA TRP B 238 -12.91 34.61 20.66
C TRP B 238 -13.83 33.83 21.59
N PHE B 239 -13.67 33.96 22.90
CA PHE B 239 -14.43 33.16 23.86
C PHE B 239 -15.67 33.86 24.38
N GLU B 240 -15.94 35.09 23.94
CA GLU B 240 -17.23 35.71 24.25
C GLU B 240 -18.38 34.88 23.69
N ASN B 241 -18.17 34.32 22.51
CA ASN B 241 -19.20 33.58 21.77
C ASN B 241 -19.11 32.08 21.95
N PHE B 242 -18.18 31.59 22.77
CA PHE B 242 -17.94 30.15 22.83
C PHE B 242 -19.06 29.43 23.58
N TYR B 243 -19.47 29.97 24.73
CA TYR B 243 -20.48 29.29 25.54
C TYR B 243 -21.86 29.40 24.92
N GLN B 244 -22.09 30.39 24.06
CA GLN B 244 -23.39 30.55 23.42
C GLN B 244 -23.54 29.60 22.24
N ARG B 245 -22.58 29.60 21.32
CA ARG B 245 -22.74 28.88 20.07
C ARG B 245 -22.60 27.37 20.26
N PHE B 246 -21.72 26.92 21.16
CA PHE B 246 -21.36 25.51 21.24
C PHE B 246 -21.86 24.81 22.49
N LEU B 247 -22.11 25.51 23.59
CA LEU B 247 -22.40 24.87 24.86
C LEU B 247 -23.85 25.04 25.31
N LYS B 248 -24.66 25.79 24.56
CA LYS B 248 -26.05 26.04 24.92
C LYS B 248 -26.19 26.71 26.29
N GLU B 249 -25.15 27.45 26.71
CA GLU B 249 -25.19 28.23 27.94
C GLU B 249 -25.08 29.71 27.59
N SER B 250 -25.48 30.56 28.53
CA SER B 250 -25.47 32.01 28.32
C SER B 250 -24.48 32.58 29.30
N ASN B 251 -23.20 32.49 28.93
CA ASN B 251 -22.12 33.02 29.74
C ASN B 251 -21.23 33.90 28.88
N PHE B 252 -20.93 35.09 29.38
CA PHE B 252 -20.14 36.08 28.65
C PHE B 252 -18.97 36.60 29.46
N THR B 253 -18.61 35.95 30.56
CA THR B 253 -17.47 36.34 31.36
C THR B 253 -16.66 35.11 31.72
N SER B 254 -15.38 35.33 32.03
CA SER B 254 -14.47 34.23 32.28
C SER B 254 -14.84 33.46 33.54
N LEU B 255 -14.60 32.14 33.50
CA LEU B 255 -14.85 31.32 34.68
C LEU B 255 -13.85 31.60 35.78
N TYR B 256 -12.71 32.19 35.45
CA TYR B 256 -11.66 32.52 36.41
C TYR B 256 -11.18 33.94 36.18
N GLU B 257 -10.91 34.66 37.27
CA GLU B 257 -10.55 36.07 37.19
C GLU B 257 -9.03 36.22 37.20
N GLY B 258 -8.42 35.82 36.09
CA GLY B 258 -6.99 35.92 35.92
C GLY B 258 -6.33 34.55 35.93
N ALA B 259 -5.09 34.53 35.42
CA ALA B 259 -4.33 33.28 35.33
C ALA B 259 -3.99 32.73 36.70
N ASN B 260 -3.73 33.60 37.67
CA ASN B 260 -3.34 33.14 39.00
C ASN B 260 -4.53 32.52 39.74
N ASP B 261 -5.76 32.92 39.39
CA ASP B 261 -6.92 32.34 40.05
C ASP B 261 -7.10 30.86 39.69
N TYR B 262 -6.72 30.49 38.46
CA TYR B 262 -6.78 29.09 38.04
C TYR B 262 -5.65 28.28 38.65
N ILE B 263 -4.47 28.89 38.82
CA ILE B 263 -3.30 28.15 39.29
C ILE B 263 -3.46 27.78 40.76
N ASP B 264 -3.87 28.74 41.59
CA ASP B 264 -3.95 28.52 43.03
C ASP B 264 -4.89 27.39 43.43
N MET B 265 -5.75 26.92 42.52
CA MET B 265 -6.56 25.75 42.83
C MET B 265 -5.73 24.48 42.93
N PHE B 266 -4.59 24.45 42.24
CA PHE B 266 -3.70 23.29 42.23
C PHE B 266 -2.56 23.43 43.22
N LYS B 267 -2.71 24.29 44.22
CA LYS B 267 -1.67 24.47 45.23
C LYS B 267 -1.51 23.21 46.05
N ASP B 268 -0.25 22.82 46.28
CA ASP B 268 0.10 21.65 47.10
C ASP B 268 -0.46 20.37 46.50
N THR B 269 -0.09 20.11 45.24
CA THR B 269 -0.53 18.89 44.58
C THR B 269 0.56 18.41 43.61
N HIS B 270 0.22 17.40 42.83
CA HIS B 270 1.09 16.80 41.83
C HIS B 270 0.43 16.96 40.46
N THR B 271 0.44 18.20 39.95
CA THR B 271 -0.38 18.57 38.81
C THR B 271 0.46 18.60 37.54
N LEU B 272 -0.03 17.94 36.51
CA LEU B 272 0.60 17.96 35.18
C LEU B 272 0.02 19.12 34.39
N PHE B 273 0.87 20.07 34.02
CA PHE B 273 0.47 21.26 33.27
C PHE B 273 0.91 21.08 31.81
N VAL B 274 -0.05 20.89 30.92
CA VAL B 274 0.23 20.62 29.51
C VAL B 274 0.27 21.93 28.74
N HIS B 275 1.11 21.96 27.71
CA HIS B 275 1.22 23.04 26.72
C HIS B 275 1.91 24.27 27.29
N ASN B 276 1.15 25.18 27.91
CA ASN B 276 1.69 26.37 28.56
C ASN B 276 2.55 27.21 27.61
N GLN B 277 2.20 27.23 26.32
CA GLN B 277 2.96 28.05 25.38
C GLN B 277 2.69 29.55 25.55
N PHE B 278 1.58 29.92 26.19
CA PHE B 278 1.22 31.32 26.36
C PHE B 278 1.25 31.75 27.82
N ALA B 279 1.78 30.93 28.71
CA ALA B 279 1.98 31.32 30.09
C ALA B 279 3.23 32.17 30.23
N SER B 280 3.09 33.34 30.85
CA SER B 280 4.23 34.23 31.01
C SER B 280 5.14 33.71 32.11
N LEU B 281 6.33 34.31 32.20
CA LEU B 281 7.29 33.90 33.22
C LEU B 281 6.72 34.06 34.62
N GLU B 282 5.94 35.11 34.84
CA GLU B 282 5.26 35.27 36.13
C GLU B 282 4.26 34.13 36.34
N ALA B 283 3.63 33.67 35.26
CA ALA B 283 2.68 32.57 35.40
C ALA B 283 3.38 31.25 35.74
N LEU B 284 4.54 30.96 35.12
CA LEU B 284 5.17 29.69 35.48
C LEU B 284 5.91 29.79 36.80
N LYS B 285 6.43 30.97 37.14
CA LYS B 285 6.98 31.14 38.49
C LYS B 285 5.90 30.93 39.54
N ARG B 286 4.68 31.34 39.23
CA ARG B 286 3.56 31.10 40.14
C ARG B 286 3.24 29.62 40.22
N ILE B 287 3.29 28.91 39.09
CA ILE B 287 3.00 27.48 39.09
C ILE B 287 4.02 26.73 39.96
N LYS B 288 5.30 27.06 39.79
CA LYS B 288 6.34 26.40 40.59
C LYS B 288 6.20 26.73 42.07
N SER B 289 6.01 28.01 42.40
CA SER B 289 5.96 28.42 43.79
C SER B 289 4.70 27.96 44.50
N GLN B 290 3.61 27.74 43.77
CA GLN B 290 2.33 27.41 44.39
C GLN B 290 1.92 25.95 44.25
N VAL B 291 2.06 25.35 43.07
CA VAL B 291 1.72 23.94 42.89
C VAL B 291 2.72 23.02 43.58
N LYS B 292 3.92 23.52 43.86
CA LYS B 292 4.99 22.81 44.58
C LYS B 292 5.52 21.58 43.84
N ASN B 293 4.64 20.73 43.32
CA ASN B 293 5.10 19.61 42.50
C ASN B 293 4.48 19.64 41.10
N ALA B 294 4.75 20.70 40.36
CA ALA B 294 4.22 20.88 39.01
C ALA B 294 5.16 20.27 37.97
N PHE B 295 4.56 19.73 36.91
CA PHE B 295 5.32 19.11 35.81
C PHE B 295 4.76 19.63 34.49
N LEU B 296 5.59 20.38 33.77
CA LEU B 296 5.20 20.91 32.47
C LEU B 296 5.37 19.84 31.39
N ILE B 297 4.31 19.62 30.61
CA ILE B 297 4.34 18.71 29.47
C ILE B 297 4.20 19.52 28.20
N THR B 298 4.98 19.15 27.18
CA THR B 298 4.95 19.83 25.90
C THR B 298 4.77 18.83 24.78
N CYS B 299 4.04 19.24 23.74
CA CYS B 299 3.77 18.43 22.56
C CYS B 299 4.04 19.29 21.34
N PRO B 300 5.27 19.24 20.80
CA PRO B 300 5.65 20.17 19.72
C PRO B 300 4.71 20.21 18.51
N PHE B 301 4.32 19.06 17.98
CA PHE B 301 3.56 19.06 16.74
C PHE B 301 2.16 19.65 16.90
N SER B 302 1.49 19.35 18.01
CA SER B 302 0.13 19.86 18.19
C SER B 302 0.10 21.37 18.38
N ASN B 303 1.17 21.94 18.94
CA ASN B 303 1.24 23.39 19.07
C ASN B 303 1.35 24.08 17.72
N ARG B 304 2.03 23.45 16.76
CA ARG B 304 2.21 24.06 15.45
C ARG B 304 0.90 24.12 14.69
N LEU B 305 0.15 23.01 14.67
CA LEU B 305 -1.10 22.98 13.93
C LEU B 305 -2.16 23.89 14.56
N LEU B 306 -2.19 23.97 15.88
CA LEU B 306 -3.22 24.72 16.59
C LEU B 306 -2.78 26.17 16.83
N SER B 307 -2.44 26.47 18.10
CA SER B 307 -2.02 27.81 18.48
C SER B 307 -1.01 28.42 17.51
N GLY B 308 -0.03 27.63 17.08
CA GLY B 308 1.02 28.10 16.21
C GLY B 308 2.25 28.65 16.89
N LYS B 309 2.24 28.76 18.21
CA LYS B 309 3.36 29.28 18.97
C LYS B 309 4.02 28.14 19.74
N ALA B 310 5.33 27.97 19.55
CA ALA B 310 6.07 26.93 20.23
C ALA B 310 6.42 27.37 21.65
N LEU B 311 6.62 26.39 22.52
CA LEU B 311 6.97 26.67 23.90
C LEU B 311 8.35 27.31 23.98
N ASP B 312 8.45 28.41 24.71
CA ASP B 312 9.74 29.09 24.93
C ASP B 312 10.49 28.31 25.99
N LEU B 313 11.44 27.48 25.56
CA LEU B 313 12.16 26.62 26.50
C LEU B 313 13.09 27.40 27.41
N GLU B 314 13.53 28.59 27.01
CA GLU B 314 14.30 29.42 27.91
C GLU B 314 13.43 29.95 29.05
N ARG B 315 12.22 30.40 28.72
CA ARG B 315 11.28 30.84 29.75
C ARG B 315 10.96 29.73 30.74
N VAL B 316 10.92 28.49 30.26
CA VAL B 316 10.66 27.35 31.14
C VAL B 316 11.74 27.25 32.20
N ARG B 317 13.00 27.35 31.79
CA ARG B 317 14.10 27.21 32.74
C ARG B 317 14.44 28.52 33.45
N GLU B 318 14.06 29.67 32.90
CA GLU B 318 14.14 30.92 33.65
C GLU B 318 13.22 30.90 34.86
N ALA B 319 12.16 30.08 34.83
CA ALA B 319 11.25 29.97 35.95
C ALA B 319 11.62 28.84 36.91
N GLY B 320 12.47 27.92 36.48
CA GLY B 320 12.90 26.82 37.32
C GLY B 320 12.17 25.52 37.12
N LEU B 321 11.55 25.32 35.96
CA LEU B 321 10.80 24.09 35.68
C LEU B 321 11.44 23.36 34.50
N SER B 322 10.98 22.13 34.29
CA SER B 322 11.46 21.29 33.20
C SER B 322 10.27 20.75 32.43
N VAL B 323 10.55 20.24 31.23
CA VAL B 323 9.51 19.81 30.32
C VAL B 323 9.64 18.32 30.05
N SER B 324 8.50 17.69 29.77
CA SER B 324 8.46 16.36 29.19
C SER B 324 7.82 16.47 27.82
N VAL B 325 8.19 15.56 26.92
CA VAL B 325 7.75 15.61 25.54
C VAL B 325 6.68 14.54 25.35
N ALA B 326 5.54 14.93 24.79
CA ALA B 326 4.43 14.03 24.60
C ALA B 326 3.88 14.19 23.19
N THR B 327 3.29 13.11 22.68
CA THR B 327 2.73 13.12 21.34
C THR B 327 1.40 13.85 21.27
N ASP B 328 0.76 14.08 22.41
CA ASP B 328 -0.64 14.51 22.48
C ASP B 328 -1.43 13.37 21.85
N GLY B 329 -2.55 13.69 21.20
CA GLY B 329 -3.36 12.71 20.52
C GLY B 329 -3.36 12.94 19.01
N LEU B 330 -3.93 11.95 18.31
CA LEU B 330 -4.18 12.15 16.89
C LEU B 330 -5.33 13.09 16.64
N SER B 331 -5.77 13.74 17.72
CA SER B 331 -6.74 14.83 17.61
C SER B 331 -6.11 16.04 16.94
N SER B 332 -4.79 16.18 17.02
CA SER B 332 -4.09 17.36 16.50
C SER B 332 -2.65 17.01 16.16
N ASN B 333 -2.45 15.83 15.58
CA ASN B 333 -1.13 15.34 15.23
C ASN B 333 -1.29 14.30 14.13
N ILE B 334 -0.18 13.92 13.52
CA ILE B 334 -0.20 13.00 12.39
C ILE B 334 0.46 11.66 12.68
N SER B 335 1.25 11.55 13.74
CA SER B 335 1.85 10.28 14.12
C SER B 335 2.11 10.30 15.62
N LEU B 336 1.69 9.23 16.30
CA LEU B 336 1.87 9.11 17.73
C LEU B 336 3.12 8.33 18.10
N SER B 337 4.08 8.23 17.18
CA SER B 337 5.40 7.70 17.49
C SER B 337 6.18 8.77 18.24
N LEU B 338 6.57 8.45 19.48
CA LEU B 338 7.26 9.44 20.31
C LEU B 338 8.57 9.89 19.70
N LEU B 339 9.21 9.04 18.88
CA LEU B 339 10.46 9.42 18.24
C LEU B 339 10.24 10.52 17.20
N ASP B 340 9.20 10.38 16.39
CA ASP B 340 8.88 11.41 15.39
C ASP B 340 8.48 12.72 16.05
N GLU B 341 7.85 12.65 17.24
CA GLU B 341 7.53 13.88 17.97
C GLU B 341 8.76 14.49 18.60
N LEU B 342 9.81 13.69 18.82
CA LEU B 342 11.06 14.24 19.34
C LEU B 342 11.80 15.02 18.26
N ARG B 343 11.85 14.50 17.04
CA ARG B 343 12.50 15.22 15.94
C ARG B 343 11.81 16.54 15.66
N ALA B 344 10.47 16.54 15.67
CA ALA B 344 9.74 17.79 15.52
C ALA B 344 9.98 18.73 16.69
N PHE B 345 10.23 18.17 17.88
CA PHE B 345 10.64 18.99 19.02
C PHE B 345 12.01 19.62 18.77
N LEU B 346 12.89 18.90 18.07
CA LEU B 346 14.20 19.44 17.75
C LEU B 346 14.10 20.56 16.72
N LEU B 347 13.20 20.41 15.73
CA LEU B 347 13.05 21.41 14.68
C LEU B 347 12.31 22.65 15.14
N SER B 348 11.64 22.61 16.29
CA SER B 348 10.75 23.68 16.71
C SER B 348 11.42 24.74 17.57
N HIS B 349 12.64 24.50 18.06
CA HIS B 349 13.32 25.44 18.94
C HIS B 349 14.71 25.77 18.43
N ASN B 350 15.11 27.03 18.64
CA ASN B 350 16.40 27.54 18.15
C ASN B 350 17.53 27.31 19.13
N MET B 351 17.31 26.51 20.18
CA MET B 351 18.34 26.26 21.17
C MET B 351 19.49 25.48 20.53
N PRO B 352 20.74 25.70 21.02
CA PRO B 352 21.86 24.83 20.61
C PRO B 352 21.47 23.36 20.52
N LEU B 353 21.63 22.79 19.32
CA LEU B 353 21.05 21.49 19.00
C LEU B 353 21.49 20.40 19.96
N LEU B 354 22.78 20.37 20.30
CA LEU B 354 23.30 19.25 21.09
C LEU B 354 22.82 19.31 22.53
N GLU B 355 22.61 20.52 23.08
CA GLU B 355 22.01 20.61 24.41
C GLU B 355 20.53 20.27 24.35
N LEU B 356 19.82 20.75 23.33
CA LEU B 356 18.38 20.51 23.25
C LEU B 356 18.08 19.04 22.99
N ALA B 357 19.01 18.32 22.35
CA ALA B 357 18.83 16.89 22.16
C ALA B 357 18.87 16.14 23.48
N LYS B 358 19.54 16.70 24.49
CA LYS B 358 19.50 16.14 25.83
C LYS B 358 18.18 16.44 26.53
N ILE B 359 17.61 17.63 26.27
CA ILE B 359 16.31 17.99 26.83
C ILE B 359 15.23 17.06 26.29
N ALA B 360 15.38 16.60 25.04
CA ALA B 360 14.40 15.70 24.46
C ALA B 360 14.49 14.31 25.08
N LEU B 361 15.69 13.75 25.16
CA LEU B 361 15.86 12.42 25.73
C LEU B 361 15.41 12.37 27.18
N LEU B 362 15.77 13.38 27.97
CA LEU B 362 15.35 13.39 29.36
C LEU B 362 13.87 13.75 29.48
N GLY B 363 13.35 14.55 28.56
CA GLY B 363 11.92 14.84 28.52
C GLY B 363 11.08 13.68 28.07
N ALA B 364 11.68 12.67 27.46
CA ALA B 364 10.97 11.46 27.04
C ALA B 364 11.23 10.28 27.97
N THR B 365 11.99 10.48 29.04
CA THR B 365 12.37 9.40 29.93
C THR B 365 12.18 9.79 31.39
N ARG B 366 13.27 10.21 32.04
CA ARG B 366 13.22 10.50 33.47
C ARG B 366 12.18 11.57 33.81
N HIS B 367 12.08 12.62 32.99
CA HIS B 367 11.14 13.69 33.29
C HIS B 367 9.69 13.23 33.10
N GLY B 368 9.45 12.29 32.19
CA GLY B 368 8.10 11.80 31.98
C GLY B 368 7.68 10.78 33.02
N ALA B 369 8.64 10.07 33.62
CA ALA B 369 8.33 9.11 34.66
C ALA B 369 8.17 9.77 36.02
N LYS B 370 8.81 10.93 36.20
CA LYS B 370 8.65 11.68 37.45
C LYS B 370 7.34 12.44 37.46
N ALA B 371 6.88 12.91 36.31
CA ALA B 371 5.56 13.51 36.20
C ALA B 371 4.47 12.47 36.48
N LEU B 372 4.62 11.26 35.93
CA LEU B 372 3.69 10.18 36.18
C LEU B 372 3.96 9.43 37.48
N ALA B 373 5.00 9.81 38.22
CA ALA B 373 5.34 9.19 39.51
C ALA B 373 5.54 7.68 39.36
N LEU B 374 6.29 7.29 38.34
CA LEU B 374 6.59 5.89 38.08
C LEU B 374 8.03 5.58 38.48
N ASN B 375 8.34 4.29 38.54
CA ASN B 375 9.65 3.80 38.99
C ASN B 375 10.51 3.36 37.81
N ASN B 376 10.55 4.17 36.76
CA ASN B 376 11.32 3.82 35.57
C ASN B 376 11.88 5.11 34.97
N GLY B 377 12.26 5.06 33.70
CA GLY B 377 12.85 6.20 33.02
C GLY B 377 14.31 6.43 33.29
N GLU B 378 15.01 5.46 33.89
CA GLU B 378 16.41 5.63 34.24
C GLU B 378 17.05 4.25 34.42
N ILE B 379 18.27 4.10 33.93
CA ILE B 379 19.03 2.88 34.18
C ILE B 379 19.68 3.06 35.55
N GLU B 380 18.98 2.62 36.59
CA GLU B 380 19.44 2.75 37.96
C GLU B 380 19.00 1.51 38.73
N THR B 381 19.77 1.18 39.76
CA THR B 381 19.43 0.00 40.56
C THR B 381 18.11 0.20 41.28
N ASN B 382 17.30 -0.85 41.32
CA ASN B 382 15.98 -0.93 41.96
C ASN B 382 14.89 -0.22 41.16
N LYS B 383 15.18 0.26 39.96
CA LYS B 383 14.15 0.85 39.11
C LYS B 383 13.55 -0.22 38.21
N ARG B 384 12.36 0.06 37.69
CA ARG B 384 11.65 -0.90 36.86
C ARG B 384 12.48 -1.26 35.63
N ALA B 385 12.46 -2.55 35.28
CA ALA B 385 13.21 -3.06 34.13
C ALA B 385 12.47 -2.78 32.82
N ASP B 386 12.27 -1.50 32.56
CA ASP B 386 11.64 -1.02 31.33
C ASP B 386 12.77 -0.56 30.41
N LEU B 387 13.21 -1.46 29.53
CA LEU B 387 14.39 -1.22 28.71
C LEU B 387 14.05 -1.33 27.23
N SER B 388 14.68 -0.49 26.43
CA SER B 388 14.54 -0.48 24.98
C SER B 388 15.91 -0.65 24.33
N VAL B 389 15.96 -1.44 23.27
CA VAL B 389 17.17 -1.64 22.48
C VAL B 389 16.88 -1.22 21.05
N PHE B 390 17.69 -0.31 20.52
CA PHE B 390 17.52 0.22 19.18
C PHE B 390 18.73 -0.14 18.34
N GLY B 391 18.51 -0.80 17.21
CA GLY B 391 19.59 -1.28 16.36
C GLY B 391 19.83 -0.35 15.19
N PHE B 392 21.11 -0.05 14.95
CA PHE B 392 21.52 0.79 13.84
C PHE B 392 22.56 0.08 12.99
N ASN B 393 23.15 0.80 12.03
CA ASN B 393 24.17 0.23 11.16
C ASN B 393 25.58 0.76 11.43
N GLU B 394 25.72 1.80 12.25
CA GLU B 394 27.01 2.37 12.65
C GLU B 394 27.12 2.46 14.17
N LYS B 395 28.27 2.90 14.63
CA LYS B 395 28.48 3.21 16.05
C LYS B 395 28.63 4.73 16.18
N PHE B 396 27.68 5.36 16.85
CA PHE B 396 27.76 6.81 16.98
C PHE B 396 28.90 7.13 17.92
N THR B 397 29.50 8.29 17.71
CA THR B 397 30.53 8.76 18.63
C THR B 397 29.88 9.18 19.95
N LYS B 398 30.61 8.99 21.04
CA LYS B 398 30.07 9.25 22.37
C LYS B 398 29.56 10.69 22.52
N GLU B 399 30.20 11.65 21.84
CA GLU B 399 29.72 13.02 21.90
C GLU B 399 28.48 13.24 21.05
N GLN B 400 28.23 12.37 20.06
CA GLN B 400 27.09 12.52 19.16
C GLN B 400 26.01 11.48 19.38
N ALA B 401 26.24 10.48 20.24
CA ALA B 401 25.34 9.35 20.37
C ALA B 401 23.90 9.78 20.61
N ILE B 402 23.70 10.69 21.57
CA ILE B 402 22.35 11.09 21.96
C ILE B 402 21.61 11.71 20.78
N LEU B 403 22.29 12.55 20.00
CA LEU B 403 21.61 13.23 18.90
C LEU B 403 21.45 12.32 17.69
N GLN B 404 22.46 11.50 17.39
CA GLN B 404 22.33 10.58 16.27
C GLN B 404 21.26 9.53 16.52
N PHE B 405 20.99 9.22 17.79
CA PHE B 405 19.91 8.30 18.11
C PHE B 405 18.55 8.92 17.79
N LEU B 406 18.36 10.19 18.12
CA LEU B 406 17.06 10.82 17.93
C LEU B 406 16.72 10.97 16.45
N LEU B 407 17.73 11.14 15.60
CA LEU B 407 17.47 11.32 14.18
C LEU B 407 17.17 10.01 13.46
N HIS B 408 17.79 8.90 13.87
CA HIS B 408 17.66 7.64 13.16
C HIS B 408 16.82 6.59 13.87
N ALA B 409 16.45 6.81 15.13
CA ALA B 409 15.59 5.86 15.83
C ALA B 409 14.16 5.94 15.27
N LYS B 410 13.63 4.80 14.87
CA LYS B 410 12.28 4.78 14.30
C LYS B 410 11.48 3.62 14.88
N GLU B 411 11.99 2.41 14.75
CA GLU B 411 11.42 1.22 15.38
C GLU B 411 12.36 0.70 16.46
N VAL B 412 11.84 -0.22 17.26
CA VAL B 412 12.57 -0.77 18.40
C VAL B 412 12.88 -2.23 18.10
N GLU B 413 14.13 -2.63 18.39
CA GLU B 413 14.53 -4.01 18.15
C GLU B 413 14.07 -4.93 19.29
N ARG B 414 14.27 -4.49 20.52
CA ARG B 414 13.85 -5.24 21.69
C ARG B 414 13.25 -4.29 22.71
N LEU B 415 12.17 -4.72 23.36
CA LEU B 415 11.52 -3.95 24.41
C LEU B 415 11.24 -4.88 25.57
N PHE B 416 11.79 -4.57 26.73
CA PHE B 416 11.60 -5.36 27.94
C PHE B 416 10.84 -4.50 28.95
N LEU B 417 9.71 -5.01 29.42
CA LEU B 417 8.87 -4.30 30.39
C LEU B 417 8.68 -5.19 31.60
N GLY B 418 9.12 -4.70 32.76
CA GLY B 418 9.08 -5.51 33.96
C GLY B 418 9.98 -6.73 33.91
N GLY B 419 11.00 -6.72 33.07
CA GLY B 419 11.85 -7.87 32.87
C GLY B 419 11.30 -8.93 31.92
N LYS B 420 10.14 -8.68 31.32
CA LYS B 420 9.53 -9.62 30.39
C LYS B 420 9.77 -9.13 28.97
N ARG B 421 10.07 -10.06 28.06
CA ARG B 421 10.32 -9.67 26.68
C ARG B 421 8.97 -9.50 25.98
N VAL B 422 8.73 -8.30 25.46
CA VAL B 422 7.47 -7.97 24.81
C VAL B 422 7.63 -7.89 23.31
N ILE B 423 8.51 -7.00 22.83
CA ILE B 423 8.76 -6.86 21.41
C ILE B 423 10.10 -7.49 21.04
N MET C 15 28.98 -3.26 -7.04
CA MET C 15 28.48 -3.16 -5.68
C MET C 15 27.74 -4.45 -5.30
N GLN C 16 27.79 -4.80 -4.01
CA GLN C 16 27.18 -6.02 -3.52
C GLN C 16 26.28 -5.71 -2.32
N GLU C 17 25.23 -6.51 -2.17
CA GLU C 17 24.25 -6.31 -1.11
C GLU C 17 23.59 -7.66 -0.81
N ILE C 18 23.03 -7.77 0.39
CA ILE C 18 22.43 -9.01 0.88
C ILE C 18 20.97 -8.77 1.21
N ILE C 19 20.11 -9.72 0.85
CA ILE C 19 18.70 -9.69 1.21
C ILE C 19 18.26 -11.10 1.56
N GLY C 20 17.36 -11.20 2.54
CA GLY C 20 16.82 -12.48 2.95
C GLY C 20 15.37 -12.35 3.37
N ALA C 21 14.63 -13.45 3.25
CA ALA C 21 13.21 -13.48 3.54
C ALA C 21 12.86 -14.67 4.42
N SER C 22 11.63 -14.65 4.94
CA SER C 22 11.14 -15.76 5.75
C SER C 22 11.09 -17.06 4.96
N LEU C 23 10.88 -16.97 3.64
CA LEU C 23 10.88 -18.13 2.76
C LEU C 23 11.58 -17.75 1.47
N VAL C 24 12.43 -18.65 0.98
CA VAL C 24 13.20 -18.42 -0.24
C VAL C 24 12.88 -19.54 -1.22
N PHE C 25 12.37 -19.18 -2.39
CA PHE C 25 12.03 -20.14 -3.44
C PHE C 25 13.20 -20.21 -4.42
N LEU C 26 13.95 -21.32 -4.38
CA LEU C 26 15.10 -21.45 -5.26
C LEU C 26 14.67 -21.62 -6.72
N CYS C 27 13.49 -22.21 -6.95
CA CYS C 27 12.96 -22.45 -8.29
C CYS C 27 13.90 -23.29 -9.14
N ASN C 28 14.48 -24.32 -8.55
CA ASN C 28 15.18 -25.35 -9.30
C ASN C 28 14.18 -26.40 -9.77
N GLU C 29 14.68 -27.44 -10.44
CA GLU C 29 13.79 -28.54 -10.82
C GLU C 29 13.31 -29.31 -9.60
N LYS C 30 14.10 -29.29 -8.52
CA LYS C 30 13.66 -29.86 -7.26
C LYS C 30 12.60 -29.00 -6.58
N CYS C 31 12.51 -27.72 -6.95
CA CYS C 31 11.59 -26.76 -6.32
C CYS C 31 11.81 -26.71 -4.81
N GLU C 32 12.99 -26.19 -4.44
CA GLU C 32 13.43 -26.17 -3.06
C GLU C 32 12.93 -24.91 -2.37
N VAL C 33 12.33 -25.09 -1.19
CA VAL C 33 11.91 -23.99 -0.33
C VAL C 33 12.82 -23.97 0.88
N LEU C 34 13.44 -22.82 1.15
CA LEU C 34 14.35 -22.67 2.27
C LEU C 34 13.86 -21.54 3.17
N GLU C 35 14.20 -21.64 4.45
CA GLU C 35 13.68 -20.76 5.48
C GLU C 35 14.80 -19.89 6.03
N ASP C 36 14.52 -18.60 6.19
CA ASP C 36 15.48 -17.64 6.74
C ASP C 36 16.79 -17.63 5.97
N TYR C 37 16.71 -17.86 4.66
CA TYR C 37 17.88 -17.86 3.81
C TYR C 37 18.13 -16.46 3.25
N GLY C 38 19.35 -16.26 2.74
CA GLY C 38 19.74 -14.98 2.18
C GLY C 38 20.42 -15.15 0.85
N VAL C 39 20.68 -14.02 0.20
CA VAL C 39 21.40 -14.04 -1.08
C VAL C 39 22.30 -12.80 -1.17
N VAL C 40 23.48 -13.00 -1.75
CA VAL C 40 24.44 -11.93 -2.01
C VAL C 40 24.51 -11.74 -3.51
N PHE C 41 24.45 -10.48 -3.97
CA PHE C 41 24.41 -10.28 -5.42
C PHE C 41 24.95 -8.92 -5.84
N ASP C 42 25.43 -8.89 -7.08
CA ASP C 42 25.76 -7.67 -7.80
C ASP C 42 24.82 -7.60 -9.00
N GLU C 43 25.30 -7.76 -10.23
CA GLU C 43 24.34 -7.95 -11.31
C GLU C 43 23.87 -9.40 -11.31
N LYS C 44 24.71 -10.30 -10.83
CA LYS C 44 24.40 -11.73 -10.78
C LYS C 44 24.40 -12.15 -9.32
N ILE C 45 23.85 -13.33 -9.08
CA ILE C 45 23.73 -13.84 -7.73
C ILE C 45 25.06 -14.48 -7.38
N VAL C 46 25.69 -14.01 -6.30
CA VAL C 46 27.05 -14.40 -5.98
C VAL C 46 27.02 -15.64 -5.09
N GLU C 47 26.38 -15.55 -3.94
CA GLU C 47 26.36 -16.67 -3.01
C GLU C 47 25.00 -16.77 -2.34
N ILE C 48 24.62 -18.00 -2.00
CA ILE C 48 23.38 -18.28 -1.30
C ILE C 48 23.71 -19.00 0.00
N GLY C 49 22.87 -18.78 1.00
CA GLY C 49 23.05 -19.45 2.28
C GLY C 49 22.10 -18.87 3.31
N ASP C 50 22.28 -19.36 4.54
CA ASP C 50 21.51 -18.83 5.65
C ASP C 50 21.82 -17.35 5.84
N TYR C 51 20.79 -16.55 6.07
CA TYR C 51 20.96 -15.10 6.10
C TYR C 51 21.89 -14.67 7.23
N HIS C 52 21.75 -15.28 8.41
CA HIS C 52 22.55 -14.88 9.56
C HIS C 52 24.02 -15.19 9.37
N ASN C 53 24.34 -16.40 8.89
CA ASN C 53 25.74 -16.74 8.65
C ASN C 53 26.32 -15.90 7.51
N LEU C 54 25.48 -15.49 6.55
CA LEU C 54 25.95 -14.63 5.46
C LEU C 54 26.30 -13.24 5.99
N THR C 55 25.58 -12.76 7.01
CA THR C 55 25.89 -11.46 7.58
C THR C 55 27.18 -11.49 8.40
N LEU C 56 27.62 -12.68 8.84
CA LEU C 56 28.91 -12.79 9.49
C LEU C 56 30.02 -12.93 8.45
N LYS C 57 29.76 -13.63 7.35
CA LYS C 57 30.75 -13.80 6.30
C LYS C 57 31.07 -12.47 5.60
N TYR C 58 30.04 -11.68 5.31
CA TYR C 58 30.19 -10.42 4.59
C TYR C 58 29.66 -9.28 5.45
N PRO C 59 30.42 -8.88 6.48
CA PRO C 59 29.89 -7.90 7.45
C PRO C 59 29.60 -6.52 6.89
N HIS C 60 30.34 -6.08 5.87
CA HIS C 60 30.25 -4.69 5.42
C HIS C 60 29.17 -4.46 4.36
N LEU C 61 28.58 -5.51 3.81
CA LEU C 61 27.51 -5.32 2.83
C LEU C 61 26.23 -4.85 3.50
N LYS C 62 25.56 -3.89 2.87
CA LYS C 62 24.23 -3.48 3.33
C LYS C 62 23.27 -4.65 3.16
N ALA C 63 22.51 -4.95 4.22
CA ALA C 63 21.69 -6.15 4.25
C ALA C 63 20.30 -5.83 4.78
N GLN C 64 19.29 -6.41 4.13
CA GLN C 64 17.91 -6.26 4.54
C GLN C 64 17.28 -7.65 4.67
N PHE C 65 16.56 -7.87 5.77
CA PHE C 65 15.81 -9.10 5.97
C PHE C 65 14.33 -8.77 6.02
N PHE C 66 13.51 -9.67 5.48
CA PHE C 66 12.07 -9.45 5.37
C PHE C 66 11.35 -10.59 6.06
N GLU C 67 10.68 -10.28 7.16
CA GLU C 67 9.92 -11.26 7.93
C GLU C 67 8.51 -11.38 7.36
N ASN C 68 7.96 -12.59 7.43
CA ASN C 68 6.67 -12.91 6.83
C ASN C 68 6.63 -12.50 5.36
N SER C 69 7.71 -12.81 4.64
CA SER C 69 7.82 -12.49 3.23
C SER C 69 8.33 -13.70 2.46
N VAL C 70 8.18 -13.63 1.14
CA VAL C 70 8.68 -14.66 0.23
C VAL C 70 9.63 -14.02 -0.77
N LEU C 71 10.82 -14.59 -0.90
CA LEU C 71 11.83 -14.12 -1.86
C LEU C 71 12.03 -15.19 -2.92
N LEU C 72 11.81 -14.81 -4.17
CA LEU C 72 11.89 -15.74 -5.29
C LEU C 72 12.41 -14.98 -6.50
N PRO C 73 12.79 -15.69 -7.57
CA PRO C 73 13.17 -14.98 -8.81
C PRO C 73 12.02 -14.18 -9.37
N ALA C 74 12.39 -13.15 -10.15
CA ALA C 74 11.39 -12.41 -10.90
C ALA C 74 10.81 -13.29 -11.99
N PHE C 75 9.52 -13.09 -12.26
CA PHE C 75 8.79 -13.96 -13.17
C PHE C 75 9.17 -13.68 -14.62
N ILE C 76 8.80 -14.63 -15.48
CA ILE C 76 9.02 -14.52 -16.92
C ILE C 76 7.71 -14.86 -17.63
N ASN C 77 7.16 -13.89 -18.37
CA ASN C 77 5.93 -14.08 -19.13
C ASN C 77 6.31 -14.24 -20.60
N ALA C 78 6.27 -15.48 -21.09
CA ALA C 78 6.85 -15.78 -22.39
C ALA C 78 5.93 -15.46 -23.57
N HIS C 79 4.66 -15.13 -23.31
CA HIS C 79 3.69 -14.88 -24.38
C HIS C 79 2.76 -13.77 -23.94
N THR C 80 2.90 -12.59 -24.55
CA THR C 80 2.06 -11.45 -24.20
C THR C 80 2.04 -10.49 -25.37
N HIS C 81 0.84 -10.16 -25.85
CA HIS C 81 0.67 -9.21 -26.94
C HIS C 81 0.32 -7.88 -26.28
N PHE C 82 1.23 -6.90 -26.40
CA PHE C 82 0.98 -5.57 -25.87
C PHE C 82 0.39 -4.64 -26.93
N GLU C 83 0.15 -5.13 -28.13
CA GLU C 83 -0.47 -4.32 -29.17
C GLU C 83 -1.97 -4.17 -28.93
N PHE C 84 -2.60 -5.13 -28.27
CA PHE C 84 -4.03 -5.13 -28.01
C PHE C 84 -4.32 -4.94 -26.53
N SER C 85 -3.62 -4.00 -25.89
CA SER C 85 -3.90 -3.64 -24.50
C SER C 85 -5.01 -2.60 -24.37
N ASN C 86 -5.49 -2.05 -25.49
CA ASN C 86 -6.63 -1.14 -25.51
C ASN C 86 -7.97 -1.86 -25.56
N ASN C 87 -8.05 -3.06 -24.99
CA ASN C 87 -9.18 -3.95 -25.20
C ASN C 87 -9.78 -4.38 -23.87
N LYS C 88 -11.10 -4.25 -23.75
CA LYS C 88 -11.86 -4.80 -22.64
C LYS C 88 -12.98 -5.69 -23.13
N ALA C 89 -13.91 -5.17 -23.93
CA ALA C 89 -14.96 -5.96 -24.53
C ALA C 89 -14.60 -6.34 -25.96
N SER C 90 -15.14 -5.59 -26.92
CA SER C 90 -14.81 -5.75 -28.34
C SER C 90 -15.03 -7.18 -28.83
N PHE C 91 -14.07 -8.07 -28.55
CA PHE C 91 -14.07 -9.38 -29.15
C PHE C 91 -15.08 -10.30 -28.47
N ASP C 92 -15.45 -11.36 -29.19
CA ASP C 92 -16.45 -12.31 -28.72
C ASP C 92 -15.76 -13.48 -28.04
N TYR C 93 -16.25 -13.85 -26.86
CA TYR C 93 -15.75 -15.00 -26.14
C TYR C 93 -16.82 -16.09 -26.08
N GLY C 94 -16.37 -17.34 -26.01
CA GLY C 94 -17.23 -18.51 -26.07
C GLY C 94 -16.90 -19.44 -27.21
N SER C 95 -16.14 -18.97 -28.20
CA SER C 95 -15.78 -19.75 -29.38
C SER C 95 -14.51 -19.15 -29.95
N PHE C 96 -13.68 -20.00 -30.57
CA PHE C 96 -12.54 -19.48 -31.30
C PHE C 96 -12.96 -18.87 -32.63
N SER C 97 -13.86 -19.53 -33.35
CA SER C 97 -14.39 -18.97 -34.58
C SER C 97 -15.07 -17.64 -34.33
N GLY C 98 -15.83 -17.53 -33.24
CA GLY C 98 -16.46 -16.27 -32.90
C GLY C 98 -15.46 -15.20 -32.51
N TRP C 99 -14.34 -15.60 -31.91
CA TRP C 99 -13.33 -14.63 -31.51
C TRP C 99 -12.47 -14.19 -32.68
N LEU C 100 -12.06 -15.13 -33.54
CA LEU C 100 -11.30 -14.75 -34.72
C LEU C 100 -12.16 -13.91 -35.67
N GLY C 101 -13.42 -14.30 -35.85
CA GLY C 101 -14.34 -13.47 -36.63
C GLY C 101 -14.48 -12.08 -36.05
N SER C 102 -14.51 -11.99 -34.71
CA SER C 102 -14.64 -10.68 -34.06
C SER C 102 -13.35 -9.88 -34.10
N VAL C 103 -12.20 -10.54 -34.26
CA VAL C 103 -10.94 -9.81 -34.39
C VAL C 103 -10.76 -9.30 -35.81
N LEU C 104 -11.19 -10.08 -36.81
CA LEU C 104 -11.06 -9.66 -38.19
C LEU C 104 -12.22 -8.81 -38.69
N ASN C 105 -13.41 -8.94 -38.09
CA ASN C 105 -14.45 -7.95 -38.34
C ASN C 105 -14.09 -6.60 -37.73
N ASN C 106 -13.18 -6.60 -36.76
CA ASN C 106 -12.61 -5.36 -36.26
C ASN C 106 -11.65 -4.74 -37.28
N GLY C 107 -11.03 -5.59 -38.10
CA GLY C 107 -10.05 -5.12 -39.08
C GLY C 107 -8.93 -4.29 -38.51
N GLY C 108 -8.37 -4.71 -37.39
CA GLY C 108 -7.22 -4.04 -36.82
C GLY C 108 -7.45 -2.63 -36.35
N ALA C 109 -8.71 -2.21 -36.19
CA ALA C 109 -8.99 -0.90 -35.63
C ALA C 109 -8.77 -0.83 -34.13
N ILE C 110 -8.43 -1.96 -33.49
CA ILE C 110 -8.24 -2.00 -32.04
C ILE C 110 -6.86 -1.51 -31.62
N LEU C 111 -5.99 -1.24 -32.59
CA LEU C 111 -4.59 -0.91 -32.36
C LEU C 111 -4.31 0.58 -32.32
N GLU C 112 -5.29 1.42 -32.66
CA GLU C 112 -5.08 2.86 -32.66
C GLU C 112 -5.12 3.40 -31.23
N ASN C 113 -4.25 4.39 -30.97
CA ASN C 113 -4.13 5.03 -29.65
C ASN C 113 -3.65 4.04 -28.59
N CYS C 114 -2.47 3.48 -28.85
CA CYS C 114 -1.87 2.44 -28.01
C CYS C 114 -0.87 2.97 -27.00
N GLN C 115 -0.34 4.19 -27.22
CA GLN C 115 0.73 4.72 -26.37
C GLN C 115 0.40 4.65 -24.89
N GLY C 116 -0.87 4.84 -24.52
CA GLY C 116 -1.24 4.82 -23.11
C GLY C 116 -1.50 3.45 -22.52
N ALA C 117 -2.15 2.57 -23.29
CA ALA C 117 -2.43 1.22 -22.79
C ALA C 117 -1.17 0.36 -22.69
N ILE C 118 -0.19 0.57 -23.57
CA ILE C 118 1.04 -0.20 -23.50
C ILE C 118 1.80 0.15 -22.22
N GLN C 119 1.81 1.44 -21.85
CA GLN C 119 2.49 1.84 -20.63
C GLN C 119 1.73 1.40 -19.39
N ASN C 120 0.45 1.08 -19.53
CA ASN C 120 -0.35 0.57 -18.43
C ASN C 120 -0.34 -0.95 -18.37
N ALA C 121 0.12 -1.60 -19.44
CA ALA C 121 0.33 -3.04 -19.43
C ALA C 121 1.74 -3.43 -18.99
N ILE C 122 2.72 -2.55 -19.21
CA ILE C 122 4.07 -2.81 -18.70
C ILE C 122 4.09 -2.72 -17.19
N MET C 123 3.43 -1.70 -16.62
CA MET C 123 3.39 -1.55 -15.17
C MET C 123 2.59 -2.65 -14.49
N ALA C 124 1.70 -3.32 -15.22
CA ALA C 124 0.96 -4.42 -14.63
C ALA C 124 1.82 -5.67 -14.51
N GLN C 125 2.91 -5.74 -15.25
CA GLN C 125 3.81 -6.89 -15.12
C GLN C 125 4.90 -6.62 -14.09
N LEU C 126 5.41 -5.40 -14.04
CA LEU C 126 6.44 -5.08 -13.07
C LEU C 126 5.90 -5.23 -11.66
N LYS C 127 4.72 -4.68 -11.39
CA LYS C 127 4.14 -4.74 -10.06
C LYS C 127 3.66 -6.14 -9.70
N SER C 128 3.43 -7.01 -10.69
CA SER C 128 3.09 -8.41 -10.43
C SER C 128 4.31 -9.27 -10.18
N GLY C 129 5.52 -8.70 -10.30
CA GLY C 129 6.75 -9.45 -10.09
C GLY C 129 7.38 -10.01 -11.34
N VAL C 130 6.96 -9.56 -12.52
CA VAL C 130 7.53 -10.04 -13.78
C VAL C 130 8.69 -9.15 -14.17
N GLY C 131 9.83 -9.76 -14.48
CA GLY C 131 11.00 -9.00 -14.87
C GLY C 131 11.40 -9.19 -16.32
N SER C 132 10.93 -10.29 -16.93
CA SER C 132 11.21 -10.58 -18.33
C SER C 132 9.93 -11.01 -19.03
N VAL C 133 9.75 -10.56 -20.27
CA VAL C 133 8.55 -10.86 -21.06
C VAL C 133 8.96 -11.26 -22.47
N GLY C 134 8.24 -12.24 -23.02
CA GLY C 134 8.31 -12.56 -24.43
C GLY C 134 7.15 -11.95 -25.19
N ALA C 135 7.35 -10.74 -25.72
CA ALA C 135 6.28 -9.97 -26.33
C ALA C 135 6.14 -10.29 -27.80
N ILE C 136 4.91 -10.54 -28.25
CA ILE C 136 4.61 -10.73 -29.66
C ILE C 136 4.20 -9.40 -30.27
N SER C 137 4.89 -9.01 -31.35
CA SER C 137 4.63 -7.74 -32.02
C SER C 137 4.56 -7.95 -33.52
N ASN C 138 3.69 -7.18 -34.18
CA ASN C 138 3.56 -7.20 -35.63
C ASN C 138 4.12 -5.96 -36.31
N HIS C 139 4.04 -4.80 -35.67
CA HIS C 139 4.50 -3.54 -36.26
C HIS C 139 5.47 -2.78 -35.37
N LEU C 140 6.01 -3.42 -34.33
CA LEU C 140 7.02 -2.81 -33.45
C LEU C 140 6.47 -1.58 -32.74
N ILE C 141 5.22 -1.66 -32.28
CA ILE C 141 4.60 -0.55 -31.59
C ILE C 141 5.08 -0.47 -30.16
N GLU C 142 5.29 -1.63 -29.54
CA GLU C 142 5.64 -1.77 -28.14
C GLU C 142 7.15 -1.83 -27.90
N VAL C 143 7.95 -1.82 -28.96
CA VAL C 143 9.39 -2.00 -28.81
C VAL C 143 10.02 -0.82 -28.10
N ASN C 144 9.54 0.39 -28.38
CA ASN C 144 10.15 1.59 -27.79
C ASN C 144 9.89 1.68 -26.29
N LEU C 145 8.71 1.27 -25.84
CA LEU C 145 8.40 1.34 -24.42
C LEU C 145 9.07 0.22 -23.62
N LEU C 146 9.27 -0.95 -24.23
CA LEU C 146 9.97 -2.03 -23.54
C LEU C 146 11.44 -1.67 -23.31
N LYS C 147 12.02 -0.82 -24.17
CA LYS C 147 13.41 -0.41 -23.98
C LYS C 147 13.54 0.65 -22.88
N GLU C 148 12.57 1.54 -22.76
CA GLU C 148 12.60 2.52 -21.68
C GLU C 148 12.24 1.91 -20.34
N SER C 149 11.52 0.79 -20.35
CA SER C 149 11.18 0.09 -19.11
C SER C 149 12.34 -0.80 -18.66
N PRO C 150 12.41 -1.10 -17.37
CA PRO C 150 13.48 -1.99 -16.88
C PRO C 150 13.33 -3.44 -17.33
N LEU C 151 12.23 -3.78 -17.98
CA LEU C 151 11.96 -5.16 -18.34
C LEU C 151 13.02 -5.73 -19.27
N ASN C 152 13.41 -6.97 -19.04
CA ASN C 152 14.11 -7.74 -20.06
C ASN C 152 13.08 -8.21 -21.07
N ALA C 153 13.32 -7.92 -22.35
CA ALA C 153 12.33 -8.12 -23.39
C ALA C 153 12.88 -9.04 -24.47
N VAL C 154 12.03 -9.95 -24.96
CA VAL C 154 12.32 -10.77 -26.12
C VAL C 154 11.14 -10.62 -27.07
N VAL C 155 11.22 -9.64 -27.97
CA VAL C 155 10.13 -9.40 -28.91
C VAL C 155 10.24 -10.42 -30.04
N PHE C 156 9.13 -11.11 -30.30
CA PHE C 156 9.02 -12.01 -31.43
C PHE C 156 8.38 -11.28 -32.59
N LEU C 157 9.10 -11.17 -33.70
CA LEU C 157 8.54 -10.52 -34.88
C LEU C 157 7.61 -11.52 -35.56
N GLU C 158 6.32 -11.20 -35.56
CA GLU C 158 5.31 -12.13 -36.00
C GLU C 158 4.99 -11.90 -37.47
N PHE C 159 4.72 -12.99 -38.17
CA PHE C 159 4.41 -12.95 -39.60
C PHE C 159 2.99 -13.43 -39.83
N LEU C 160 2.24 -12.66 -40.62
CA LEU C 160 0.87 -13.00 -40.99
C LEU C 160 0.73 -12.86 -42.49
N GLY C 161 0.48 -13.98 -43.16
CA GLY C 161 0.26 -13.98 -44.59
C GLY C 161 0.02 -15.37 -45.16
N SER C 162 -1.20 -15.61 -45.66
CA SER C 162 -1.58 -16.92 -46.18
C SER C 162 -1.38 -17.02 -47.68
N SER C 163 -0.90 -15.97 -48.34
CA SER C 163 -0.61 -15.98 -49.77
C SER C 163 0.86 -15.65 -49.96
N TYR C 164 1.50 -16.33 -50.91
CA TYR C 164 2.89 -16.03 -51.19
C TYR C 164 2.98 -14.66 -51.86
N SER C 165 3.91 -13.85 -51.36
CA SER C 165 4.16 -12.52 -51.91
C SER C 165 5.61 -12.20 -51.58
N LEU C 166 6.48 -12.25 -52.59
CA LEU C 166 7.88 -11.94 -52.35
C LEU C 166 8.07 -10.50 -51.90
N GLU C 167 7.15 -9.60 -52.25
CA GLU C 167 7.28 -8.21 -51.81
C GLU C 167 7.05 -8.10 -50.31
N LYS C 168 6.00 -8.74 -49.80
CA LYS C 168 5.78 -8.71 -48.36
C LYS C 168 6.83 -9.53 -47.63
N LEU C 169 7.44 -10.50 -48.31
CA LEU C 169 8.57 -11.22 -47.73
C LEU C 169 9.76 -10.33 -47.50
N LYS C 170 10.00 -9.33 -48.37
CA LYS C 170 11.11 -8.41 -48.15
C LYS C 170 10.73 -7.20 -47.30
N ALA C 171 9.44 -6.90 -47.19
CA ALA C 171 9.00 -5.91 -46.22
C ALA C 171 9.03 -6.44 -44.80
N PHE C 172 9.05 -7.77 -44.65
CA PHE C 172 9.15 -8.40 -43.34
C PHE C 172 10.60 -8.67 -42.96
N GLU C 173 11.46 -9.00 -43.93
CA GLU C 173 12.88 -9.16 -43.67
C GLU C 173 13.62 -7.84 -43.58
N ALA C 174 12.95 -6.72 -43.89
CA ALA C 174 13.51 -5.40 -43.66
C ALA C 174 13.08 -4.82 -42.32
N LYS C 175 11.90 -5.20 -41.83
CA LYS C 175 11.50 -4.80 -40.49
C LYS C 175 12.26 -5.56 -39.43
N PHE C 176 12.68 -6.80 -39.73
CA PHE C 176 13.54 -7.53 -38.82
C PHE C 176 14.91 -6.87 -38.69
N LYS C 177 15.42 -6.32 -39.79
CA LYS C 177 16.67 -5.57 -39.73
C LYS C 177 16.49 -4.33 -38.86
N GLU C 178 15.30 -3.73 -38.87
CA GLU C 178 15.01 -2.64 -37.95
C GLU C 178 14.92 -3.13 -36.52
N LEU C 179 14.49 -4.39 -36.33
CA LEU C 179 14.42 -4.99 -35.01
C LEU C 179 15.80 -5.44 -34.51
N LYS C 180 16.57 -6.09 -35.38
CA LYS C 180 17.89 -6.57 -34.98
C LYS C 180 18.89 -5.45 -34.78
N ASP C 181 18.62 -4.26 -35.32
CA ASP C 181 19.46 -3.09 -35.11
C ASP C 181 19.06 -2.28 -33.88
N LEU C 182 18.14 -2.79 -33.06
CA LEU C 182 17.71 -2.12 -31.84
C LEU C 182 18.03 -2.93 -30.58
N GLU C 183 18.81 -4.00 -30.70
CA GLU C 183 19.11 -4.88 -29.57
C GLU C 183 20.13 -4.25 -28.62
N ASP C 184 19.99 -4.61 -27.34
CA ASP C 184 20.90 -4.27 -26.25
C ASP C 184 20.96 -5.49 -25.31
N GLN C 185 21.19 -5.25 -24.01
CA GLN C 185 21.28 -6.22 -22.91
C GLN C 185 19.91 -6.66 -22.49
N LYS C 186 18.93 -5.81 -22.81
CA LYS C 186 17.61 -5.94 -22.27
C LYS C 186 16.63 -6.45 -23.28
N LEU C 187 16.87 -6.22 -24.56
CA LEU C 187 15.96 -6.67 -25.59
C LEU C 187 16.69 -7.57 -26.56
N LYS C 188 16.18 -8.78 -26.74
CA LYS C 188 16.69 -9.71 -27.73
C LYS C 188 15.62 -9.90 -28.80
N ALA C 189 16.04 -10.04 -30.05
CA ALA C 189 15.14 -10.09 -31.19
C ALA C 189 14.85 -11.54 -31.56
N ALA C 190 13.58 -11.84 -31.79
CA ALA C 190 13.14 -13.17 -32.18
C ALA C 190 12.13 -13.06 -33.32
N LEU C 191 11.64 -14.20 -33.78
CA LEU C 191 10.73 -14.26 -34.91
C LEU C 191 9.62 -15.26 -34.63
N ALA C 192 8.44 -14.96 -35.16
CA ALA C 192 7.26 -15.78 -34.90
C ALA C 192 6.49 -16.05 -36.18
N VAL C 193 6.00 -17.28 -36.31
CA VAL C 193 5.06 -17.66 -37.35
C VAL C 193 3.70 -17.83 -36.68
N HIS C 194 2.71 -17.08 -37.16
CA HIS C 194 1.43 -16.95 -36.45
C HIS C 194 0.78 -18.30 -36.16
N ALA C 195 0.23 -18.96 -37.16
CA ALA C 195 -0.54 -20.17 -36.94
C ALA C 195 -0.53 -21.00 -38.21
N PRO C 196 -0.89 -22.28 -38.14
CA PRO C 196 -1.04 -23.09 -39.36
C PRO C 196 -2.22 -22.70 -40.23
N TYR C 197 -3.06 -21.75 -39.80
CA TYR C 197 -4.17 -21.29 -40.61
C TYR C 197 -3.95 -19.91 -41.22
N SER C 198 -2.86 -19.23 -40.84
CA SER C 198 -2.66 -17.85 -41.25
C SER C 198 -1.41 -17.64 -42.10
N VAL C 199 -0.52 -18.62 -42.20
CA VAL C 199 0.77 -18.45 -42.86
C VAL C 199 0.97 -19.59 -43.86
N GLN C 200 1.24 -19.24 -45.12
CA GLN C 200 1.51 -20.23 -46.15
C GLN C 200 2.84 -20.94 -45.86
N LYS C 201 2.94 -22.17 -46.37
CA LYS C 201 4.08 -23.02 -46.02
C LYS C 201 5.40 -22.40 -46.44
N ASP C 202 5.47 -21.83 -47.64
CA ASP C 202 6.73 -21.30 -48.14
C ASP C 202 7.03 -19.90 -47.62
N MET C 203 6.08 -19.27 -46.93
CA MET C 203 6.35 -18.02 -46.25
C MET C 203 6.87 -18.22 -44.82
N ALA C 204 6.56 -19.37 -44.21
CA ALA C 204 7.09 -19.67 -42.88
C ALA C 204 8.48 -20.29 -42.96
N LEU C 205 8.75 -21.09 -44.00
CA LEU C 205 10.09 -21.64 -44.18
C LEU C 205 11.12 -20.53 -44.37
N SER C 206 10.71 -19.39 -44.92
CA SER C 206 11.62 -18.25 -45.02
C SER C 206 11.80 -17.58 -43.66
N VAL C 207 10.71 -17.43 -42.90
CA VAL C 207 10.81 -16.91 -41.54
C VAL C 207 11.70 -17.83 -40.70
N ILE C 208 11.46 -19.14 -40.78
CA ILE C 208 12.25 -20.10 -40.03
C ILE C 208 13.71 -20.05 -40.46
N GLN C 209 13.95 -20.02 -41.78
CA GLN C 209 15.32 -19.94 -42.27
C GLN C 209 15.97 -18.61 -41.86
N LEU C 210 15.19 -17.53 -41.89
CA LEU C 210 15.72 -16.24 -41.46
C LEU C 210 16.00 -16.25 -39.96
N ALA C 211 15.26 -17.06 -39.20
CA ALA C 211 15.57 -17.22 -37.78
C ALA C 211 16.85 -18.02 -37.60
N LYS C 212 17.01 -19.11 -38.36
CA LYS C 212 18.27 -19.86 -38.34
C LYS C 212 19.44 -18.99 -38.78
N ASP C 213 19.26 -18.23 -39.85
CA ASP C 213 20.32 -17.36 -40.35
C ASP C 213 20.71 -16.32 -39.30
N SER C 214 19.72 -15.67 -38.70
CA SER C 214 19.97 -14.66 -37.68
C SER C 214 20.11 -15.24 -36.28
N GLN C 215 19.96 -16.57 -36.13
CA GLN C 215 20.09 -17.24 -34.84
C GLN C 215 19.13 -16.61 -33.81
N SER C 216 17.84 -16.82 -34.06
CA SER C 216 16.80 -16.20 -33.26
C SER C 216 15.84 -17.27 -32.76
N LEU C 217 15.01 -16.87 -31.80
CA LEU C 217 14.04 -17.77 -31.21
C LEU C 217 12.79 -17.79 -32.07
N LEU C 218 12.08 -18.91 -32.05
CA LEU C 218 10.85 -19.07 -32.80
C LEU C 218 9.70 -19.34 -31.84
N SER C 219 8.65 -18.55 -31.95
CA SER C 219 7.39 -18.82 -31.27
C SER C 219 6.30 -19.01 -32.29
N THR C 220 5.30 -19.82 -31.94
CA THR C 220 4.20 -20.07 -32.86
C THR C 220 3.00 -20.56 -32.08
N HIS C 221 1.81 -20.23 -32.59
CA HIS C 221 0.56 -20.73 -32.04
C HIS C 221 0.22 -22.05 -32.73
N PHE C 222 0.03 -23.10 -31.94
CA PHE C 222 -0.20 -24.44 -32.50
C PHE C 222 -1.45 -25.04 -31.88
N LEU C 223 -2.29 -25.62 -32.74
CA LEU C 223 -3.57 -26.25 -32.39
C LEU C 223 -4.24 -25.63 -31.19
N GLU C 224 -4.63 -24.35 -31.31
CA GLU C 224 -5.30 -23.62 -30.25
C GLU C 224 -6.81 -23.84 -30.24
N SER C 225 -7.37 -24.37 -31.33
CA SER C 225 -8.82 -24.48 -31.46
C SER C 225 -9.18 -25.86 -32.01
N LEU C 226 -10.47 -26.20 -31.85
CA LEU C 226 -11.00 -27.39 -32.52
C LEU C 226 -11.21 -27.14 -34.01
N GLU C 227 -11.44 -25.90 -34.41
CA GLU C 227 -11.56 -25.58 -35.83
C GLU C 227 -10.21 -25.65 -36.52
N GLU C 228 -9.14 -25.32 -35.79
CA GLU C 228 -7.79 -25.46 -36.34
C GLU C 228 -7.39 -26.92 -36.47
N LEU C 229 -7.90 -27.77 -35.57
CA LEU C 229 -7.66 -29.21 -35.69
C LEU C 229 -8.43 -29.78 -36.87
N GLU C 230 -9.70 -29.39 -37.02
CA GLU C 230 -10.50 -29.86 -38.14
C GLU C 230 -9.91 -29.43 -39.48
N TRP C 231 -9.36 -28.20 -39.53
CA TRP C 231 -8.82 -27.70 -40.79
C TRP C 231 -7.51 -28.37 -41.16
N VAL C 232 -6.60 -28.51 -40.18
CA VAL C 232 -5.27 -29.05 -40.48
C VAL C 232 -5.34 -30.54 -40.78
N GLU C 233 -6.31 -31.25 -40.20
CA GLU C 233 -6.38 -32.70 -40.34
C GLU C 233 -7.12 -33.13 -41.61
N ASN C 234 -8.31 -32.58 -41.86
CA ASN C 234 -9.15 -33.05 -42.95
C ASN C 234 -9.61 -31.95 -43.88
N SER C 235 -9.05 -30.75 -43.80
CA SER C 235 -9.41 -29.62 -44.66
C SER C 235 -10.92 -29.39 -44.68
N LYS C 236 -11.52 -29.41 -43.49
CA LYS C 236 -12.95 -29.18 -43.32
C LYS C 236 -13.16 -28.27 -42.12
N GLY C 237 -14.42 -27.96 -41.84
CA GLY C 237 -14.77 -27.18 -40.68
C GLY C 237 -15.01 -25.71 -40.99
N TRP C 238 -14.92 -24.89 -39.94
CA TRP C 238 -15.21 -23.47 -40.02
C TRP C 238 -14.23 -22.70 -40.91
N PHE C 239 -13.13 -23.32 -41.34
CA PHE C 239 -12.11 -22.62 -42.09
C PHE C 239 -12.27 -22.75 -43.60
N GLU C 240 -13.33 -23.42 -44.07
CA GLU C 240 -13.63 -23.42 -45.50
C GLU C 240 -13.90 -22.01 -46.01
N ASN C 241 -14.62 -21.21 -45.22
CA ASN C 241 -15.04 -19.88 -45.63
C ASN C 241 -14.14 -18.77 -45.09
N PHE C 242 -13.06 -19.12 -44.39
CA PHE C 242 -12.27 -18.11 -43.69
C PHE C 242 -11.48 -17.24 -44.65
N TYR C 243 -10.80 -17.86 -45.62
CA TYR C 243 -9.90 -17.12 -46.49
C TYR C 243 -10.64 -16.21 -47.46
N GLN C 244 -11.89 -16.54 -47.80
CA GLN C 244 -12.69 -15.69 -48.67
C GLN C 244 -13.33 -14.55 -47.87
N ARG C 245 -13.96 -14.88 -46.75
CA ARG C 245 -14.76 -13.91 -46.02
C ARG C 245 -13.88 -12.84 -45.37
N PHE C 246 -12.70 -13.23 -44.88
CA PHE C 246 -11.87 -12.32 -44.09
C PHE C 246 -10.57 -11.92 -44.76
N LEU C 247 -10.04 -12.73 -45.68
CA LEU C 247 -8.72 -12.50 -46.25
C LEU C 247 -8.76 -12.07 -47.70
N LYS C 248 -9.94 -12.07 -48.31
CA LYS C 248 -10.09 -11.73 -49.72
C LYS C 248 -9.27 -12.63 -50.64
N GLU C 249 -8.92 -13.85 -50.24
CA GLU C 249 -8.28 -14.68 -51.26
C GLU C 249 -9.23 -15.84 -51.49
N SER C 250 -8.89 -16.69 -52.46
CA SER C 250 -9.69 -17.86 -52.82
C SER C 250 -8.90 -19.13 -52.51
N ASN C 251 -8.94 -19.57 -51.24
CA ASN C 251 -8.28 -20.80 -50.83
C ASN C 251 -9.29 -21.66 -50.06
N PHE C 252 -9.36 -22.94 -50.42
CA PHE C 252 -10.35 -23.86 -49.84
C PHE C 252 -9.72 -25.14 -49.31
N THR C 253 -8.40 -25.19 -49.15
CA THR C 253 -7.71 -26.35 -48.61
C THR C 253 -6.67 -25.86 -47.62
N SER C 254 -6.29 -26.74 -46.68
CA SER C 254 -5.38 -26.36 -45.61
C SER C 254 -4.00 -26.00 -46.16
N LEU C 255 -3.35 -25.05 -45.49
CA LEU C 255 -2.02 -24.62 -45.91
C LEU C 255 -0.97 -25.70 -45.67
N TYR C 256 -1.26 -26.67 -44.80
CA TYR C 256 -0.36 -27.77 -44.48
C TYR C 256 -1.14 -29.07 -44.51
N GLU C 257 -0.53 -30.17 -44.99
CA GLU C 257 -1.26 -31.43 -45.14
C GLU C 257 -1.12 -32.26 -43.87
N GLY C 258 -1.74 -31.80 -42.81
CA GLY C 258 -1.67 -32.56 -41.58
C GLY C 258 -0.81 -31.87 -40.53
N ALA C 259 -0.98 -32.32 -39.29
CA ALA C 259 -0.26 -31.72 -38.17
C ALA C 259 1.25 -31.96 -38.27
N ASN C 260 1.68 -33.11 -38.80
CA ASN C 260 3.11 -33.39 -38.85
C ASN C 260 3.82 -32.52 -39.87
N ASP C 261 3.12 -32.07 -40.91
CA ASP C 261 3.77 -31.24 -41.93
C ASP C 261 4.11 -29.85 -41.40
N TYR C 262 3.29 -29.33 -40.48
CA TYR C 262 3.57 -28.01 -39.90
C TYR C 262 4.71 -28.09 -38.89
N ILE C 263 4.80 -29.19 -38.14
CA ILE C 263 5.80 -29.29 -37.08
C ILE C 263 7.20 -29.43 -37.67
N ASP C 264 7.36 -30.30 -38.67
CA ASP C 264 8.66 -30.59 -39.24
C ASP C 264 9.36 -29.37 -39.82
N MET C 265 8.65 -28.27 -40.02
CA MET C 265 9.31 -27.03 -40.40
C MET C 265 10.16 -26.50 -39.26
N PHE C 266 9.78 -26.83 -38.02
CA PHE C 266 10.48 -26.39 -36.82
C PHE C 266 11.42 -27.45 -36.29
N LYS C 267 11.86 -28.38 -37.14
CA LYS C 267 12.82 -29.39 -36.73
C LYS C 267 14.18 -28.75 -36.45
N ASP C 268 14.79 -29.16 -35.33
CA ASP C 268 16.14 -28.74 -34.95
C ASP C 268 16.26 -27.23 -34.77
N THR C 269 15.42 -26.68 -33.89
CA THR C 269 15.50 -25.27 -33.54
C THR C 269 15.00 -25.08 -32.11
N HIS C 270 14.79 -23.83 -31.72
CA HIS C 270 14.39 -23.45 -30.37
C HIS C 270 13.02 -22.79 -30.42
N THR C 271 11.98 -23.60 -30.62
CA THR C 271 10.65 -23.10 -30.96
C THR C 271 9.71 -23.13 -29.76
N LEU C 272 9.02 -22.01 -29.53
CA LEU C 272 7.98 -21.91 -28.52
C LEU C 272 6.64 -22.29 -29.13
N PHE C 273 6.02 -23.34 -28.60
CA PHE C 273 4.71 -23.80 -29.07
C PHE C 273 3.66 -23.37 -28.05
N VAL C 274 2.84 -22.39 -28.41
CA VAL C 274 1.86 -21.81 -27.51
C VAL C 274 0.53 -22.55 -27.65
N HIS C 275 -0.21 -22.64 -26.54
CA HIS C 275 -1.57 -23.18 -26.46
C HIS C 275 -1.55 -24.70 -26.52
N ASN C 276 -1.60 -25.27 -27.73
CA ASN C 276 -1.49 -26.72 -27.95
C ASN C 276 -2.49 -27.54 -27.13
N GLN C 277 -3.70 -27.02 -26.90
CA GLN C 277 -4.70 -27.80 -26.17
C GLN C 277 -5.29 -28.92 -27.01
N PHE C 278 -5.15 -28.85 -28.34
CA PHE C 278 -5.75 -29.84 -29.22
C PHE C 278 -4.71 -30.72 -29.92
N ALA C 279 -3.45 -30.64 -29.51
CA ALA C 279 -2.43 -31.55 -30.02
C ALA C 279 -2.53 -32.89 -29.30
N SER C 280 -2.61 -33.96 -30.08
CA SER C 280 -2.72 -35.29 -29.51
C SER C 280 -1.35 -35.75 -29.00
N LEU C 281 -1.35 -36.86 -28.25
CA LEU C 281 -0.11 -37.38 -27.71
C LEU C 281 0.87 -37.71 -28.82
N GLU C 282 0.38 -38.24 -29.94
CA GLU C 282 1.25 -38.46 -31.10
C GLU C 282 1.76 -37.14 -31.65
N ALA C 283 0.91 -36.11 -31.63
CA ALA C 283 1.32 -34.79 -32.10
C ALA C 283 2.35 -34.17 -31.17
N LEU C 284 2.18 -34.36 -29.85
CA LEU C 284 3.11 -33.79 -28.90
C LEU C 284 4.41 -34.58 -28.81
N LYS C 285 4.36 -35.89 -29.01
CA LYS C 285 5.59 -36.68 -29.09
C LYS C 285 6.42 -36.27 -30.30
N ARG C 286 5.76 -35.94 -31.41
CA ARG C 286 6.48 -35.51 -32.60
C ARG C 286 7.15 -34.16 -32.38
N ILE C 287 6.47 -33.25 -31.67
CA ILE C 287 7.05 -31.92 -31.42
C ILE C 287 8.35 -32.05 -30.64
N LYS C 288 8.35 -32.88 -29.59
CA LYS C 288 9.55 -33.05 -28.79
C LYS C 288 10.68 -33.71 -29.60
N SER C 289 10.35 -34.77 -30.34
CA SER C 289 11.36 -35.54 -31.04
C SER C 289 11.99 -34.78 -32.20
N GLN C 290 11.31 -33.79 -32.76
CA GLN C 290 11.80 -33.09 -33.94
C GLN C 290 12.33 -31.69 -33.64
N VAL C 291 11.61 -30.90 -32.85
CA VAL C 291 12.08 -29.55 -32.52
C VAL C 291 13.29 -29.60 -31.60
N LYS C 292 13.50 -30.71 -30.88
CA LYS C 292 14.66 -30.92 -30.02
C LYS C 292 14.70 -29.93 -28.86
N ASN C 293 14.45 -28.66 -29.13
CA ASN C 293 14.32 -27.66 -28.08
C ASN C 293 12.94 -27.03 -28.13
N ALA C 294 11.90 -27.85 -27.96
CA ALA C 294 10.53 -27.36 -28.00
C ALA C 294 10.12 -26.89 -26.61
N PHE C 295 9.35 -25.82 -26.57
CA PHE C 295 8.89 -25.24 -25.31
C PHE C 295 7.40 -24.97 -25.42
N LEU C 296 6.61 -25.71 -24.65
CA LEU C 296 5.17 -25.52 -24.63
C LEU C 296 4.80 -24.34 -23.74
N ILE C 297 4.03 -23.41 -24.30
CA ILE C 297 3.51 -22.27 -23.56
C ILE C 297 2.00 -22.43 -23.46
N THR C 298 1.46 -22.15 -22.27
CA THR C 298 0.03 -22.29 -22.02
C THR C 298 -0.50 -21.01 -21.38
N CYS C 299 -1.75 -20.69 -21.72
CA CYS C 299 -2.45 -19.52 -21.17
C CYS C 299 -3.82 -19.99 -20.73
N PRO C 300 -3.98 -20.41 -19.47
CA PRO C 300 -5.27 -20.99 -19.03
C PRO C 300 -6.47 -20.10 -19.31
N PHE C 301 -6.33 -18.81 -19.03
CA PHE C 301 -7.47 -17.88 -19.17
C PHE C 301 -7.88 -17.72 -20.62
N SER C 302 -6.92 -17.63 -21.53
CA SER C 302 -7.24 -17.47 -22.94
C SER C 302 -7.84 -18.73 -23.55
N ASN C 303 -7.50 -19.90 -23.01
CA ASN C 303 -8.08 -21.14 -23.51
C ASN C 303 -9.57 -21.25 -23.18
N ARG C 304 -9.97 -20.77 -21.98
CA ARG C 304 -11.37 -20.86 -21.59
C ARG C 304 -12.22 -19.87 -22.38
N LEU C 305 -11.77 -18.63 -22.49
CA LEU C 305 -12.56 -17.61 -23.17
C LEU C 305 -12.73 -17.94 -24.65
N LEU C 306 -11.69 -18.49 -25.28
CA LEU C 306 -11.73 -18.80 -26.69
C LEU C 306 -12.22 -20.23 -26.92
N SER C 307 -11.29 -21.13 -27.25
CA SER C 307 -11.63 -22.53 -27.50
C SER C 307 -12.54 -23.11 -26.42
N GLY C 308 -12.24 -22.83 -25.15
CA GLY C 308 -13.01 -23.37 -24.05
C GLY C 308 -12.47 -24.67 -23.49
N LYS C 309 -11.44 -25.25 -24.10
CA LYS C 309 -10.84 -26.50 -23.65
C LYS C 309 -9.48 -26.22 -23.03
N ALA C 310 -9.29 -26.66 -21.79
CA ALA C 310 -8.04 -26.44 -21.10
C ALA C 310 -7.00 -27.48 -21.52
N LEU C 311 -5.73 -27.11 -21.39
CA LEU C 311 -4.63 -28.00 -21.75
C LEU C 311 -4.59 -29.19 -20.80
N ASP C 312 -4.49 -30.39 -21.37
CA ASP C 312 -4.38 -31.63 -20.59
C ASP C 312 -2.95 -31.75 -20.10
N LEU C 313 -2.74 -31.42 -18.82
CA LEU C 313 -1.39 -31.43 -18.26
C LEU C 313 -0.82 -32.83 -18.13
N GLU C 314 -1.67 -33.85 -18.05
CA GLU C 314 -1.18 -35.23 -18.05
C GLU C 314 -0.62 -35.61 -19.41
N ARG C 315 -1.32 -35.24 -20.49
CA ARG C 315 -0.80 -35.48 -21.82
C ARG C 315 0.54 -34.80 -22.02
N VAL C 316 0.75 -33.65 -21.37
CA VAL C 316 2.03 -32.96 -21.45
C VAL C 316 3.14 -33.86 -20.93
N ARG C 317 2.92 -34.50 -19.79
CA ARG C 317 3.95 -35.32 -19.19
C ARG C 317 4.03 -36.73 -19.77
N GLU C 318 2.94 -37.24 -20.31
CA GLU C 318 3.00 -38.50 -21.05
C GLU C 318 3.86 -38.39 -22.30
N ALA C 319 4.04 -37.19 -22.84
CA ALA C 319 4.86 -37.01 -24.03
C ALA C 319 6.30 -36.64 -23.72
N GLY C 320 6.59 -36.18 -22.51
CA GLY C 320 7.93 -35.81 -22.13
C GLY C 320 8.26 -34.33 -22.20
N LEU C 321 7.25 -33.46 -22.13
CA LEU C 321 7.46 -32.02 -22.23
C LEU C 321 7.06 -31.34 -20.92
N SER C 322 7.38 -30.05 -20.85
CA SER C 322 7.07 -29.23 -19.68
C SER C 322 6.35 -27.97 -20.14
N VAL C 323 5.72 -27.29 -19.18
CA VAL C 323 4.84 -26.16 -19.49
C VAL C 323 5.37 -24.89 -18.84
N SER C 324 5.12 -23.77 -19.51
CA SER C 324 5.24 -22.44 -18.94
C SER C 324 3.86 -21.78 -18.95
N VAL C 325 3.65 -20.86 -18.02
CA VAL C 325 2.36 -20.19 -17.87
C VAL C 325 2.51 -18.75 -18.34
N ALA C 326 1.59 -18.32 -19.21
CA ALA C 326 1.64 -16.99 -19.78
C ALA C 326 0.27 -16.33 -19.72
N THR C 327 0.26 -15.00 -19.64
CA THR C 327 -0.97 -14.24 -19.53
C THR C 327 -1.69 -14.08 -20.87
N ASP C 328 -1.00 -14.33 -21.98
CA ASP C 328 -1.47 -13.98 -23.33
C ASP C 328 -1.60 -12.46 -23.38
N GLY C 329 -2.54 -11.94 -24.17
CA GLY C 329 -2.77 -10.52 -24.26
C GLY C 329 -4.14 -10.15 -23.70
N LEU C 330 -4.35 -8.85 -23.53
CA LEU C 330 -5.68 -8.38 -23.14
C LEU C 330 -6.68 -8.47 -24.28
N SER C 331 -6.27 -9.03 -25.43
CA SER C 331 -7.20 -9.39 -26.49
C SER C 331 -8.07 -10.58 -26.11
N SER C 332 -7.64 -11.37 -25.12
CA SER C 332 -8.35 -12.59 -24.75
C SER C 332 -8.12 -12.87 -23.27
N ASN C 333 -8.07 -11.79 -22.48
CA ASN C 333 -7.83 -11.89 -21.05
C ASN C 333 -8.33 -10.60 -20.42
N ILE C 334 -8.43 -10.60 -19.09
CA ILE C 334 -8.93 -9.46 -18.34
C ILE C 334 -7.87 -8.84 -17.44
N SER C 335 -6.76 -9.53 -17.21
CA SER C 335 -5.70 -8.99 -16.38
C SER C 335 -4.37 -9.54 -16.83
N LEU C 336 -3.39 -8.65 -16.96
CA LEU C 336 -2.04 -9.03 -17.35
C LEU C 336 -1.13 -9.21 -16.13
N SER C 337 -1.71 -9.38 -14.95
CA SER C 337 -0.96 -9.78 -13.77
C SER C 337 -0.67 -11.27 -13.84
N LEU C 338 0.62 -11.63 -13.87
CA LEU C 338 0.97 -13.05 -13.96
C LEU C 338 0.44 -13.83 -12.76
N LEU C 339 0.25 -13.15 -11.63
CA LEU C 339 -0.30 -13.82 -10.45
C LEU C 339 -1.76 -14.21 -10.69
N ASP C 340 -2.55 -13.33 -11.31
CA ASP C 340 -3.93 -13.65 -11.63
C ASP C 340 -4.02 -14.79 -12.64
N GLU C 341 -3.06 -14.90 -13.55
CA GLU C 341 -3.06 -16.02 -14.49
C GLU C 341 -2.57 -17.30 -13.82
N LEU C 342 -1.82 -17.19 -12.74
CA LEU C 342 -1.39 -18.39 -12.01
C LEU C 342 -2.54 -18.98 -11.21
N ARG C 343 -3.32 -18.14 -10.53
CA ARG C 343 -4.47 -18.63 -9.78
C ARG C 343 -5.50 -19.25 -10.69
N ALA C 344 -5.77 -18.61 -11.84
CA ALA C 344 -6.68 -19.21 -12.81
C ALA C 344 -6.10 -20.49 -13.39
N PHE C 345 -4.76 -20.57 -13.49
CA PHE C 345 -4.13 -21.83 -13.88
C PHE C 345 -4.37 -22.91 -12.84
N LEU C 346 -4.43 -22.53 -11.56
CA LEU C 346 -4.69 -23.52 -10.52
C LEU C 346 -6.14 -24.01 -10.59
N LEU C 347 -7.08 -23.13 -10.89
CA LEU C 347 -8.49 -23.48 -10.95
C LEU C 347 -8.87 -24.22 -12.24
N SER C 348 -8.01 -24.21 -13.25
CA SER C 348 -8.37 -24.73 -14.56
C SER C 348 -8.03 -26.20 -14.75
N HIS C 349 -7.26 -26.80 -13.85
CA HIS C 349 -6.83 -28.18 -14.00
C HIS C 349 -7.16 -28.98 -12.74
N ASN C 350 -7.50 -30.25 -12.96
CA ASN C 350 -7.96 -31.16 -11.91
C ASN C 350 -6.83 -31.87 -11.17
N MET C 351 -5.59 -31.45 -11.38
CA MET C 351 -4.45 -32.09 -10.74
C MET C 351 -4.47 -31.85 -9.23
N PRO C 352 -3.95 -32.81 -8.44
CA PRO C 352 -3.67 -32.55 -7.02
C PRO C 352 -3.06 -31.18 -6.78
N LEU C 353 -3.72 -30.37 -5.95
CA LEU C 353 -3.42 -28.94 -5.85
C LEU C 353 -1.96 -28.69 -5.51
N LEU C 354 -1.41 -29.43 -4.55
CA LEU C 354 -0.05 -29.12 -4.08
C LEU C 354 1.02 -29.51 -5.09
N GLU C 355 0.77 -30.56 -5.88
CA GLU C 355 1.70 -30.86 -6.98
C GLU C 355 1.56 -29.84 -8.09
N LEU C 356 0.32 -29.45 -8.42
CA LEU C 356 0.10 -28.51 -9.51
C LEU C 356 0.57 -27.11 -9.15
N ALA C 357 0.59 -26.77 -7.86
CA ALA C 357 1.09 -25.48 -7.44
C ALA C 357 2.59 -25.34 -7.68
N LYS C 358 3.32 -26.45 -7.73
CA LYS C 358 4.73 -26.41 -8.10
C LYS C 358 4.91 -26.24 -9.60
N ILE C 359 4.01 -26.82 -10.41
CA ILE C 359 4.08 -26.64 -11.85
C ILE C 359 3.81 -25.18 -12.23
N ALA C 360 2.96 -24.50 -11.46
CA ALA C 360 2.67 -23.10 -11.73
C ALA C 360 3.87 -22.22 -11.41
N LEU C 361 4.46 -22.40 -10.22
CA LEU C 361 5.62 -21.60 -9.84
C LEU C 361 6.79 -21.83 -10.80
N LEU C 362 7.02 -23.09 -11.18
CA LEU C 362 8.11 -23.37 -12.10
C LEU C 362 7.76 -22.97 -13.53
N GLY C 363 6.48 -23.01 -13.90
CA GLY C 363 6.07 -22.53 -15.21
C GLY C 363 6.15 -21.02 -15.35
N ALA C 364 6.24 -20.30 -14.23
CA ALA C 364 6.39 -18.85 -14.24
C ALA C 364 7.82 -18.41 -13.95
N THR C 365 8.75 -19.36 -13.84
CA THR C 365 10.12 -19.05 -13.45
C THR C 365 11.13 -19.70 -14.38
N ARG C 366 11.70 -20.83 -13.95
CA ARG C 366 12.76 -21.49 -14.70
C ARG C 366 12.31 -21.89 -16.08
N HIS C 367 11.07 -22.40 -16.21
CA HIS C 367 10.60 -22.88 -17.50
C HIS C 367 10.40 -21.75 -18.49
N GLY C 368 10.06 -20.55 -18.01
CA GLY C 368 9.89 -19.42 -18.90
C GLY C 368 11.18 -18.75 -19.31
N ALA C 369 12.23 -18.87 -18.48
CA ALA C 369 13.52 -18.30 -18.84
C ALA C 369 14.32 -19.21 -19.75
N LYS C 370 14.06 -20.52 -19.70
CA LYS C 370 14.72 -21.43 -20.61
C LYS C 370 14.06 -21.41 -21.98
N ALA C 371 12.75 -21.19 -22.02
CA ALA C 371 12.06 -20.97 -23.28
C ALA C 371 12.53 -19.69 -23.95
N LEU C 372 12.69 -18.62 -23.17
CA LEU C 372 13.20 -17.35 -23.68
C LEU C 372 14.72 -17.32 -23.75
N ALA C 373 15.40 -18.40 -23.34
CA ALA C 373 16.86 -18.50 -23.38
C ALA C 373 17.51 -17.35 -22.61
N LEU C 374 16.99 -17.08 -21.43
CA LEU C 374 17.50 -16.03 -20.55
C LEU C 374 18.27 -16.63 -19.39
N ASN C 375 19.00 -15.78 -18.69
CA ASN C 375 19.85 -16.19 -17.57
C ASN C 375 19.22 -15.85 -16.22
N ASN C 376 17.94 -16.14 -16.07
CA ASN C 376 17.24 -15.84 -14.83
C ASN C 376 16.21 -16.93 -14.57
N GLY C 377 15.22 -16.64 -13.73
CA GLY C 377 14.22 -17.63 -13.36
C GLY C 377 14.66 -18.61 -12.31
N GLU C 378 15.78 -18.36 -11.65
CA GLU C 378 16.31 -19.29 -10.65
C GLU C 378 17.28 -18.55 -9.74
N ILE C 379 17.18 -18.82 -8.44
CA ILE C 379 18.17 -18.29 -7.50
C ILE C 379 19.34 -19.25 -7.53
N GLU C 380 20.31 -18.96 -8.38
CA GLU C 380 21.47 -19.80 -8.61
C GLU C 380 22.68 -18.92 -8.87
N THR C 381 23.86 -19.44 -8.57
CA THR C 381 25.08 -18.68 -8.77
C THR C 381 25.29 -18.39 -10.26
N ASN C 382 25.74 -17.16 -10.54
CA ASN C 382 26.04 -16.65 -11.88
C ASN C 382 24.80 -16.34 -12.70
N LYS C 383 23.61 -16.44 -12.12
CA LYS C 383 22.40 -16.07 -12.82
C LYS C 383 22.04 -14.62 -12.54
N ARG C 384 21.20 -14.04 -13.39
CA ARG C 384 20.83 -12.63 -13.26
C ARG C 384 20.18 -12.39 -11.90
N ALA C 385 20.52 -11.26 -11.29
CA ALA C 385 19.95 -10.88 -10.01
C ALA C 385 18.55 -10.28 -10.22
N ASP C 386 17.69 -11.10 -10.80
CA ASP C 386 16.29 -10.75 -11.06
C ASP C 386 15.48 -11.40 -9.94
N LEU C 387 15.24 -10.64 -8.88
CA LEU C 387 14.64 -11.15 -7.66
C LEU C 387 13.38 -10.36 -7.34
N SER C 388 12.40 -11.05 -6.77
CA SER C 388 11.15 -10.46 -6.33
C SER C 388 10.97 -10.72 -4.84
N VAL C 389 10.48 -9.71 -4.13
CA VAL C 389 10.19 -9.83 -2.70
C VAL C 389 8.70 -9.53 -2.51
N PHE C 390 7.98 -10.48 -1.92
CA PHE C 390 6.56 -10.35 -1.67
C PHE C 390 6.32 -10.41 -0.18
N GLY C 391 5.66 -9.39 0.36
CA GLY C 391 5.44 -9.28 1.80
C GLY C 391 4.04 -9.73 2.17
N PHE C 392 3.97 -10.54 3.22
CA PHE C 392 2.69 -11.04 3.72
C PHE C 392 2.53 -10.75 5.21
N ASN C 393 1.50 -11.30 5.83
CA ASN C 393 1.23 -11.09 7.25
C ASN C 393 1.53 -12.31 8.11
N GLU C 394 1.75 -13.48 7.51
CA GLU C 394 2.12 -14.68 8.25
C GLU C 394 3.41 -15.25 7.70
N LYS C 395 3.89 -16.30 8.35
CA LYS C 395 5.02 -17.08 7.86
C LYS C 395 4.47 -18.45 7.47
N PHE C 396 4.48 -18.73 6.18
CA PHE C 396 3.85 -19.95 5.67
C PHE C 396 4.62 -21.17 6.14
N THR C 397 3.91 -22.28 6.27
CA THR C 397 4.57 -23.55 6.55
C THR C 397 5.37 -23.98 5.33
N LYS C 398 6.51 -24.63 5.58
CA LYS C 398 7.38 -25.05 4.49
C LYS C 398 6.64 -25.94 3.50
N GLU C 399 5.69 -26.74 3.99
CA GLU C 399 4.89 -27.59 3.11
C GLU C 399 3.83 -26.82 2.33
N GLN C 400 3.43 -25.65 2.81
CA GLN C 400 2.36 -24.88 2.18
C GLN C 400 2.85 -23.61 1.50
N ALA C 401 4.13 -23.25 1.67
CA ALA C 401 4.62 -21.94 1.22
C ALA C 401 4.30 -21.68 -0.25
N ILE C 402 4.60 -22.66 -1.11
CA ILE C 402 4.43 -22.45 -2.55
C ILE C 402 2.97 -22.15 -2.89
N LEU C 403 2.05 -22.88 -2.27
CA LEU C 403 0.64 -22.68 -2.61
C LEU C 403 0.06 -21.45 -1.91
N GLN C 404 0.45 -21.20 -0.66
CA GLN C 404 -0.03 -20.01 0.03
C GLN C 404 0.49 -18.74 -0.62
N PHE C 405 1.66 -18.81 -1.26
CA PHE C 405 2.17 -17.66 -1.98
C PHE C 405 1.31 -17.34 -3.20
N LEU C 406 0.92 -18.36 -3.96
CA LEU C 406 0.18 -18.12 -5.19
C LEU C 406 -1.23 -17.58 -4.92
N LEU C 407 -1.82 -17.95 -3.78
CA LEU C 407 -3.17 -17.51 -3.47
C LEU C 407 -3.21 -16.08 -2.95
N HIS C 408 -2.19 -15.64 -2.22
CA HIS C 408 -2.22 -14.34 -1.56
C HIS C 408 -1.28 -13.30 -2.17
N ALA C 409 -0.43 -13.69 -3.12
CA ALA C 409 0.44 -12.72 -3.77
C ALA C 409 -0.38 -11.81 -4.68
N LYS C 410 -0.22 -10.50 -4.52
CA LYS C 410 -0.99 -9.55 -5.30
C LYS C 410 -0.12 -8.44 -5.86
N GLU C 411 0.55 -7.70 -4.99
CA GLU C 411 1.56 -6.72 -5.37
C GLU C 411 2.93 -7.19 -4.89
N VAL C 412 3.96 -6.49 -5.34
CA VAL C 412 5.34 -6.85 -5.05
C VAL C 412 5.92 -5.83 -4.10
N GLU C 413 6.65 -6.31 -3.08
CA GLU C 413 7.24 -5.42 -2.09
C GLU C 413 8.55 -4.82 -2.60
N ARG C 414 9.41 -5.67 -3.17
CA ARG C 414 10.67 -5.24 -3.73
C ARG C 414 10.90 -5.98 -5.04
N LEU C 415 11.44 -5.28 -6.03
CA LEU C 415 11.78 -5.89 -7.32
C LEU C 415 13.17 -5.44 -7.72
N PHE C 416 14.07 -6.41 -7.89
CA PHE C 416 15.44 -6.17 -8.31
C PHE C 416 15.66 -6.82 -9.66
N LEU C 417 16.11 -6.02 -10.64
CA LEU C 417 16.41 -6.53 -11.97
C LEU C 417 17.86 -6.20 -12.29
N GLY C 418 18.66 -7.24 -12.53
CA GLY C 418 20.08 -7.05 -12.69
C GLY C 418 20.78 -6.56 -11.45
N GLY C 419 20.20 -6.79 -10.27
CA GLY C 419 20.71 -6.26 -9.04
C GLY C 419 20.34 -4.81 -8.77
N LYS C 420 19.56 -4.21 -9.66
CA LYS C 420 19.14 -2.81 -9.53
C LYS C 420 17.71 -2.76 -9.04
N ARG C 421 17.44 -1.80 -8.14
CA ARG C 421 16.12 -1.67 -7.55
C ARG C 421 15.18 -0.92 -8.48
N VAL C 422 14.06 -1.54 -8.81
CA VAL C 422 13.04 -0.96 -9.69
C VAL C 422 11.82 -0.51 -8.90
N ILE C 423 11.18 -1.43 -8.21
CA ILE C 423 10.03 -1.11 -7.37
C ILE C 423 10.42 -1.12 -5.90
N MET D 15 -41.99 7.65 -2.19
CA MET D 15 -41.40 8.30 -3.35
C MET D 15 -41.16 7.27 -4.45
N GLN D 16 -41.25 7.73 -5.70
CA GLN D 16 -41.10 6.85 -6.86
C GLN D 16 -40.01 7.40 -7.76
N GLU D 17 -39.35 6.47 -8.47
CA GLU D 17 -38.15 6.81 -9.20
C GLU D 17 -37.95 5.88 -10.38
N ILE D 18 -37.27 6.39 -11.40
CA ILE D 18 -36.99 5.65 -12.63
C ILE D 18 -35.49 5.63 -12.85
N ILE D 19 -34.95 4.47 -13.19
CA ILE D 19 -33.55 4.33 -13.56
C ILE D 19 -33.48 3.35 -14.72
N GLY D 20 -32.56 3.60 -15.64
CA GLY D 20 -32.39 2.71 -16.77
C GLY D 20 -30.95 2.67 -17.23
N ALA D 21 -30.59 1.56 -17.86
CA ALA D 21 -29.25 1.36 -18.38
C ALA D 21 -29.37 0.84 -19.80
N SER D 22 -28.27 0.91 -20.53
CA SER D 22 -28.26 0.38 -21.89
C SER D 22 -28.58 -1.11 -21.90
N LEU D 23 -28.36 -1.79 -20.76
CA LEU D 23 -28.71 -3.18 -20.62
C LEU D 23 -29.40 -3.41 -19.29
N VAL D 24 -30.43 -4.23 -19.30
CA VAL D 24 -31.14 -4.59 -18.08
C VAL D 24 -31.20 -6.12 -18.02
N PHE D 25 -30.65 -6.68 -16.94
CA PHE D 25 -30.68 -8.12 -16.72
C PHE D 25 -31.92 -8.42 -15.89
N LEU D 26 -32.94 -9.00 -16.52
CA LEU D 26 -34.17 -9.30 -15.80
C LEU D 26 -33.97 -10.41 -14.78
N CYS D 27 -33.04 -11.32 -15.04
CA CYS D 27 -32.76 -12.45 -14.16
C CYS D 27 -34.00 -13.30 -13.93
N ASN D 28 -34.78 -13.52 -14.98
CA ASN D 28 -35.86 -14.49 -14.93
C ASN D 28 -35.29 -15.87 -15.27
N GLU D 29 -36.15 -16.89 -15.29
CA GLU D 29 -35.69 -18.21 -15.73
C GLU D 29 -35.38 -18.20 -17.22
N LYS D 30 -35.99 -17.29 -17.96
CA LYS D 30 -35.65 -17.07 -19.36
C LYS D 30 -34.29 -16.43 -19.52
N CYS D 31 -33.78 -15.78 -18.47
CA CYS D 31 -32.53 -15.02 -18.50
C CYS D 31 -32.57 -14.02 -19.65
N GLU D 32 -33.49 -13.08 -19.52
CA GLU D 32 -33.75 -12.11 -20.57
C GLU D 32 -32.85 -10.90 -20.39
N VAL D 33 -32.17 -10.52 -21.47
CA VAL D 33 -31.35 -9.32 -21.52
C VAL D 33 -32.01 -8.34 -22.49
N LEU D 34 -32.30 -7.12 -22.02
CA LEU D 34 -33.05 -6.14 -22.79
C LEU D 34 -32.27 -4.84 -22.94
N GLU D 35 -32.66 -4.06 -23.94
CA GLU D 35 -31.93 -2.88 -24.38
C GLU D 35 -32.68 -1.61 -24.01
N ASP D 36 -31.95 -0.65 -23.44
CA ASP D 36 -32.46 0.69 -23.10
C ASP D 36 -33.72 0.62 -22.25
N TYR D 37 -33.78 -0.37 -21.38
CA TYR D 37 -34.95 -0.46 -20.50
C TYR D 37 -34.70 0.34 -19.22
N GLY D 38 -35.80 0.65 -18.53
CA GLY D 38 -35.73 1.36 -17.27
C GLY D 38 -36.63 0.61 -16.30
N VAL D 39 -36.64 1.01 -15.03
CA VAL D 39 -37.57 0.35 -14.12
C VAL D 39 -38.07 1.44 -13.19
N VAL D 40 -39.32 1.35 -12.75
CA VAL D 40 -39.89 2.29 -11.79
C VAL D 40 -40.09 1.59 -10.45
N PHE D 41 -39.64 2.22 -9.37
CA PHE D 41 -39.79 1.56 -8.08
C PHE D 41 -39.82 2.53 -6.91
N ASP D 42 -40.46 2.05 -5.84
CA ASP D 42 -40.50 2.64 -4.51
C ASP D 42 -39.73 1.70 -3.58
N GLU D 43 -40.39 1.04 -2.61
CA GLU D 43 -39.72 -0.08 -1.98
C GLU D 43 -39.72 -1.30 -2.89
N LYS D 44 -40.73 -1.42 -3.74
CA LYS D 44 -40.85 -2.55 -4.64
C LYS D 44 -40.86 -2.05 -6.08
N ILE D 45 -40.69 -2.98 -7.01
CA ILE D 45 -40.64 -2.65 -8.43
C ILE D 45 -42.06 -2.47 -8.95
N VAL D 46 -42.32 -1.29 -9.52
CA VAL D 46 -43.67 -0.91 -9.93
C VAL D 46 -43.94 -1.33 -11.36
N GLU D 47 -43.13 -0.84 -12.30
CA GLU D 47 -43.35 -1.10 -13.72
C GLU D 47 -42.03 -1.28 -14.44
N ILE D 48 -42.07 -2.11 -15.49
CA ILE D 48 -40.92 -2.34 -16.35
C ILE D 48 -41.31 -1.96 -17.77
N GLY D 49 -40.33 -1.47 -18.52
CA GLY D 49 -40.58 -1.12 -19.91
C GLY D 49 -39.40 -0.35 -20.48
N ASP D 50 -39.58 0.10 -21.72
CA ASP D 50 -38.58 0.92 -22.37
C ASP D 50 -38.38 2.22 -21.59
N TYR D 51 -37.12 2.63 -21.43
CA TYR D 51 -36.80 3.78 -20.59
C TYR D 51 -37.45 5.05 -21.11
N HIS D 52 -37.39 5.28 -22.42
CA HIS D 52 -37.98 6.50 -22.97
C HIS D 52 -39.49 6.50 -22.82
N ASN D 53 -40.13 5.35 -23.07
CA ASN D 53 -41.57 5.25 -22.87
C ASN D 53 -41.95 5.45 -21.41
N LEU D 54 -41.07 5.04 -20.50
CA LEU D 54 -41.34 5.25 -19.07
C LEU D 54 -41.24 6.73 -18.70
N THR D 55 -40.31 7.46 -19.33
CA THR D 55 -40.17 8.88 -19.03
C THR D 55 -41.31 9.70 -19.62
N LEU D 56 -42.00 9.17 -20.63
CA LEU D 56 -43.20 9.82 -21.15
C LEU D 56 -44.42 9.47 -20.31
N LYS D 57 -44.50 8.22 -19.84
CA LYS D 57 -45.62 7.80 -19.02
C LYS D 57 -45.62 8.50 -17.67
N TYR D 58 -44.44 8.63 -17.05
CA TYR D 58 -44.29 9.25 -15.73
C TYR D 58 -43.35 10.45 -15.85
N PRO D 59 -43.84 11.55 -16.41
CA PRO D 59 -42.93 12.68 -16.71
C PRO D 59 -42.32 13.34 -15.49
N HIS D 60 -43.00 13.35 -14.36
CA HIS D 60 -42.54 14.11 -13.20
C HIS D 60 -41.62 13.32 -12.28
N LEU D 61 -41.49 12.02 -12.47
CA LEU D 61 -40.58 11.23 -11.66
C LEU D 61 -39.13 11.52 -12.03
N LYS D 62 -38.28 11.63 -11.02
CA LYS D 62 -36.85 11.78 -11.25
C LYS D 62 -36.31 10.53 -11.93
N ALA D 63 -35.55 10.72 -13.00
CA ALA D 63 -35.11 9.62 -13.85
C ALA D 63 -33.64 9.76 -14.19
N GLN D 64 -32.92 8.65 -14.10
CA GLN D 64 -31.50 8.59 -14.46
C GLN D 64 -31.29 7.47 -15.46
N PHE D 65 -30.53 7.75 -16.51
CA PHE D 65 -30.14 6.75 -17.49
C PHE D 65 -28.64 6.55 -17.43
N PHE D 66 -28.21 5.31 -17.63
CA PHE D 66 -26.79 4.95 -17.51
C PHE D 66 -26.33 4.30 -18.81
N GLU D 67 -25.45 4.99 -19.53
CA GLU D 67 -24.90 4.48 -20.78
C GLU D 67 -23.69 3.60 -20.51
N ASN D 68 -23.52 2.57 -21.35
CA ASN D 68 -22.47 1.56 -21.17
C ASN D 68 -22.49 1.00 -19.76
N SER D 69 -23.69 0.70 -19.27
CA SER D 69 -23.85 0.16 -17.92
C SER D 69 -24.78 -1.04 -17.97
N VAL D 70 -24.77 -1.82 -16.90
CA VAL D 70 -25.63 -2.97 -16.73
C VAL D 70 -26.46 -2.77 -15.45
N LEU D 71 -27.76 -2.89 -15.58
CA LEU D 71 -28.69 -2.77 -14.46
C LEU D 71 -29.29 -4.15 -14.21
N LEU D 72 -29.11 -4.67 -13.01
CA LEU D 72 -29.51 -6.03 -12.69
C LEU D 72 -29.96 -6.06 -11.24
N PRO D 73 -30.61 -7.15 -10.81
CA PRO D 73 -30.91 -7.30 -9.38
C PRO D 73 -29.65 -7.36 -8.55
N ALA D 74 -29.78 -6.97 -7.28
CA ALA D 74 -28.69 -7.14 -6.34
C ALA D 74 -28.45 -8.63 -6.06
N PHE D 75 -27.19 -8.98 -5.84
CA PHE D 75 -26.83 -10.38 -5.68
C PHE D 75 -27.29 -10.91 -4.33
N ILE D 76 -27.28 -12.24 -4.21
CA ILE D 76 -27.63 -12.92 -2.97
C ILE D 76 -26.52 -13.93 -2.66
N ASN D 77 -25.87 -13.75 -1.52
CA ASN D 77 -24.80 -14.63 -1.07
C ASN D 77 -25.37 -15.55 0.00
N ALA D 78 -25.66 -16.79 -0.39
CA ALA D 78 -26.43 -17.69 0.47
C ALA D 78 -25.58 -18.44 1.49
N HIS D 79 -24.25 -18.41 1.39
CA HIS D 79 -23.39 -19.16 2.30
C HIS D 79 -22.13 -18.34 2.52
N THR D 80 -21.99 -17.73 3.70
CA THR D 80 -20.81 -16.91 3.97
C THR D 80 -20.60 -16.79 5.47
N HIS D 81 -19.43 -17.22 5.94
CA HIS D 81 -19.06 -17.13 7.35
C HIS D 81 -18.09 -15.96 7.57
N PHE D 82 -18.52 -14.93 8.28
CA PHE D 82 -17.61 -13.91 8.79
C PHE D 82 -17.26 -14.20 10.26
N GLU D 83 -16.75 -15.40 10.50
CA GLU D 83 -16.36 -15.79 11.85
C GLU D 83 -15.06 -15.11 12.26
N ALA D 89 -2.79 -16.47 5.96
CA ALA D 89 -2.40 -17.86 5.82
C ALA D 89 -3.28 -18.76 6.69
N SER D 90 -2.75 -19.11 7.86
CA SER D 90 -3.45 -19.89 8.88
C SER D 90 -3.70 -21.32 8.41
N PHE D 91 -4.86 -21.57 7.82
CA PHE D 91 -5.28 -22.94 7.55
C PHE D 91 -4.57 -23.51 6.32
N ASP D 92 -4.56 -24.84 6.25
CA ASP D 92 -3.87 -25.58 5.19
C ASP D 92 -4.83 -25.89 4.05
N TYR D 93 -4.40 -25.61 2.83
CA TYR D 93 -5.16 -25.95 1.63
C TYR D 93 -4.45 -27.03 0.84
N GLY D 94 -5.25 -27.81 0.11
CA GLY D 94 -4.77 -28.99 -0.59
C GLY D 94 -5.44 -30.25 -0.12
N SER D 95 -6.16 -30.20 1.00
CA SER D 95 -6.78 -31.36 1.61
C SER D 95 -7.97 -30.89 2.39
N PHE D 96 -9.00 -31.75 2.48
CA PHE D 96 -10.04 -31.48 3.45
C PHE D 96 -9.59 -31.89 4.84
N SER D 97 -8.99 -33.07 4.95
CA SER D 97 -8.42 -33.52 6.23
C SER D 97 -7.35 -32.56 6.72
N GLY D 98 -6.51 -32.08 5.81
CA GLY D 98 -5.49 -31.11 6.19
C GLY D 98 -6.07 -29.77 6.59
N TRP D 99 -7.19 -29.37 5.99
CA TRP D 99 -7.78 -28.10 6.35
C TRP D 99 -8.57 -28.20 7.65
N LEU D 100 -9.35 -29.27 7.81
CA LEU D 100 -10.07 -29.48 9.06
C LEU D 100 -9.10 -29.76 10.20
N GLY D 101 -8.08 -30.58 9.95
CA GLY D 101 -7.07 -30.79 10.97
C GLY D 101 -6.40 -29.50 11.41
N SER D 102 -6.10 -28.63 10.45
CA SER D 102 -5.50 -27.34 10.77
C SER D 102 -6.50 -26.35 11.33
N VAL D 103 -7.79 -26.55 11.08
CA VAL D 103 -8.82 -25.70 11.68
C VAL D 103 -9.06 -26.09 13.13
N LEU D 104 -9.02 -27.39 13.43
CA LEU D 104 -9.20 -27.84 14.81
C LEU D 104 -7.89 -27.80 15.60
N ASN D 105 -6.74 -27.87 14.91
CA ASN D 105 -5.48 -27.53 15.56
C ASN D 105 -5.43 -26.05 15.94
N ASN D 106 -6.29 -25.23 15.32
CA ASN D 106 -6.43 -23.84 15.74
C ASN D 106 -7.14 -23.73 17.08
N GLY D 107 -8.02 -24.69 17.39
CA GLY D 107 -8.78 -24.68 18.63
C GLY D 107 -9.54 -23.40 18.91
N CYS D 114 -12.95 -9.20 16.67
CA CYS D 114 -13.51 -9.43 15.34
C CYS D 114 -14.21 -8.17 14.85
N GLN D 115 -14.46 -7.25 15.77
CA GLN D 115 -15.30 -6.07 15.60
C GLN D 115 -15.10 -5.32 14.28
N GLY D 116 -13.86 -4.95 13.97
CA GLY D 116 -13.61 -4.18 12.76
C GLY D 116 -13.47 -5.03 11.51
N ALA D 117 -12.89 -6.22 11.66
CA ALA D 117 -12.80 -7.13 10.51
C ALA D 117 -14.20 -7.59 10.10
N ILE D 118 -15.13 -7.64 11.04
CA ILE D 118 -16.50 -8.00 10.68
C ILE D 118 -17.10 -6.92 9.79
N GLN D 119 -16.88 -5.66 10.15
CA GLN D 119 -17.62 -4.67 9.41
C GLN D 119 -16.95 -4.54 8.02
N ASN D 120 -15.68 -5.04 7.91
CA ASN D 120 -14.76 -5.15 6.77
C ASN D 120 -15.14 -6.21 5.75
N ALA D 121 -15.93 -7.20 6.12
CA ALA D 121 -16.42 -8.13 5.10
C ALA D 121 -17.76 -7.70 4.56
N ILE D 122 -18.54 -6.96 5.36
CA ILE D 122 -19.83 -6.48 4.90
C ILE D 122 -19.67 -5.48 3.75
N MET D 123 -18.74 -4.53 3.88
CA MET D 123 -18.53 -3.57 2.81
C MET D 123 -17.97 -4.23 1.55
N ALA D 124 -17.36 -5.40 1.68
CA ALA D 124 -16.91 -6.15 0.52
C ALA D 124 -18.07 -6.82 -0.21
N GLN D 125 -19.21 -6.99 0.47
CA GLN D 125 -20.41 -7.53 -0.16
C GLN D 125 -21.25 -6.44 -0.82
N LEU D 126 -21.42 -5.30 -0.16
CA LEU D 126 -22.22 -4.23 -0.73
C LEU D 126 -21.56 -3.66 -1.99
N LYS D 127 -20.25 -3.43 -1.93
CA LYS D 127 -19.54 -2.91 -3.09
C LYS D 127 -19.42 -3.94 -4.21
N SER D 128 -19.57 -5.23 -3.89
CA SER D 128 -19.60 -6.27 -4.91
C SER D 128 -20.98 -6.47 -5.52
N GLY D 129 -21.99 -5.75 -5.04
CA GLY D 129 -23.34 -5.91 -5.55
C GLY D 129 -24.22 -6.85 -4.76
N VAL D 130 -23.82 -7.22 -3.56
CA VAL D 130 -24.59 -8.15 -2.73
C VAL D 130 -25.57 -7.35 -1.88
N GLY D 131 -26.85 -7.74 -1.94
CA GLY D 131 -27.88 -7.07 -1.18
C GLY D 131 -28.51 -7.96 -0.12
N SER D 132 -28.30 -9.27 -0.25
CA SER D 132 -28.86 -10.26 0.64
C SER D 132 -27.77 -11.22 1.08
N VAL D 133 -27.87 -11.69 2.33
CA VAL D 133 -26.85 -12.51 2.94
C VAL D 133 -27.46 -13.77 3.54
N GLY D 134 -26.83 -14.91 3.28
CA GLY D 134 -27.10 -16.12 4.04
C GLY D 134 -25.93 -16.42 4.96
N ALA D 135 -25.93 -15.83 6.15
CA ALA D 135 -24.79 -15.94 7.06
C ALA D 135 -24.98 -17.10 8.02
N ILE D 136 -23.96 -17.94 8.14
CA ILE D 136 -23.92 -18.97 9.17
C ILE D 136 -23.12 -18.44 10.33
N SER D 137 -23.71 -18.45 11.52
CA SER D 137 -23.08 -17.94 12.72
C SER D 137 -23.26 -18.92 13.87
N ASN D 138 -22.27 -19.00 14.74
CA ASN D 138 -22.34 -19.86 15.91
C ASN D 138 -22.61 -19.12 17.20
N HIS D 139 -22.14 -17.87 17.33
CA HIS D 139 -22.31 -17.12 18.56
C HIS D 139 -22.97 -15.76 18.34
N LEU D 140 -23.51 -15.49 17.15
CA LEU D 140 -24.28 -14.27 16.86
C LEU D 140 -23.45 -13.01 17.10
N ILE D 141 -22.19 -13.02 16.64
CA ILE D 141 -21.31 -11.89 16.91
C ILE D 141 -21.61 -10.71 15.99
N GLU D 142 -21.85 -10.98 14.70
CA GLU D 142 -22.02 -9.93 13.70
C GLU D 142 -23.47 -9.56 13.43
N VAL D 143 -24.44 -10.24 14.07
CA VAL D 143 -25.83 -10.00 13.76
C VAL D 143 -26.23 -8.57 14.10
N ASN D 144 -25.62 -7.98 15.13
CA ASN D 144 -25.95 -6.61 15.49
C ASN D 144 -25.52 -5.66 14.38
N LEU D 145 -24.39 -5.94 13.73
CA LEU D 145 -23.95 -5.14 12.60
C LEU D 145 -24.70 -5.48 11.32
N LEU D 146 -25.12 -6.73 11.17
CA LEU D 146 -25.95 -7.09 10.01
C LEU D 146 -27.32 -6.41 10.09
N LYS D 147 -27.79 -6.13 11.30
CA LYS D 147 -29.01 -5.33 11.48
C LYS D 147 -28.73 -3.86 11.24
N GLU D 148 -27.52 -3.41 11.60
CA GLU D 148 -27.13 -2.03 11.32
C GLU D 148 -26.82 -1.83 9.85
N SER D 149 -26.39 -2.88 9.16
N SER D 149 -26.39 -2.88 9.16
CA SER D 149 -26.09 -2.76 7.73
CA SER D 149 -26.09 -2.76 7.73
C SER D 149 -27.37 -2.90 6.91
C SER D 149 -27.37 -2.90 6.91
N PRO D 150 -27.46 -2.20 5.78
CA PRO D 150 -28.67 -2.29 4.94
C PRO D 150 -28.89 -3.68 4.33
N LEU D 151 -27.95 -4.60 4.47
CA LEU D 151 -28.05 -5.90 3.83
C LEU D 151 -29.27 -6.66 4.33
N ASN D 152 -29.92 -7.38 3.42
CA ASN D 152 -30.89 -8.38 3.82
C ASN D 152 -30.16 -9.59 4.38
N ALA D 153 -30.54 -10.02 5.58
CA ALA D 153 -29.80 -11.04 6.30
C ALA D 153 -30.70 -12.23 6.62
N VAL D 154 -30.15 -13.43 6.42
CA VAL D 154 -30.79 -14.68 6.85
C VAL D 154 -29.72 -15.42 7.65
N VAL D 155 -29.69 -15.16 8.96
CA VAL D 155 -28.69 -15.77 9.82
C VAL D 155 -29.11 -17.21 10.13
N PHE D 156 -28.24 -18.16 9.81
CA PHE D 156 -28.44 -19.55 10.16
C PHE D 156 -27.68 -19.83 11.45
N LEU D 157 -28.42 -20.18 12.52
CA LEU D 157 -27.78 -20.55 13.77
C LEU D 157 -27.29 -21.97 13.67
N GLU D 158 -25.98 -22.15 13.77
CA GLU D 158 -25.34 -23.41 13.47
C GLU D 158 -25.17 -24.26 14.72
N PHE D 159 -25.31 -25.57 14.55
CA PHE D 159 -25.18 -26.52 15.64
C PHE D 159 -23.96 -27.40 15.41
N LEU D 160 -23.15 -27.56 16.45
CA LEU D 160 -21.94 -28.38 16.42
C LEU D 160 -22.00 -29.33 17.60
N GLY D 161 -22.11 -30.63 17.33
CA GLY D 161 -22.10 -31.59 18.41
C GLY D 161 -22.26 -33.04 18.01
N SER D 162 -21.21 -33.83 18.18
CA SER D 162 -21.23 -35.25 17.86
C SER D 162 -21.57 -36.09 19.08
N SER D 163 -21.88 -35.44 20.20
CA SER D 163 -22.29 -36.09 21.43
C SER D 163 -23.67 -35.61 21.81
N TYR D 164 -24.51 -36.54 22.28
CA TYR D 164 -25.81 -36.13 22.77
C TYR D 164 -25.65 -35.42 24.11
N SER D 165 -26.33 -34.28 24.25
CA SER D 165 -26.31 -33.54 25.50
C SER D 165 -27.60 -32.72 25.59
N LEU D 166 -28.53 -33.16 26.44
CA LEU D 166 -29.74 -32.38 26.64
C LEU D 166 -29.41 -31.01 27.26
N GLU D 167 -28.27 -30.91 27.95
CA GLU D 167 -27.85 -29.63 28.49
C GLU D 167 -27.45 -28.67 27.36
N LYS D 168 -26.63 -29.15 26.44
CA LYS D 168 -26.24 -28.34 25.28
C LYS D 168 -27.39 -28.21 24.28
N LEU D 169 -28.34 -29.14 24.28
CA LEU D 169 -29.51 -29.02 23.43
C LEU D 169 -30.33 -27.80 23.81
N LYS D 170 -30.37 -27.47 25.10
CA LYS D 170 -31.12 -26.31 25.56
C LYS D 170 -30.29 -25.03 25.60
N ALA D 171 -28.96 -25.15 25.57
CA ALA D 171 -28.13 -23.97 25.38
C ALA D 171 -28.16 -23.50 23.93
N PHE D 172 -28.56 -24.37 23.01
CA PHE D 172 -28.74 -24.03 21.62
C PHE D 172 -30.15 -23.56 21.30
N GLU D 173 -31.15 -24.14 21.96
CA GLU D 173 -32.53 -23.70 21.82
C GLU D 173 -32.84 -22.44 22.62
N ALA D 174 -31.92 -21.99 23.47
CA ALA D 174 -32.06 -20.71 24.16
C ALA D 174 -31.37 -19.57 23.45
N LYS D 175 -30.26 -19.82 22.75
CA LYS D 175 -29.67 -18.77 21.94
C LYS D 175 -30.44 -18.55 20.64
N PHE D 176 -31.11 -19.59 20.12
CA PHE D 176 -31.98 -19.38 18.98
C PHE D 176 -33.17 -18.51 19.36
N LYS D 177 -33.68 -18.67 20.58
CA LYS D 177 -34.74 -17.78 21.05
C LYS D 177 -34.24 -16.34 21.15
N GLU D 178 -32.95 -16.17 21.45
CA GLU D 178 -32.35 -14.84 21.41
C GLU D 178 -32.22 -14.33 19.97
N LEU D 179 -32.12 -15.25 19.01
CA LEU D 179 -32.07 -14.84 17.61
C LEU D 179 -33.44 -14.39 17.12
N LYS D 180 -34.50 -15.10 17.51
CA LYS D 180 -35.85 -14.71 17.11
C LYS D 180 -36.31 -13.44 17.80
N ASP D 181 -35.64 -13.02 18.88
CA ASP D 181 -35.95 -11.76 19.55
C ASP D 181 -35.19 -10.58 18.95
N LEU D 182 -34.42 -10.80 17.88
CA LEU D 182 -33.72 -9.73 17.19
C LEU D 182 -34.15 -9.63 15.72
N GLU D 183 -35.20 -10.35 15.33
CA GLU D 183 -35.65 -10.34 13.96
C GLU D 183 -36.37 -9.04 13.62
N ASP D 184 -36.27 -8.65 12.35
CA ASP D 184 -37.01 -7.52 11.84
C ASP D 184 -37.46 -7.88 10.42
N GLN D 185 -37.73 -6.86 9.60
CA GLN D 185 -38.07 -7.12 8.21
C GLN D 185 -36.85 -7.30 7.32
N LYS D 186 -35.64 -7.03 7.83
CA LYS D 186 -34.41 -7.20 7.08
C LYS D 186 -33.62 -8.43 7.49
N LEU D 187 -33.83 -8.92 8.72
CA LEU D 187 -33.12 -10.08 9.23
C LEU D 187 -34.13 -11.17 9.55
N LYS D 188 -33.97 -12.33 8.94
CA LYS D 188 -34.78 -13.51 9.21
C LYS D 188 -33.92 -14.58 9.86
N ALA D 189 -34.50 -15.34 10.79
CA ALA D 189 -33.77 -16.32 11.59
C ALA D 189 -33.91 -17.70 10.97
N ALA D 190 -32.80 -18.41 10.87
CA ALA D 190 -32.75 -19.76 10.32
C ALA D 190 -31.91 -20.65 11.22
N LEU D 191 -31.78 -21.92 10.84
CA LEU D 191 -31.09 -22.92 11.64
C LEU D 191 -30.24 -23.81 10.74
N ALA D 192 -29.12 -24.27 11.28
CA ALA D 192 -28.16 -25.05 10.50
C ALA D 192 -27.69 -26.29 11.26
N VAL D 193 -27.55 -27.40 10.53
CA VAL D 193 -26.90 -28.61 11.01
C VAL D 193 -25.55 -28.70 10.31
N HIS D 194 -24.47 -28.79 11.09
CA HIS D 194 -23.14 -28.67 10.51
C HIS D 194 -22.88 -29.67 9.39
N ALA D 195 -22.66 -30.95 9.74
CA ALA D 195 -22.25 -31.93 8.75
C ALA D 195 -22.67 -33.31 9.25
N PRO D 196 -22.68 -34.32 8.35
CA PRO D 196 -22.95 -35.70 8.77
C PRO D 196 -21.83 -36.34 9.60
N TYR D 197 -20.70 -35.67 9.75
CA TYR D 197 -19.62 -36.16 10.59
C TYR D 197 -19.55 -35.37 11.88
N SER D 198 -20.37 -34.33 12.00
CA SER D 198 -20.26 -33.34 13.05
C SER D 198 -21.42 -33.27 14.02
N VAL D 199 -22.56 -33.87 13.72
CA VAL D 199 -23.76 -33.75 14.55
C VAL D 199 -24.36 -35.14 14.74
N GLN D 200 -24.58 -35.53 15.98
CA GLN D 200 -25.22 -36.81 16.27
C GLN D 200 -26.65 -36.79 15.76
N LYS D 201 -27.16 -37.98 15.42
CA LYS D 201 -28.46 -38.07 14.73
C LYS D 201 -29.58 -37.47 15.57
N ASP D 202 -29.63 -37.75 16.86
CA ASP D 202 -30.74 -37.29 17.68
C ASP D 202 -30.58 -35.86 18.15
N MET D 203 -29.43 -35.24 17.91
CA MET D 203 -29.28 -33.81 18.15
C MET D 203 -29.72 -32.99 16.95
N ALA D 204 -29.68 -33.56 15.75
CA ALA D 204 -30.16 -32.88 14.55
C ALA D 204 -31.66 -33.03 14.35
N LEU D 205 -32.23 -34.19 14.70
CA LEU D 205 -33.68 -34.34 14.63
C LEU D 205 -34.37 -33.32 15.54
N SER D 206 -33.71 -32.93 16.63
CA SER D 206 -34.22 -31.84 17.46
C SER D 206 -34.00 -30.51 16.76
N VAL D 207 -32.84 -30.33 16.12
CA VAL D 207 -32.60 -29.13 15.32
C VAL D 207 -33.66 -29.01 14.23
N ILE D 208 -33.89 -30.10 13.49
CA ILE D 208 -34.87 -30.08 12.41
C ILE D 208 -36.26 -29.82 12.94
N GLN D 209 -36.63 -30.49 14.03
CA GLN D 209 -37.96 -30.29 14.61
C GLN D 209 -38.13 -28.87 15.11
N LEU D 210 -37.08 -28.29 15.68
CA LEU D 210 -37.16 -26.90 16.13
C LEU D 210 -37.27 -25.95 14.94
N ALA D 211 -36.70 -26.31 13.79
CA ALA D 211 -36.89 -25.51 12.60
C ALA D 211 -38.32 -25.60 12.08
N LYS D 212 -38.88 -26.82 12.06
CA LYS D 212 -40.30 -26.98 11.73
C LYS D 212 -41.17 -26.20 12.71
N ASP D 213 -40.87 -26.32 14.00
CA ASP D 213 -41.63 -25.59 15.01
C ASP D 213 -41.52 -24.08 14.81
N SER D 214 -40.30 -23.59 14.60
CA SER D 214 -40.07 -22.17 14.41
C SER D 214 -40.26 -21.73 12.96
N GLN D 215 -40.55 -22.67 12.06
CA GLN D 215 -40.76 -22.38 10.64
C GLN D 215 -39.59 -21.58 10.08
N SER D 216 -38.43 -22.22 10.08
CA SER D 216 -37.18 -21.59 9.69
C SER D 216 -36.46 -22.43 8.66
N LEU D 217 -35.43 -21.84 8.06
CA LEU D 217 -34.67 -22.48 7.00
C LEU D 217 -33.58 -23.36 7.59
N LEU D 218 -33.20 -24.38 6.82
CA LEU D 218 -32.14 -25.32 7.23
C LEU D 218 -31.00 -25.24 6.22
N SER D 219 -29.79 -25.04 6.71
CA SER D 219 -28.59 -25.18 5.91
C SER D 219 -27.71 -26.29 6.47
N THR D 220 -26.96 -26.94 5.59
CA THR D 220 -26.07 -28.00 6.02
C THR D 220 -25.00 -28.24 4.97
N HIS D 221 -23.82 -28.65 5.44
CA HIS D 221 -22.74 -29.08 4.56
C HIS D 221 -22.89 -30.58 4.35
N PHE D 222 -22.97 -31.01 3.08
CA PHE D 222 -23.24 -32.40 2.77
C PHE D 222 -22.19 -32.93 1.81
N LEU D 223 -21.63 -34.10 2.12
CA LEU D 223 -20.56 -34.77 1.37
C LEU D 223 -19.68 -33.81 0.59
N GLU D 224 -18.97 -32.96 1.32
CA GLU D 224 -18.06 -31.98 0.78
C GLU D 224 -16.69 -32.58 0.47
N SER D 225 -16.42 -33.78 0.98
CA SER D 225 -15.10 -34.38 0.92
C SER D 225 -15.21 -35.84 0.49
N LEU D 226 -14.08 -36.38 0.03
CA LEU D 226 -13.97 -37.83 -0.16
C LEU D 226 -13.82 -38.54 1.18
N GLU D 227 -13.24 -37.87 2.18
CA GLU D 227 -13.11 -38.46 3.50
C GLU D 227 -14.46 -38.55 4.20
N GLU D 228 -15.33 -37.57 3.96
CA GLU D 228 -16.68 -37.63 4.53
C GLU D 228 -17.53 -38.69 3.83
N LEU D 229 -17.27 -38.92 2.53
CA LEU D 229 -17.99 -39.97 1.82
C LEU D 229 -17.57 -41.34 2.31
N GLU D 230 -16.26 -41.56 2.48
CA GLU D 230 -15.77 -42.83 3.00
C GLU D 230 -16.29 -43.10 4.40
N TRP D 231 -16.42 -42.05 5.22
CA TRP D 231 -16.89 -42.22 6.59
C TRP D 231 -18.38 -42.55 6.63
N VAL D 232 -19.19 -41.79 5.88
CA VAL D 232 -20.63 -41.98 5.92
C VAL D 232 -21.03 -43.26 5.20
N GLU D 233 -20.26 -43.68 4.20
CA GLU D 233 -20.63 -44.82 3.38
C GLU D 233 -20.19 -46.15 4.00
N ASN D 234 -18.92 -46.26 4.41
CA ASN D 234 -18.36 -47.53 4.83
C ASN D 234 -17.68 -47.48 6.20
N SER D 235 -17.85 -46.40 6.96
CA SER D 235 -17.24 -46.25 8.28
C SER D 235 -15.74 -46.49 8.23
N LYS D 236 -15.09 -45.87 7.24
CA LYS D 236 -13.65 -45.97 7.05
C LYS D 236 -13.10 -44.60 6.71
N GLY D 237 -11.79 -44.53 6.52
CA GLY D 237 -11.14 -43.32 6.08
C GLY D 237 -10.52 -42.51 7.21
N TRP D 238 -10.28 -41.23 6.90
CA TRP D 238 -9.61 -40.31 7.80
C TRP D 238 -10.41 -40.02 9.07
N PHE D 239 -11.66 -40.46 9.15
CA PHE D 239 -12.53 -40.12 10.28
C PHE D 239 -12.55 -41.21 11.35
N GLU D 240 -11.80 -42.31 11.16
CA GLU D 240 -11.65 -43.29 12.24
C GLU D 240 -10.99 -42.67 13.46
N ASN D 241 -9.99 -41.82 13.25
CA ASN D 241 -9.23 -41.22 14.33
C ASN D 241 -9.70 -39.81 14.67
N PHE D 242 -10.77 -39.33 14.03
CA PHE D 242 -11.15 -37.93 14.14
C PHE D 242 -11.79 -37.60 15.48
N TYR D 243 -12.75 -38.44 15.93
CA TYR D 243 -13.48 -38.17 17.16
C TYR D 243 -12.58 -38.35 18.39
N GLN D 244 -11.52 -39.17 18.25
CA GLN D 244 -10.43 -39.35 19.20
C GLN D 244 -9.48 -38.18 19.30
N ARG D 245 -8.96 -37.72 18.17
CA ARG D 245 -7.86 -36.77 18.21
C ARG D 245 -8.32 -35.36 18.54
N PHE D 246 -9.49 -34.94 18.04
CA PHE D 246 -9.89 -33.54 18.09
C PHE D 246 -11.07 -33.23 18.99
N LEU D 247 -11.94 -34.20 19.27
CA LEU D 247 -13.20 -33.93 19.95
C LEU D 247 -13.24 -34.47 21.38
N LYS D 248 -12.19 -35.16 21.81
CA LYS D 248 -12.09 -35.72 23.16
C LYS D 248 -13.21 -36.71 23.49
N GLU D 249 -13.83 -37.31 22.47
CA GLU D 249 -14.83 -38.35 22.65
C GLU D 249 -14.32 -39.64 22.03
N SER D 250 -14.99 -40.74 22.35
CA SER D 250 -14.60 -42.08 21.88
C SER D 250 -15.71 -42.66 21.00
N ASN D 251 -15.70 -42.27 19.73
CA ASN D 251 -16.62 -42.79 18.73
C ASN D 251 -15.80 -43.30 17.55
N PHE D 252 -16.11 -44.52 17.09
CA PHE D 252 -15.33 -45.17 16.04
C PHE D 252 -16.19 -45.66 14.88
N THR D 253 -17.46 -45.25 14.82
CA THR D 253 -18.34 -45.62 13.72
C THR D 253 -19.15 -44.40 13.32
N SER D 254 -19.70 -44.45 12.10
CA SER D 254 -20.39 -43.30 11.56
C SER D 254 -21.64 -42.95 12.35
N LEU D 255 -21.93 -41.66 12.46
CA LEU D 255 -23.11 -41.17 13.17
C LEU D 255 -24.41 -41.48 12.43
N TYR D 256 -24.35 -41.77 11.14
CA TYR D 256 -25.52 -42.03 10.32
C TYR D 256 -25.33 -43.30 9.51
N GLU D 257 -26.43 -44.03 9.30
CA GLU D 257 -26.35 -45.36 8.66
C GLU D 257 -26.49 -45.20 7.15
N GLY D 258 -25.49 -44.60 6.54
CA GLY D 258 -25.53 -44.44 5.11
C GLY D 258 -25.82 -43.01 4.71
N ALA D 259 -25.54 -42.71 3.43
CA ALA D 259 -25.80 -41.36 2.92
C ALA D 259 -27.28 -41.06 2.92
N ASN D 260 -28.13 -42.06 2.66
CA ASN D 260 -29.57 -41.82 2.61
C ASN D 260 -30.17 -41.59 4.00
N ASP D 261 -29.54 -42.12 5.04
CA ASP D 261 -30.07 -41.94 6.39
C ASP D 261 -29.95 -40.49 6.86
N TYR D 262 -28.93 -39.78 6.41
CA TYR D 262 -28.76 -38.39 6.81
C TYR D 262 -29.76 -37.46 6.12
N ILE D 263 -30.04 -37.71 4.83
CA ILE D 263 -30.89 -36.82 4.06
C ILE D 263 -32.35 -36.92 4.51
N ASP D 264 -32.83 -38.16 4.70
CA ASP D 264 -34.24 -38.37 5.03
C ASP D 264 -34.67 -37.65 6.29
N MET D 265 -33.73 -37.15 7.09
CA MET D 265 -34.09 -36.31 8.23
C MET D 265 -34.65 -34.97 7.76
N PHE D 266 -34.27 -34.52 6.56
CA PHE D 266 -34.71 -33.24 6.03
C PHE D 266 -35.88 -33.37 5.07
N LYS D 267 -36.64 -34.46 5.16
CA LYS D 267 -37.81 -34.62 4.31
C LYS D 267 -38.88 -33.59 4.67
N ASP D 268 -39.46 -32.99 3.64
CA ASP D 268 -40.54 -32.01 3.80
C ASP D 268 -40.07 -30.78 4.59
N THR D 269 -39.01 -30.16 4.09
CA THR D 269 -38.48 -28.94 4.70
C THR D 269 -37.91 -28.04 3.61
N HIS D 270 -37.27 -26.96 4.03
CA HIS D 270 -36.66 -25.97 3.14
C HIS D 270 -35.16 -25.92 3.42
N THR D 271 -34.45 -26.96 3.02
CA THR D 271 -33.07 -27.18 3.43
C THR D 271 -32.11 -26.83 2.28
N LEU D 272 -31.13 -26.00 2.58
CA LEU D 272 -30.06 -25.66 1.64
C LEU D 272 -28.91 -26.63 1.83
N PHE D 273 -28.57 -27.37 0.77
CA PHE D 273 -27.49 -28.36 0.80
C PHE D 273 -26.25 -27.76 0.14
N VAL D 274 -25.23 -27.48 0.95
CA VAL D 274 -24.02 -26.82 0.46
C VAL D 274 -23.00 -27.87 0.07
N HIS D 275 -22.23 -27.58 -1.00
CA HIS D 275 -21.10 -28.37 -1.49
C HIS D 275 -21.56 -29.59 -2.31
N ASN D 276 -21.64 -30.76 -1.67
CA ASN D 276 -22.10 -32.00 -2.32
C ASN D 276 -21.34 -32.34 -3.59
N GLN D 277 -20.03 -32.06 -3.64
CA GLN D 277 -19.29 -32.44 -4.84
C GLN D 277 -19.08 -33.94 -4.93
N PHE D 278 -19.28 -34.67 -3.84
CA PHE D 278 -19.07 -36.11 -3.80
C PHE D 278 -20.35 -36.92 -3.64
N ALA D 279 -21.51 -36.27 -3.69
CA ALA D 279 -22.78 -36.99 -3.67
C ALA D 279 -23.09 -37.51 -5.06
N SER D 280 -23.40 -38.80 -5.16
CA SER D 280 -23.68 -39.42 -6.44
C SER D 280 -25.09 -39.05 -6.93
N LEU D 281 -25.36 -39.36 -8.21
CA LEU D 281 -26.64 -39.02 -8.81
C LEU D 281 -27.80 -39.61 -8.03
N GLU D 282 -27.60 -40.83 -7.50
CA GLU D 282 -28.62 -41.43 -6.65
C GLU D 282 -28.83 -40.63 -5.36
N ALA D 283 -27.74 -40.05 -4.82
CA ALA D 283 -27.86 -39.30 -3.58
C ALA D 283 -28.64 -38.01 -3.74
N LEU D 284 -28.39 -37.26 -4.83
CA LEU D 284 -29.11 -36.00 -5.01
C LEU D 284 -30.52 -36.22 -5.55
N LYS D 285 -30.73 -37.30 -6.31
CA LYS D 285 -32.09 -37.66 -6.68
C LYS D 285 -32.90 -37.95 -5.42
N ARG D 286 -32.26 -38.54 -4.42
CA ARG D 286 -32.90 -38.74 -3.13
C ARG D 286 -33.16 -37.41 -2.44
N ILE D 287 -32.23 -36.46 -2.57
CA ILE D 287 -32.41 -35.16 -1.91
C ILE D 287 -33.64 -34.45 -2.44
N LYS D 288 -33.77 -34.36 -3.77
CA LYS D 288 -34.92 -33.66 -4.35
C LYS D 288 -36.22 -34.39 -4.04
N SER D 289 -36.23 -35.71 -4.20
CA SER D 289 -37.46 -36.47 -4.02
C SER D 289 -37.92 -36.48 -2.57
N GLN D 290 -37.01 -36.26 -1.62
CA GLN D 290 -37.34 -36.30 -0.20
C GLN D 290 -37.40 -34.92 0.44
N VAL D 291 -36.42 -34.06 0.17
CA VAL D 291 -36.44 -32.72 0.76
C VAL D 291 -37.53 -31.83 0.17
N LYS D 292 -38.01 -32.14 -1.03
CA LYS D 292 -39.10 -31.42 -1.68
C LYS D 292 -38.75 -29.97 -2.00
N ASN D 293 -38.13 -29.26 -1.05
CA ASN D 293 -37.64 -27.91 -1.30
C ASN D 293 -36.14 -27.84 -1.07
N ALA D 294 -35.37 -28.62 -1.84
CA ALA D 294 -33.92 -28.66 -1.70
C ALA D 294 -33.28 -27.57 -2.56
N PHE D 295 -32.21 -26.98 -2.02
CA PHE D 295 -31.46 -25.94 -2.72
C PHE D 295 -29.97 -26.24 -2.61
N LEU D 296 -29.35 -26.53 -3.75
CA LEU D 296 -27.92 -26.81 -3.78
C LEU D 296 -27.13 -25.51 -3.76
N ILE D 297 -26.18 -25.42 -2.83
CA ILE D 297 -25.26 -24.29 -2.73
C ILE D 297 -23.85 -24.77 -3.08
N THR D 298 -23.15 -23.99 -3.91
CA THR D 298 -21.81 -24.34 -4.33
C THR D 298 -20.86 -23.14 -4.17
N CYS D 299 -19.61 -23.44 -3.85
CA CYS D 299 -18.56 -22.42 -3.70
C CYS D 299 -17.31 -22.90 -4.44
N PRO D 300 -17.15 -22.52 -5.71
CA PRO D 300 -16.03 -23.04 -6.52
C PRO D 300 -14.66 -22.90 -5.88
N PHE D 301 -14.32 -21.74 -5.31
CA PHE D 301 -12.97 -21.56 -4.78
C PHE D 301 -12.73 -22.47 -3.59
N SER D 302 -13.74 -22.65 -2.74
CA SER D 302 -13.59 -23.51 -1.57
C SER D 302 -13.46 -24.98 -1.97
N ASN D 303 -14.05 -25.36 -3.11
CA ASN D 303 -13.88 -26.73 -3.58
C ASN D 303 -12.45 -26.97 -4.03
N ARG D 304 -11.82 -25.96 -4.63
CA ARG D 304 -10.45 -26.12 -5.13
C ARG D 304 -9.46 -26.20 -3.99
N LEU D 305 -9.55 -25.27 -3.02
CA LEU D 305 -8.59 -25.24 -1.93
C LEU D 305 -8.72 -26.46 -1.03
N LEU D 306 -9.95 -26.92 -0.79
CA LEU D 306 -10.18 -28.02 0.14
C LEU D 306 -10.17 -29.37 -0.57
N SER D 307 -11.36 -29.95 -0.77
CA SER D 307 -11.49 -31.25 -1.41
C SER D 307 -10.66 -31.35 -2.69
N GLY D 308 -10.70 -30.30 -3.52
CA GLY D 308 -10.00 -30.31 -4.79
C GLY D 308 -10.82 -30.80 -5.96
N LYS D 309 -12.03 -31.29 -5.74
CA LYS D 309 -12.90 -31.76 -6.80
C LYS D 309 -14.07 -30.80 -6.97
N ALA D 310 -14.26 -30.33 -8.20
CA ALA D 310 -15.35 -29.40 -8.48
C ALA D 310 -16.67 -30.13 -8.65
N LEU D 311 -17.76 -29.40 -8.39
CA LEU D 311 -19.09 -29.96 -8.50
C LEU D 311 -19.41 -30.26 -9.97
N ASP D 312 -19.93 -31.47 -10.23
CA ASP D 312 -20.33 -31.86 -11.57
C ASP D 312 -21.68 -31.22 -11.86
N LEU D 313 -21.67 -30.13 -12.63
CA LEU D 313 -22.90 -29.40 -12.91
C LEU D 313 -23.84 -30.17 -13.83
N GLU D 314 -23.31 -31.10 -14.62
CA GLU D 314 -24.20 -31.96 -15.42
C GLU D 314 -24.95 -32.92 -14.52
N ARG D 315 -24.27 -33.53 -13.56
CA ARG D 315 -24.92 -34.40 -12.59
C ARG D 315 -25.99 -33.68 -11.80
N VAL D 316 -25.81 -32.38 -11.55
CA VAL D 316 -26.75 -31.63 -10.71
C VAL D 316 -28.17 -31.67 -11.28
N ARG D 317 -28.36 -31.21 -12.52
CA ARG D 317 -29.70 -31.22 -13.08
C ARG D 317 -30.02 -32.49 -13.88
N GLU D 318 -29.03 -33.38 -14.13
CA GLU D 318 -29.42 -34.73 -14.52
C GLU D 318 -30.30 -35.35 -13.44
N ALA D 319 -30.18 -34.83 -12.21
CA ALA D 319 -31.00 -35.23 -11.08
C ALA D 319 -32.23 -34.35 -10.92
N GLY D 320 -32.24 -33.18 -11.57
CA GLY D 320 -33.38 -32.29 -11.52
C GLY D 320 -33.28 -31.13 -10.54
N LEU D 321 -32.06 -30.71 -10.18
CA LEU D 321 -31.86 -29.63 -9.23
C LEU D 321 -31.15 -28.46 -9.91
N SER D 322 -31.09 -27.34 -9.20
CA SER D 322 -30.43 -26.14 -9.66
C SER D 322 -29.47 -25.66 -8.57
N VAL D 323 -28.54 -24.80 -8.96
CA VAL D 323 -27.45 -24.40 -8.07
C VAL D 323 -27.51 -22.90 -7.82
N SER D 324 -27.05 -22.51 -6.64
CA SER D 324 -26.70 -21.14 -6.33
C SER D 324 -25.22 -21.08 -6.04
N VAL D 325 -24.61 -19.93 -6.30
CA VAL D 325 -23.17 -19.77 -6.13
C VAL D 325 -22.97 -18.96 -4.85
N ALA D 326 -22.11 -19.47 -3.97
CA ALA D 326 -21.90 -18.86 -2.68
C ALA D 326 -20.42 -18.65 -2.47
N THR D 327 -20.14 -17.66 -1.65
CA THR D 327 -18.77 -17.22 -1.49
C THR D 327 -17.93 -18.03 -0.49
N ASP D 328 -18.57 -18.78 0.41
CA ASP D 328 -17.95 -19.43 1.57
C ASP D 328 -17.44 -18.39 2.57
N GLY D 329 -16.36 -18.73 3.31
CA GLY D 329 -15.75 -17.82 4.25
C GLY D 329 -14.29 -17.52 3.91
N LEU D 330 -13.73 -16.52 4.60
CA LEU D 330 -12.27 -16.35 4.48
C LEU D 330 -11.49 -17.39 5.24
N SER D 331 -12.16 -18.37 5.84
CA SER D 331 -11.48 -19.52 6.39
C SER D 331 -10.94 -20.42 5.28
N SER D 332 -11.50 -20.32 4.08
CA SER D 332 -11.15 -21.18 2.97
C SER D 332 -11.40 -20.46 1.64
N ASN D 333 -11.08 -19.18 1.62
CA ASN D 333 -11.20 -18.36 0.42
C ASN D 333 -10.32 -17.13 0.63
N ILE D 334 -10.11 -16.37 -0.44
CA ILE D 334 -9.24 -15.21 -0.37
C ILE D 334 -9.98 -13.90 -0.59
N SER D 335 -11.20 -13.95 -1.15
CA SER D 335 -11.97 -12.75 -1.34
C SER D 335 -13.43 -13.13 -1.34
N LEU D 336 -14.23 -12.38 -0.58
CA LEU D 336 -15.65 -12.73 -0.62
C LEU D 336 -16.44 -11.83 -1.55
N SER D 337 -15.77 -11.23 -2.53
CA SER D 337 -16.49 -10.54 -3.58
C SER D 337 -17.16 -11.58 -4.46
N LEU D 338 -18.49 -11.52 -4.53
CA LEU D 338 -19.24 -12.54 -5.26
C LEU D 338 -18.85 -12.58 -6.73
N LEU D 339 -18.39 -11.44 -7.26
CA LEU D 339 -17.93 -11.42 -8.64
C LEU D 339 -16.69 -12.27 -8.82
N ASP D 340 -15.77 -12.23 -7.86
CA ASP D 340 -14.56 -13.04 -7.95
C ASP D 340 -14.82 -14.53 -7.90
N GLU D 341 -15.85 -14.99 -7.16
CA GLU D 341 -16.23 -16.40 -7.23
C GLU D 341 -17.06 -16.73 -8.47
N LEU D 342 -17.68 -15.72 -9.09
CA LEU D 342 -18.39 -15.99 -10.32
C LEU D 342 -17.40 -16.29 -11.44
N ARG D 343 -16.32 -15.50 -11.52
CA ARG D 343 -15.27 -15.79 -12.50
C ARG D 343 -14.59 -17.12 -12.19
N ALA D 344 -14.31 -17.39 -10.91
CA ALA D 344 -13.75 -18.69 -10.56
C ALA D 344 -14.75 -19.81 -10.81
N PHE D 345 -16.05 -19.53 -10.68
CA PHE D 345 -17.06 -20.49 -11.08
C PHE D 345 -17.03 -20.75 -12.57
N LEU D 346 -16.69 -19.74 -13.37
CA LEU D 346 -16.58 -19.93 -14.81
C LEU D 346 -15.38 -20.80 -15.16
N LEU D 347 -14.26 -20.63 -14.44
CA LEU D 347 -13.05 -21.38 -14.71
C LEU D 347 -13.08 -22.82 -14.20
N SER D 348 -14.03 -23.16 -13.33
CA SER D 348 -13.98 -24.46 -12.66
C SER D 348 -14.73 -25.55 -13.40
N HIS D 349 -15.53 -25.22 -14.40
CA HIS D 349 -16.30 -26.21 -15.14
C HIS D 349 -16.04 -26.06 -16.63
N ASN D 350 -15.99 -27.18 -17.34
CA ASN D 350 -15.68 -27.19 -18.77
C ASN D 350 -16.92 -27.05 -19.65
N MET D 351 -18.06 -26.68 -19.06
CA MET D 351 -19.28 -26.54 -19.83
C MET D 351 -19.15 -25.39 -20.83
N PRO D 352 -19.82 -25.50 -22.00
CA PRO D 352 -19.90 -24.35 -22.91
C PRO D 352 -20.13 -23.03 -22.18
N LEU D 353 -19.18 -22.10 -22.35
CA LEU D 353 -19.07 -20.94 -21.48
C LEU D 353 -20.36 -20.11 -21.49
N LEU D 354 -20.94 -19.87 -22.67
CA LEU D 354 -22.07 -18.96 -22.74
C LEU D 354 -23.32 -19.55 -22.10
N GLU D 355 -23.46 -20.88 -22.12
CA GLU D 355 -24.54 -21.50 -21.36
C GLU D 355 -24.25 -21.44 -19.86
N LEU D 356 -23.00 -21.71 -19.47
CA LEU D 356 -22.64 -21.70 -18.05
C LEU D 356 -22.67 -20.29 -17.47
N ALA D 357 -22.47 -19.26 -18.30
CA ALA D 357 -22.55 -17.90 -17.82
C ALA D 357 -23.96 -17.53 -17.37
N LYS D 358 -24.98 -18.22 -17.90
CA LYS D 358 -26.34 -18.01 -17.40
C LYS D 358 -26.53 -18.69 -16.05
N ILE D 359 -25.89 -19.84 -15.84
CA ILE D 359 -25.99 -20.53 -14.55
C ILE D 359 -25.34 -19.71 -13.45
N ALA D 360 -24.28 -18.97 -13.76
CA ALA D 360 -23.63 -18.14 -12.74
C ALA D 360 -24.50 -16.95 -12.36
N LEU D 361 -24.98 -16.21 -13.36
CA LEU D 361 -25.82 -15.04 -13.09
C LEU D 361 -27.10 -15.43 -12.36
N LEU D 362 -27.74 -16.53 -12.78
CA LEU D 362 -28.95 -16.96 -12.13
C LEU D 362 -28.66 -17.60 -10.77
N GLY D 363 -27.51 -18.24 -10.62
CA GLY D 363 -27.12 -18.76 -9.33
C GLY D 363 -26.73 -17.69 -8.33
N ALA D 364 -26.47 -16.48 -8.79
CA ALA D 364 -26.17 -15.35 -7.92
C ALA D 364 -27.34 -14.40 -7.76
N THR D 365 -28.49 -14.73 -8.34
CA THR D 365 -29.65 -13.84 -8.31
C THR D 365 -30.92 -14.59 -7.94
N ARG D 366 -31.71 -14.96 -8.94
CA ARG D 366 -33.01 -15.59 -8.67
C ARG D 366 -32.88 -16.87 -7.87
N HIS D 367 -31.90 -17.71 -8.20
CA HIS D 367 -31.78 -18.98 -7.50
C HIS D 367 -31.31 -18.81 -6.05
N GLY D 368 -30.51 -17.76 -5.76
CA GLY D 368 -30.01 -17.58 -4.41
C GLY D 368 -30.97 -16.91 -3.47
N ALA D 369 -31.87 -16.08 -3.99
CA ALA D 369 -32.90 -15.48 -3.17
C ALA D 369 -34.06 -16.42 -2.95
N LYS D 370 -34.23 -17.39 -3.85
CA LYS D 370 -35.37 -18.27 -3.69
C LYS D 370 -35.05 -19.36 -2.67
N ALA D 371 -33.78 -19.72 -2.62
CA ALA D 371 -33.27 -20.63 -1.59
C ALA D 371 -33.36 -19.99 -0.24
N LEU D 372 -33.05 -18.69 -0.16
CA LEU D 372 -33.19 -17.94 1.08
C LEU D 372 -34.61 -17.47 1.31
N ALA D 373 -35.52 -17.80 0.40
CA ALA D 373 -36.94 -17.46 0.48
C ALA D 373 -37.14 -15.96 0.61
N LEU D 374 -36.45 -15.20 -0.22
CA LEU D 374 -36.56 -13.75 -0.25
C LEU D 374 -37.33 -13.29 -1.49
N ASN D 375 -37.73 -12.03 -1.46
CA ASN D 375 -38.55 -11.43 -2.52
C ASN D 375 -37.72 -10.56 -3.46
N ASN D 376 -36.57 -11.05 -3.89
CA ASN D 376 -35.69 -10.29 -4.77
C ASN D 376 -35.00 -11.26 -5.73
N GLY D 377 -33.90 -10.82 -6.33
CA GLY D 377 -33.20 -11.63 -7.30
C GLY D 377 -33.79 -11.64 -8.69
N GLU D 378 -34.70 -10.72 -8.99
CA GLU D 378 -35.38 -10.71 -10.29
C GLU D 378 -35.94 -9.32 -10.55
N ILE D 379 -35.82 -8.86 -11.80
CA ILE D 379 -36.45 -7.61 -12.19
C ILE D 379 -37.90 -7.91 -12.56
N GLU D 380 -38.79 -7.84 -11.57
CA GLU D 380 -40.19 -8.12 -11.79
C GLU D 380 -41.03 -7.23 -10.89
N THR D 381 -42.25 -6.93 -11.34
CA THR D 381 -43.17 -6.09 -10.57
C THR D 381 -43.56 -6.79 -9.28
N ASN D 382 -43.70 -5.98 -8.21
CA ASN D 382 -44.07 -6.38 -6.85
C ASN D 382 -42.92 -7.04 -6.10
N LYS D 383 -41.72 -7.08 -6.68
CA LYS D 383 -40.55 -7.61 -6.03
C LYS D 383 -39.76 -6.51 -5.35
N ARG D 384 -38.91 -6.91 -4.41
CA ARG D 384 -38.08 -5.94 -3.69
C ARG D 384 -37.21 -5.17 -4.66
N ALA D 385 -37.08 -3.86 -4.40
CA ALA D 385 -36.26 -2.98 -5.25
C ALA D 385 -34.79 -3.08 -4.87
N ASP D 386 -34.25 -4.28 -4.99
CA ASP D 386 -32.83 -4.54 -4.73
C ASP D 386 -32.12 -4.64 -6.09
N LEU D 387 -31.60 -3.52 -6.57
CA LEU D 387 -31.02 -3.42 -7.90
C LEU D 387 -29.60 -2.90 -7.80
N SER D 388 -28.76 -3.39 -8.72
CA SER D 388 -27.36 -2.99 -8.82
C SER D 388 -27.10 -2.42 -10.21
N VAL D 389 -26.31 -1.35 -10.27
CA VAL D 389 -25.90 -0.73 -11.53
C VAL D 389 -24.38 -0.78 -11.59
N PHE D 390 -23.86 -1.38 -12.66
CA PHE D 390 -22.42 -1.53 -12.88
C PHE D 390 -22.03 -0.79 -14.15
N GLY D 391 -21.06 0.12 -14.04
CA GLY D 391 -20.65 0.97 -15.14
C GLY D 391 -19.40 0.47 -15.82
N PHE D 392 -19.42 0.48 -17.15
CA PHE D 392 -18.30 0.07 -17.99
C PHE D 392 -17.95 1.20 -18.95
N ASN D 393 -17.02 0.94 -19.88
CA ASN D 393 -16.58 1.95 -20.84
C ASN D 393 -17.06 1.69 -22.25
N GLU D 394 -17.48 0.47 -22.56
CA GLU D 394 -18.14 0.15 -23.79
C GLU D 394 -19.45 -0.50 -23.36
N LYS D 395 -20.33 -0.69 -24.33
CA LYS D 395 -21.51 -1.51 -24.13
C LYS D 395 -21.56 -2.74 -25.04
N PHE D 396 -21.57 -3.92 -24.41
CA PHE D 396 -21.46 -5.25 -25.01
C PHE D 396 -22.69 -5.59 -25.88
N THR D 397 -22.47 -6.48 -26.82
CA THR D 397 -23.58 -6.99 -27.60
C THR D 397 -24.48 -7.82 -26.67
N LYS D 398 -25.81 -7.71 -26.89
CA LYS D 398 -26.75 -8.40 -26.02
C LYS D 398 -26.52 -9.92 -26.04
N GLU D 399 -25.95 -10.47 -27.14
CA GLU D 399 -25.62 -11.89 -27.10
C GLU D 399 -24.43 -12.21 -26.21
N GLN D 400 -23.58 -11.23 -25.96
CA GLN D 400 -22.39 -11.40 -25.14
C GLN D 400 -22.51 -10.68 -23.81
N ALA D 401 -23.60 -9.96 -23.60
CA ALA D 401 -23.74 -9.06 -22.45
C ALA D 401 -23.48 -9.77 -21.12
N ILE D 402 -24.12 -10.92 -20.92
CA ILE D 402 -24.04 -11.61 -19.63
C ILE D 402 -22.61 -11.99 -19.31
N LEU D 403 -21.86 -12.45 -20.31
CA LEU D 403 -20.50 -12.91 -20.05
C LEU D 403 -19.52 -11.74 -19.93
N GLN D 404 -19.69 -10.70 -20.74
CA GLN D 404 -18.81 -9.54 -20.64
C GLN D 404 -19.01 -8.82 -19.31
N PHE D 405 -20.21 -8.91 -18.73
CA PHE D 405 -20.44 -8.35 -17.41
C PHE D 405 -19.67 -9.12 -16.35
N LEU D 406 -19.65 -10.45 -16.44
CA LEU D 406 -19.04 -11.27 -15.39
C LEU D 406 -17.52 -11.12 -15.31
N LEU D 407 -16.84 -10.84 -16.42
CA LEU D 407 -15.38 -10.76 -16.41
C LEU D 407 -14.87 -9.43 -15.86
N HIS D 408 -15.59 -8.35 -16.12
CA HIS D 408 -15.28 -6.93 -15.95
C HIS D 408 -16.04 -6.16 -14.90
N ALA D 409 -17.17 -6.65 -14.43
CA ALA D 409 -17.81 -5.97 -13.31
C ALA D 409 -16.96 -6.25 -12.08
N LYS D 410 -16.50 -5.21 -11.37
CA LYS D 410 -15.51 -5.49 -10.34
C LYS D 410 -16.16 -4.90 -9.10
N GLU D 411 -16.33 -3.57 -9.20
CA GLU D 411 -16.98 -2.69 -8.24
C GLU D 411 -18.32 -2.19 -8.80
N VAL D 412 -19.12 -1.58 -7.91
CA VAL D 412 -20.50 -1.20 -8.20
C VAL D 412 -20.62 0.33 -8.29
N GLU D 413 -21.35 0.78 -9.31
CA GLU D 413 -21.61 2.19 -9.53
C GLU D 413 -22.77 2.69 -8.69
N ARG D 414 -23.87 1.94 -8.67
CA ARG D 414 -25.07 2.28 -7.90
C ARG D 414 -25.60 1.01 -7.25
N LEU D 415 -26.05 1.13 -6.01
CA LEU D 415 -26.69 0.02 -5.29
C LEU D 415 -27.94 0.53 -4.59
N PHE D 416 -29.09 -0.04 -4.94
CA PHE D 416 -30.37 0.32 -4.35
C PHE D 416 -30.91 -0.89 -3.60
N LEU D 417 -31.19 -0.71 -2.31
CA LEU D 417 -31.74 -1.77 -1.47
C LEU D 417 -33.06 -1.31 -0.86
N GLY D 418 -34.13 -2.02 -1.16
CA GLY D 418 -35.44 -1.60 -0.73
C GLY D 418 -35.91 -0.31 -1.36
N GLY D 419 -35.35 0.04 -2.52
CA GLY D 419 -35.62 1.31 -3.15
C GLY D 419 -34.85 2.47 -2.58
N LYS D 420 -33.99 2.24 -1.59
CA LYS D 420 -33.16 3.27 -0.99
C LYS D 420 -31.75 3.11 -1.52
N ARG D 421 -31.11 4.22 -1.83
CA ARG D 421 -29.76 4.18 -2.41
C ARG D 421 -28.75 4.03 -1.29
N VAL D 422 -27.91 2.99 -1.39
CA VAL D 422 -26.89 2.69 -0.39
C VAL D 422 -25.54 3.12 -0.93
N ILE D 423 -25.14 2.56 -2.07
CA ILE D 423 -23.90 2.95 -2.71
C ILE D 423 -24.20 3.78 -3.95
FE FE E . 24.24 21.64 -0.77
C1 EDO F . 38.68 38.73 20.10
O1 EDO F . 37.53 37.88 20.16
C2 EDO F . 38.69 39.45 18.75
O2 EDO F . 38.34 38.54 17.71
C1 EDO G . 23.40 39.37 9.30
O1 EDO G . 24.33 39.01 8.29
C2 EDO G . 22.19 38.44 9.21
O2 EDO G . 22.59 37.08 9.41
C1 EDO H . 19.74 34.57 -17.98
O1 EDO H . 20.57 35.29 -17.07
C2 EDO H . 20.22 33.12 -18.09
O2 EDO H . 21.64 33.11 -18.33
FE FE I . -5.18 16.87 25.73
C1 EDO J . -12.88 19.51 23.40
O1 EDO J . -12.80 18.14 23.86
C2 EDO J . -11.51 20.15 23.55
O2 EDO J . -10.53 19.39 22.84
C1 EDO K . -10.99 7.95 14.74
O1 EDO K . -12.33 7.46 14.92
C2 EDO K . -10.72 8.15 13.25
O2 EDO K . -9.54 8.94 13.08
FE FE L . -1.15 -15.19 -28.73
#